data_7SCO
#
_entry.id   7SCO
#
loop_
_entity.id
_entity.type
_entity.pdbx_description
1 polymer 'Hemagglutinin HA1 chain'
2 polymer 'Hemagglutinin HA2 chain'
3 polymer '310-39G10 Fab, Heavy Chain'
4 polymer '310-39G10 Fab, Light Chain'
5 branched 2-acetamido-2-deoxy-beta-D-glucopyranose-(1-4)-2-acetamido-2-deoxy-beta-D-glucopyranose
6 non-polymer 2-acetamido-2-deoxy-beta-D-glucopyranose
#
loop_
_entity_poly.entity_id
_entity_poly.type
_entity_poly.pdbx_seq_one_letter_code
_entity_poly.pdbx_strand_id
1 'polypeptide(L)'
;DTICIGYHANNSTDTVDTVLEKNVTVTHSVNLLEDSHNGKLCLLKGIAPLQLGNCSVAGWILGNPECELLISKESWSYIV
ETPNPENGTCYPGYFADYEELREQLSSVSSFERFEIFPKESSWPNHTVTGVSASCSHNGKSSFYRNLLWLTGKNGLYPNL
SKSYVNNKEKEVLVLWGVHHPPNIGNQRALYHTENAYVSVVSSHYSRRFTPEIAKRPKVRDQEGRINYYWTLLEPGDTII
FEANGNLIAPWYAFALSRGFGSGIITSNAPMDECDAKCQTPQGAINSSLPFQNVHPVTIGECPKYVRSAKLRMVTGLRNI
PS
;
A,C,G
2 'polypeptide(L)'
;RETRGLFGAIAGFIEGGWTGMVDGWYGYHHQNEQGSGYAADQKSTQNAINGITNKVNSVIEKMNTQFTAVGKEFNKLERR
MENLNKKVDDGFLDIWTYNAELLVLLENERTLDFHDSNVKNLYEKVKSQLKNNAKEIGNGCFEFYHKCNNECMESVKNGT
YDYPKYSEESKLNREKIDGVKYIPEAPRDGQAYVRKDGEWVLLSTFLGSGLNDIFEAQKIEWHEGHHHHHH
;
B,D,I
3 'polypeptide(L)'
;QVQLVQSGAEVKKPGSSVKVSCKASGGTFSRYTISWVRQAPGQGLEWMGRISPIAGLENYAQKFQGRVTITADISTSTAY
MELSSLRSDDTAVYYCAGSSGYYQPPPYWGQGTLVTVSS
;
H,E,J
4 'polypeptide(L)'
;EIVLTQAPFSLSLSPGERATLSCRASQSVSSSSLAWYHQKPGQAPRLLIYGASSRATGIPDRFSGSGSGTDFTLTISRLE
PEDFSLYYCQQYGSSPLTFGQGTRLEIK
;
L,F,K
#
# COMPACT_ATOMS: atom_id res chain seq x y z
N ASP A 1 -43.05 -22.67 -21.66
CA ASP A 1 -43.47 -23.36 -20.45
C ASP A 1 -42.39 -23.25 -19.35
N THR A 2 -41.09 -23.50 -19.67
CA THR A 2 -39.98 -23.40 -18.69
C THR A 2 -38.93 -22.35 -19.01
N ILE A 3 -38.61 -21.57 -17.98
CA ILE A 3 -37.53 -20.58 -18.03
C ILE A 3 -36.50 -20.91 -16.98
N CYS A 4 -35.21 -21.04 -17.35
CA CYS A 4 -34.13 -21.33 -16.42
C CYS A 4 -33.08 -20.24 -16.50
N ILE A 5 -32.57 -19.87 -15.34
CA ILE A 5 -31.56 -18.84 -15.27
C ILE A 5 -30.25 -19.47 -14.92
N GLY A 6 -29.26 -19.17 -15.72
CA GLY A 6 -27.94 -19.73 -15.54
C GLY A 6 -26.85 -18.75 -15.87
N TYR A 7 -25.70 -19.31 -16.06
CA TYR A 7 -24.52 -18.55 -16.36
C TYR A 7 -23.59 -19.37 -17.22
N HIS A 8 -22.65 -18.70 -17.84
CA HIS A 8 -21.66 -19.28 -18.74
C HIS A 8 -20.70 -20.31 -18.14
N ALA A 9 -20.44 -21.37 -18.89
CA ALA A 9 -19.43 -22.37 -18.55
C ALA A 9 -18.77 -22.77 -19.84
N ASN A 10 -17.51 -23.18 -19.79
CA ASN A 10 -16.78 -23.52 -20.99
C ASN A 10 -15.68 -24.56 -20.70
N ASN A 11 -14.71 -24.76 -21.62
CA ASN A 11 -13.63 -25.77 -21.53
C ASN A 11 -12.30 -25.23 -20.94
N SER A 12 -12.26 -24.00 -20.38
CA SER A 12 -11.05 -23.39 -19.77
C SER A 12 -10.57 -24.07 -18.50
N THR A 13 -9.25 -24.21 -18.38
CA THR A 13 -8.61 -24.80 -17.23
C THR A 13 -7.73 -23.82 -16.49
N ASP A 14 -7.85 -22.54 -16.82
CA ASP A 14 -7.05 -21.53 -16.11
C ASP A 14 -7.57 -21.40 -14.69
N THR A 15 -6.69 -21.14 -13.73
CA THR A 15 -7.17 -20.94 -12.37
C THR A 15 -6.70 -19.65 -11.73
N VAL A 16 -7.43 -19.27 -10.68
CA VAL A 16 -7.09 -18.10 -9.88
C VAL A 16 -7.11 -18.43 -8.40
N ASP A 17 -6.50 -17.57 -7.61
CA ASP A 17 -6.60 -17.68 -6.17
C ASP A 17 -7.42 -16.52 -5.63
N THR A 18 -8.07 -16.72 -4.48
CA THR A 18 -8.80 -15.65 -3.80
C THR A 18 -8.35 -15.71 -2.35
N VAL A 19 -8.87 -14.83 -1.51
CA VAL A 19 -8.50 -14.90 -0.11
C VAL A 19 -9.14 -16.08 0.63
N LEU A 20 -10.30 -16.57 0.20
CA LEU A 20 -10.93 -17.70 0.89
C LEU A 20 -10.62 -19.07 0.29
N GLU A 21 -10.29 -19.14 -0.98
CA GLU A 21 -10.07 -20.41 -1.65
C GLU A 21 -8.94 -20.35 -2.65
N LYS A 22 -8.34 -21.51 -2.96
CA LYS A 22 -7.23 -21.58 -3.90
C LYS A 22 -7.54 -22.50 -5.08
N ASN A 23 -6.83 -22.30 -6.23
CA ASN A 23 -6.92 -23.11 -7.46
C ASN A 23 -8.37 -23.22 -8.01
N VAL A 24 -9.07 -22.07 -8.12
CA VAL A 24 -10.44 -21.96 -8.61
C VAL A 24 -10.41 -21.90 -10.11
N THR A 25 -11.14 -22.77 -10.80
CA THR A 25 -11.10 -22.73 -12.25
C THR A 25 -12.05 -21.62 -12.69
N VAL A 26 -11.58 -20.77 -13.60
CA VAL A 26 -12.29 -19.58 -14.07
C VAL A 26 -12.48 -19.55 -15.59
N THR A 27 -13.67 -19.10 -16.03
CA THR A 27 -14.02 -19.09 -17.45
C THR A 27 -13.17 -18.18 -18.30
N HIS A 28 -12.67 -17.09 -17.74
CA HIS A 28 -11.80 -16.14 -18.43
C HIS A 28 -11.07 -15.30 -17.38
N SER A 29 -9.80 -15.05 -17.61
CA SER A 29 -9.05 -14.22 -16.70
C SER A 29 -8.01 -13.42 -17.43
N VAL A 30 -7.56 -12.37 -16.78
CA VAL A 30 -6.56 -11.47 -17.31
C VAL A 30 -5.28 -11.47 -16.54
N ASN A 31 -4.21 -11.76 -17.23
CA ASN A 31 -2.94 -11.77 -16.56
C ASN A 31 -2.41 -10.36 -16.54
N LEU A 32 -2.32 -9.76 -15.36
CA LEU A 32 -1.90 -8.39 -15.23
C LEU A 32 -0.40 -8.29 -15.08
N LEU A 33 0.26 -9.43 -15.02
CA LEU A 33 1.69 -9.48 -14.85
C LEU A 33 2.35 -9.96 -16.14
N GLU A 34 3.12 -9.09 -16.76
CA GLU A 34 3.79 -9.42 -18.00
C GLU A 34 5.06 -10.21 -17.78
N ASP A 35 5.18 -11.37 -18.42
CA ASP A 35 6.38 -12.17 -18.29
C ASP A 35 7.13 -12.46 -19.58
N SER A 36 6.75 -11.84 -20.71
CA SER A 36 7.49 -12.09 -21.93
C SER A 36 8.33 -10.91 -22.31
N HIS A 37 9.22 -11.13 -23.26
CA HIS A 37 10.05 -10.07 -23.82
C HIS A 37 10.54 -10.55 -25.17
N ASN A 38 11.16 -9.67 -25.92
CA ASN A 38 11.62 -10.01 -27.24
C ASN A 38 12.95 -10.77 -27.34
N GLY A 39 13.72 -10.87 -26.27
CA GLY A 39 15.02 -11.56 -26.33
C GLY A 39 16.13 -10.74 -27.00
N LYS A 40 15.81 -9.50 -27.34
CA LYS A 40 16.70 -8.60 -28.04
C LYS A 40 16.53 -7.16 -27.60
N LEU A 41 17.56 -6.36 -27.82
CA LEU A 41 17.60 -4.94 -27.49
C LEU A 41 16.78 -4.26 -28.58
N CYS A 42 16.15 -3.09 -28.30
CA CYS A 42 15.31 -2.40 -29.28
C CYS A 42 15.35 -0.88 -29.13
N LEU A 43 14.55 -0.21 -29.97
CA LEU A 43 14.42 1.22 -30.10
C LEU A 43 13.42 1.75 -29.10
N LEU A 44 13.93 2.55 -28.17
CA LEU A 44 13.11 3.05 -27.09
C LEU A 44 12.45 4.30 -27.54
N LYS A 45 11.14 4.25 -27.65
CA LYS A 45 10.35 5.34 -28.21
C LYS A 45 10.86 5.64 -29.63
N GLY A 46 11.27 4.59 -30.36
CA GLY A 46 11.76 4.74 -31.73
C GLY A 46 13.25 5.11 -31.85
N ILE A 47 13.94 5.33 -30.73
CA ILE A 47 15.34 5.72 -30.78
C ILE A 47 16.31 4.62 -30.33
N ALA A 48 17.28 4.36 -31.18
CA ALA A 48 18.29 3.35 -30.92
C ALA A 48 19.19 3.74 -29.74
N PRO A 49 19.71 2.78 -29.00
CA PRO A 49 20.70 2.93 -27.97
C PRO A 49 22.05 3.09 -28.53
N LEU A 50 22.95 3.51 -27.70
CA LEU A 50 24.33 3.48 -28.07
C LEU A 50 24.86 2.12 -27.65
N GLN A 51 25.32 1.34 -28.59
CA GLN A 51 25.80 0.01 -28.24
C GLN A 51 27.28 -0.01 -28.18
N LEU A 52 27.82 -0.22 -26.99
CA LEU A 52 29.26 -0.18 -26.84
C LEU A 52 29.88 -1.56 -27.05
N GLY A 53 29.09 -2.62 -26.92
CA GLY A 53 29.66 -3.94 -27.12
C GLY A 53 30.76 -4.23 -26.10
N ASN A 54 31.98 -4.54 -26.59
CA ASN A 54 33.17 -4.87 -25.79
C ASN A 54 33.66 -3.71 -24.91
N CYS A 55 33.29 -2.45 -25.25
CA CYS A 55 33.70 -1.25 -24.56
C CYS A 55 32.82 -0.92 -23.36
N SER A 56 33.45 -0.28 -22.40
CA SER A 56 32.79 0.26 -21.22
C SER A 56 32.49 1.71 -21.48
N VAL A 57 31.73 2.38 -20.60
CA VAL A 57 31.51 3.80 -20.82
C VAL A 57 32.84 4.53 -20.80
N ALA A 58 33.73 4.22 -19.86
CA ALA A 58 35.02 4.90 -19.86
C ALA A 58 35.75 4.67 -21.16
N GLY A 59 35.65 3.49 -21.74
CA GLY A 59 36.31 3.20 -23.00
C GLY A 59 35.84 4.15 -24.06
N TRP A 60 34.53 4.24 -24.23
CA TRP A 60 33.95 5.12 -25.21
C TRP A 60 34.24 6.60 -25.01
N ILE A 61 34.09 7.09 -23.80
CA ILE A 61 34.34 8.48 -23.47
C ILE A 61 35.80 8.86 -23.59
N LEU A 62 36.69 8.01 -23.14
CA LEU A 62 38.10 8.31 -23.24
C LEU A 62 38.56 8.10 -24.69
N GLY A 63 37.89 7.22 -25.42
CA GLY A 63 38.26 6.96 -26.80
C GLY A 63 39.28 5.84 -26.92
N ASN A 64 39.06 4.75 -26.21
CA ASN A 64 39.94 3.59 -26.25
C ASN A 64 40.17 3.25 -27.69
N PRO A 65 41.38 2.89 -28.11
CA PRO A 65 41.69 2.54 -29.46
C PRO A 65 40.74 1.52 -30.08
N GLU A 66 40.18 0.64 -29.27
CA GLU A 66 39.26 -0.39 -29.76
C GLU A 66 37.75 0.00 -29.83
N CYS A 67 37.40 1.25 -29.47
CA CYS A 67 36.06 1.82 -29.39
C CYS A 67 35.88 2.76 -30.60
N GLU A 68 36.63 2.52 -31.65
CA GLU A 68 36.63 3.36 -32.85
C GLU A 68 35.27 3.47 -33.50
N LEU A 69 34.52 2.38 -33.50
CA LEU A 69 33.27 2.35 -34.20
C LEU A 69 32.16 2.93 -33.36
N LEU A 70 32.48 3.32 -32.14
CA LEU A 70 31.50 3.85 -31.24
C LEU A 70 31.51 5.35 -31.19
N ILE A 71 32.38 6.00 -31.97
CA ILE A 71 32.46 7.45 -31.86
C ILE A 71 31.83 8.19 -33.03
N SER A 72 30.99 7.49 -33.78
CA SER A 72 30.24 8.08 -34.89
C SER A 72 28.79 8.45 -34.56
N LYS A 73 28.22 7.87 -33.49
CA LYS A 73 26.82 8.13 -33.15
C LYS A 73 26.66 9.37 -32.27
N GLU A 74 25.79 10.31 -32.69
CA GLU A 74 25.58 11.57 -31.97
C GLU A 74 24.38 11.68 -31.03
N SER A 75 23.52 10.69 -30.95
CA SER A 75 22.39 10.78 -30.01
C SER A 75 21.95 9.41 -29.62
N TRP A 76 21.36 9.25 -28.43
CA TRP A 76 20.87 7.94 -28.03
C TRP A 76 19.78 7.96 -27.00
N SER A 77 19.05 6.86 -26.95
CA SER A 77 18.03 6.69 -25.93
C SER A 77 18.49 6.09 -24.61
N TYR A 78 19.55 5.31 -24.64
CA TYR A 78 20.16 4.63 -23.48
C TYR A 78 21.54 4.12 -23.90
N ILE A 79 22.36 3.68 -22.94
CA ILE A 79 23.68 3.12 -23.27
C ILE A 79 23.78 1.65 -22.90
N VAL A 80 24.24 0.81 -23.83
CA VAL A 80 24.35 -0.62 -23.58
C VAL A 80 25.80 -1.09 -23.56
N GLU A 81 26.18 -1.72 -22.48
CA GLU A 81 27.51 -2.33 -22.33
C GLU A 81 27.33 -3.84 -22.34
N THR A 82 28.32 -4.61 -22.79
CA THR A 82 28.25 -6.06 -22.67
C THR A 82 28.28 -6.35 -21.15
N PRO A 83 27.85 -7.52 -20.61
CA PRO A 83 27.81 -7.84 -19.19
C PRO A 83 29.10 -7.63 -18.43
N ASN A 84 30.24 -7.80 -19.09
CA ASN A 84 31.52 -7.60 -18.44
C ASN A 84 32.48 -6.98 -19.43
N PRO A 85 32.46 -5.65 -19.61
CA PRO A 85 33.23 -4.92 -20.59
C PRO A 85 34.70 -5.16 -20.44
N GLU A 86 35.36 -5.26 -21.58
CA GLU A 86 36.80 -5.49 -21.60
C GLU A 86 37.68 -4.28 -21.99
N ASN A 87 37.15 -3.36 -22.85
CA ASN A 87 37.89 -2.20 -23.37
C ASN A 87 37.40 -0.90 -22.69
N GLY A 88 38.14 -0.47 -21.66
CA GLY A 88 37.84 0.66 -20.79
C GLY A 88 39.08 1.48 -20.60
N THR A 89 39.52 1.50 -19.37
CA THR A 89 40.75 2.15 -19.13
C THR A 89 41.82 1.18 -19.67
N CYS A 90 42.69 1.66 -20.61
CA CYS A 90 43.76 0.86 -21.23
C CYS A 90 45.09 1.23 -20.61
N TYR A 91 45.09 2.31 -19.87
CA TYR A 91 46.24 2.77 -19.15
C TYR A 91 45.65 2.94 -17.76
N PRO A 92 45.87 2.00 -16.85
CA PRO A 92 45.13 1.84 -15.61
C PRO A 92 45.26 3.04 -14.72
N GLY A 93 44.23 3.30 -13.93
CA GLY A 93 44.19 4.40 -13.00
C GLY A 93 42.81 4.58 -12.46
N TYR A 94 42.65 5.56 -11.59
CA TYR A 94 41.37 5.84 -10.98
C TYR A 94 40.57 6.82 -11.81
N PHE A 95 39.32 6.50 -12.08
CA PHE A 95 38.49 7.41 -12.83
C PHE A 95 37.62 8.10 -11.80
N ALA A 96 37.86 9.38 -11.58
CA ALA A 96 37.15 10.09 -10.55
C ALA A 96 35.70 10.26 -10.87
N ASP A 97 34.86 10.07 -9.88
CA ASP A 97 33.44 10.28 -10.03
C ASP A 97 32.91 9.58 -11.26
N TYR A 98 33.36 8.36 -11.49
CA TYR A 98 32.96 7.60 -12.65
C TYR A 98 31.50 7.30 -12.61
N GLU A 99 31.04 6.91 -11.44
CA GLU A 99 29.66 6.59 -11.24
C GLU A 99 28.77 7.81 -11.47
N GLU A 100 29.27 9.01 -11.17
CA GLU A 100 28.48 10.21 -11.41
C GLU A 100 28.46 10.52 -12.90
N LEU A 101 29.58 10.32 -13.59
CA LEU A 101 29.62 10.64 -15.01
C LEU A 101 28.66 9.79 -15.79
N ARG A 102 28.55 8.54 -15.41
CA ARG A 102 27.67 7.61 -16.08
C ARG A 102 26.21 7.93 -15.85
N GLU A 103 25.91 8.72 -14.82
CA GLU A 103 24.54 9.09 -14.55
C GLU A 103 24.23 10.23 -15.52
N GLN A 104 25.18 11.14 -15.65
CA GLN A 104 25.02 12.33 -16.49
C GLN A 104 24.89 12.02 -17.98
N LEU A 105 25.59 10.98 -18.42
CA LEU A 105 25.56 10.54 -19.81
C LEU A 105 24.47 9.53 -20.09
N SER A 106 23.66 9.23 -19.10
CA SER A 106 22.69 8.18 -19.25
C SER A 106 21.65 8.48 -20.33
N SER A 107 21.45 9.76 -20.68
CA SER A 107 20.53 10.17 -21.74
C SER A 107 21.00 11.44 -22.41
N VAL A 108 21.38 11.36 -23.66
CA VAL A 108 21.86 12.54 -24.35
C VAL A 108 21.11 12.72 -25.67
N SER A 109 20.49 13.89 -25.84
CA SER A 109 19.73 14.21 -27.05
C SER A 109 20.67 14.59 -28.18
N SER A 110 21.80 15.18 -27.81
CA SER A 110 22.85 15.57 -28.75
C SER A 110 24.21 15.45 -28.10
N PHE A 111 25.10 14.74 -28.77
CA PHE A 111 26.44 14.50 -28.29
C PHE A 111 27.45 14.84 -29.37
N GLU A 112 27.84 16.08 -29.47
CA GLU A 112 28.73 16.44 -30.55
C GLU A 112 30.15 16.24 -30.10
N ARG A 113 30.91 15.42 -30.80
CA ARG A 113 32.29 15.24 -30.40
C ARG A 113 33.07 16.23 -31.22
N PHE A 114 33.59 17.24 -30.57
CA PHE A 114 34.27 18.27 -31.33
C PHE A 114 35.66 18.37 -30.86
N GLU A 115 36.54 18.88 -31.69
CA GLU A 115 37.90 18.98 -31.23
C GLU A 115 37.97 20.29 -30.47
N ILE A 116 38.24 20.19 -29.19
CA ILE A 116 38.25 21.34 -28.29
C ILE A 116 39.55 22.10 -28.37
N PHE A 117 40.63 21.38 -28.49
CA PHE A 117 41.94 21.98 -28.60
C PHE A 117 42.69 21.36 -29.77
N PRO A 118 42.52 21.87 -31.00
CA PRO A 118 43.05 21.26 -32.19
C PRO A 118 44.49 20.92 -31.97
N LYS A 119 44.85 19.70 -32.27
CA LYS A 119 46.19 19.24 -31.95
C LYS A 119 47.35 20.04 -32.51
N GLU A 120 47.30 20.34 -33.79
CA GLU A 120 48.42 20.99 -34.44
C GLU A 120 48.62 22.44 -34.02
N SER A 121 47.54 23.19 -33.90
CA SER A 121 47.67 24.59 -33.55
C SER A 121 47.69 24.85 -32.05
N SER A 122 47.15 23.94 -31.24
CA SER A 122 47.11 24.18 -29.82
C SER A 122 48.40 23.92 -29.10
N TRP A 123 49.19 22.95 -29.54
CA TRP A 123 50.38 22.70 -28.76
C TRP A 123 51.69 22.60 -29.52
N PRO A 124 52.09 23.64 -30.26
CA PRO A 124 53.30 23.68 -31.06
C PRO A 124 54.66 23.70 -30.30
N ASN A 125 54.64 24.02 -28.98
CA ASN A 125 55.83 24.19 -28.16
C ASN A 125 56.22 22.94 -27.34
N HIS A 126 55.54 21.78 -27.52
CA HIS A 126 55.85 20.52 -26.80
C HIS A 126 55.39 19.30 -27.57
N THR A 127 55.64 18.13 -27.04
CA THR A 127 55.35 16.89 -27.72
C THR A 127 53.92 16.44 -27.53
N VAL A 128 53.29 16.11 -28.65
CA VAL A 128 51.91 15.66 -28.71
C VAL A 128 51.83 14.25 -29.22
N THR A 129 52.92 13.55 -29.07
CA THR A 129 53.06 12.17 -29.46
C THR A 129 53.39 11.41 -28.19
N GLY A 130 53.50 10.11 -28.30
CA GLY A 130 53.75 9.25 -27.16
C GLY A 130 52.57 8.33 -26.99
N VAL A 131 52.90 7.05 -26.93
CA VAL A 131 51.96 5.96 -26.83
C VAL A 131 52.31 4.94 -25.78
N SER A 132 51.37 4.08 -25.44
CA SER A 132 51.63 2.99 -24.51
C SER A 132 51.30 1.64 -25.10
N ALA A 133 52.13 0.66 -24.78
CA ALA A 133 51.93 -0.71 -25.21
C ALA A 133 50.60 -1.24 -24.68
N SER A 134 50.22 -0.75 -23.50
CA SER A 134 49.00 -1.22 -22.86
C SER A 134 47.70 -0.85 -23.58
N CYS A 135 47.75 0.13 -24.52
CA CYS A 135 46.66 0.65 -25.33
C CYS A 135 46.93 0.21 -26.78
N SER A 136 47.80 -0.77 -26.97
CA SER A 136 48.14 -1.20 -28.31
C SER A 136 46.94 -1.61 -29.13
N HIS A 137 46.95 -1.15 -30.39
CA HIS A 137 45.89 -1.36 -31.37
C HIS A 137 46.47 -1.97 -32.62
N ASN A 138 46.04 -3.18 -32.96
CA ASN A 138 46.54 -3.89 -34.12
C ASN A 138 48.04 -4.11 -34.05
N GLY A 139 48.56 -4.33 -32.86
CA GLY A 139 49.98 -4.59 -32.66
C GLY A 139 50.82 -3.34 -32.46
N LYS A 140 50.25 -2.16 -32.62
CA LYS A 140 51.06 -0.96 -32.45
C LYS A 140 50.71 -0.22 -31.18
N SER A 141 51.71 0.25 -30.46
CA SER A 141 51.44 0.99 -29.24
C SER A 141 50.58 2.18 -29.61
N SER A 142 49.62 2.52 -28.75
CA SER A 142 48.73 3.62 -29.07
C SER A 142 48.21 4.33 -27.82
N PHE A 143 47.17 5.14 -27.98
CA PHE A 143 46.60 5.87 -26.87
C PHE A 143 45.19 6.24 -27.20
N TYR A 144 44.54 6.90 -26.28
CA TYR A 144 43.18 7.33 -26.42
C TYR A 144 42.99 8.36 -27.50
N ARG A 145 41.85 8.32 -28.16
CA ARG A 145 41.50 9.28 -29.19
C ARG A 145 40.97 10.60 -28.69
N ASN A 146 40.36 10.66 -27.50
CA ASN A 146 39.79 11.94 -27.09
C ASN A 146 40.71 12.73 -26.16
N LEU A 147 41.82 12.09 -25.79
CA LEU A 147 42.82 12.67 -24.90
C LEU A 147 44.18 12.68 -25.52
N LEU A 148 44.96 13.67 -25.23
CA LEU A 148 46.28 13.72 -25.81
C LEU A 148 47.34 13.67 -24.71
N TRP A 149 48.27 12.74 -24.82
CA TRP A 149 49.28 12.65 -23.79
C TRP A 149 50.32 13.70 -24.08
N LEU A 150 50.63 14.59 -23.15
CA LEU A 150 51.63 15.60 -23.45
C LEU A 150 52.92 15.33 -22.71
N THR A 151 54.02 15.44 -23.42
CA THR A 151 55.36 15.25 -22.87
C THR A 151 56.25 16.39 -23.34
N GLY A 152 57.46 16.50 -22.82
CA GLY A 152 58.31 17.60 -23.27
C GLY A 152 58.90 17.37 -24.66
N LYS A 153 59.44 18.46 -25.23
CA LYS A 153 60.10 18.47 -26.53
C LYS A 153 61.49 19.04 -26.38
N ASN A 154 62.48 18.28 -26.79
CA ASN A 154 63.87 18.72 -26.73
C ASN A 154 64.30 19.17 -25.34
N GLY A 155 63.82 18.49 -24.31
CA GLY A 155 64.22 18.84 -22.95
C GLY A 155 63.29 19.84 -22.26
N LEU A 156 62.32 20.40 -22.98
CA LEU A 156 61.45 21.35 -22.32
C LEU A 156 59.99 20.94 -22.20
N TYR A 157 59.43 21.27 -21.07
CA TYR A 157 58.01 21.13 -20.84
C TYR A 157 57.59 22.49 -20.31
N PRO A 158 57.10 23.39 -21.15
CA PRO A 158 56.80 24.75 -20.80
C PRO A 158 55.61 24.76 -19.91
N ASN A 159 55.43 25.81 -19.13
CA ASN A 159 54.21 25.90 -18.38
C ASN A 159 53.10 26.04 -19.39
N LEU A 160 52.05 25.27 -19.23
CA LEU A 160 50.98 25.33 -20.16
C LEU A 160 49.90 26.18 -19.61
N SER A 161 49.19 26.86 -20.50
CA SER A 161 48.02 27.63 -20.15
C SER A 161 47.02 27.66 -21.29
N LYS A 162 45.84 27.11 -21.06
CA LYS A 162 44.79 27.10 -22.07
C LYS A 162 43.47 27.51 -21.54
N SER A 163 42.68 28.15 -22.39
CA SER A 163 41.37 28.59 -21.99
C SER A 163 40.31 28.33 -23.02
N TYR A 164 39.29 27.58 -22.64
CA TYR A 164 38.21 27.30 -23.56
C TYR A 164 36.94 27.97 -23.14
N VAL A 165 36.35 28.71 -24.05
CA VAL A 165 35.12 29.41 -23.77
C VAL A 165 33.95 28.67 -24.34
N ASN A 166 32.95 28.42 -23.53
CA ASN A 166 31.86 27.66 -24.05
C ASN A 166 30.92 28.55 -24.80
N ASN A 167 31.14 28.58 -26.11
CA ASN A 167 30.39 29.42 -27.02
C ASN A 167 29.23 28.69 -27.66
N LYS A 168 28.92 27.51 -27.16
CA LYS A 168 27.81 26.76 -27.69
C LYS A 168 26.68 26.85 -26.69
N GLU A 169 25.43 26.72 -27.11
CA GLU A 169 24.36 26.69 -26.12
C GLU A 169 24.13 25.26 -25.65
N LYS A 170 25.19 24.70 -25.11
CA LYS A 170 25.29 23.32 -24.67
C LYS A 170 26.27 23.22 -23.53
N GLU A 171 26.16 22.18 -22.73
CA GLU A 171 27.14 21.98 -21.69
C GLU A 171 28.31 21.29 -22.33
N VAL A 172 29.51 21.59 -21.93
CA VAL A 172 30.60 20.86 -22.54
C VAL A 172 31.34 19.99 -21.57
N LEU A 173 31.40 18.71 -21.90
CA LEU A 173 32.08 17.77 -21.05
C LEU A 173 33.52 17.73 -21.41
N VAL A 174 34.33 18.09 -20.45
CA VAL A 174 35.74 18.18 -20.66
C VAL A 174 36.42 17.14 -19.83
N LEU A 175 37.22 16.33 -20.49
CA LEU A 175 37.94 15.26 -19.85
C LEU A 175 39.41 15.57 -19.81
N TRP A 176 40.09 15.13 -18.78
CA TRP A 176 41.53 15.27 -18.77
C TRP A 176 42.08 14.25 -17.83
N GLY A 177 43.38 14.09 -17.80
CA GLY A 177 43.92 13.20 -16.79
C GLY A 177 45.22 13.68 -16.23
N VAL A 178 45.71 12.95 -15.24
CA VAL A 178 46.99 13.26 -14.61
C VAL A 178 47.85 12.03 -14.59
N HIS A 179 49.07 12.19 -15.03
CA HIS A 179 49.99 11.07 -15.03
C HIS A 179 50.62 10.90 -13.66
N HIS A 180 50.67 9.65 -13.20
CA HIS A 180 51.24 9.22 -11.93
C HIS A 180 52.31 8.16 -12.15
N PRO A 181 53.54 8.56 -12.44
CA PRO A 181 54.66 7.70 -12.76
C PRO A 181 54.91 6.69 -11.65
N PRO A 182 55.45 5.51 -11.96
CA PRO A 182 55.83 4.49 -11.02
C PRO A 182 57.09 4.86 -10.26
N ASN A 183 57.83 5.80 -10.81
CA ASN A 183 59.08 6.19 -10.23
C ASN A 183 59.53 7.56 -10.70
N ILE A 184 60.66 7.99 -10.19
CA ILE A 184 61.23 9.29 -10.53
C ILE A 184 61.81 9.30 -11.92
N GLY A 185 62.49 8.23 -12.31
CA GLY A 185 63.09 8.22 -13.62
C GLY A 185 62.04 8.41 -14.71
N ASN A 186 60.87 7.81 -14.55
CA ASN A 186 59.82 7.97 -15.52
C ASN A 186 59.31 9.39 -15.55
N GLN A 187 59.13 10.00 -14.38
CA GLN A 187 58.62 11.35 -14.42
C GLN A 187 59.62 12.26 -15.08
N ARG A 188 60.92 12.08 -14.81
CA ARG A 188 61.96 12.94 -15.38
C ARG A 188 62.11 12.75 -16.87
N ALA A 189 61.90 11.53 -17.34
CA ALA A 189 62.00 11.23 -18.75
C ALA A 189 60.92 11.94 -19.55
N LEU A 190 59.73 12.08 -18.98
CA LEU A 190 58.64 12.69 -19.69
C LEU A 190 58.46 14.18 -19.43
N TYR A 191 58.70 14.60 -18.18
CA TYR A 191 58.49 15.95 -17.73
C TYR A 191 59.80 16.37 -17.13
N HIS A 192 60.13 17.64 -17.14
CA HIS A 192 61.46 17.94 -16.66
C HIS A 192 61.51 18.60 -15.29
N THR A 193 60.44 18.45 -14.53
CA THR A 193 60.38 18.98 -13.17
C THR A 193 59.79 17.91 -12.28
N GLU A 194 60.27 17.81 -11.06
CA GLU A 194 59.70 16.83 -10.15
C GLU A 194 58.48 17.36 -9.42
N ASN A 195 58.46 18.67 -9.19
CA ASN A 195 57.36 19.30 -8.47
C ASN A 195 56.28 19.70 -9.46
N ALA A 196 55.74 18.70 -10.10
CA ALA A 196 54.73 18.87 -11.11
C ALA A 196 53.37 18.99 -10.47
N TYR A 197 52.49 19.72 -11.12
CA TYR A 197 51.11 19.85 -10.72
C TYR A 197 50.31 20.22 -11.95
N VAL A 198 49.01 20.02 -11.87
CA VAL A 198 48.17 20.58 -12.90
C VAL A 198 47.09 21.32 -12.15
N SER A 199 46.42 22.24 -12.79
CA SER A 199 45.34 22.99 -12.16
C SER A 199 44.23 23.29 -13.10
N VAL A 200 43.01 23.01 -12.67
CA VAL A 200 41.89 23.28 -13.54
C VAL A 200 40.86 24.12 -12.83
N VAL A 201 40.50 25.26 -13.42
CA VAL A 201 39.49 26.09 -12.81
C VAL A 201 38.44 26.56 -13.79
N SER A 202 37.28 26.91 -13.29
CA SER A 202 36.21 27.49 -14.10
C SER A 202 35.48 28.42 -13.16
N SER A 203 34.45 29.13 -13.59
CA SER A 203 33.85 30.07 -12.67
C SER A 203 33.44 29.41 -11.36
N HIS A 204 32.94 28.16 -11.44
CA HIS A 204 32.48 27.45 -10.27
C HIS A 204 33.16 26.09 -10.07
N TYR A 205 34.44 25.99 -10.44
CA TYR A 205 35.20 24.75 -10.29
C TYR A 205 36.62 25.02 -9.95
N SER A 206 37.18 24.30 -9.01
CA SER A 206 38.59 24.47 -8.76
C SER A 206 39.23 23.26 -8.17
N ARG A 207 40.20 22.70 -8.86
CA ARG A 207 40.96 21.58 -8.36
C ARG A 207 42.42 21.75 -8.66
N ARG A 208 43.25 21.29 -7.75
CA ARG A 208 44.67 21.28 -8.01
C ARG A 208 45.10 19.86 -7.78
N PHE A 209 45.92 19.34 -8.68
CA PHE A 209 46.30 17.95 -8.57
C PHE A 209 47.79 17.83 -8.62
N THR A 210 48.33 16.83 -7.94
CA THR A 210 49.76 16.58 -8.02
C THR A 210 49.92 15.10 -8.31
N PRO A 211 51.03 14.63 -8.87
CA PRO A 211 51.32 13.24 -9.08
C PRO A 211 51.64 12.56 -7.77
N GLU A 212 51.30 11.29 -7.68
CA GLU A 212 51.70 10.46 -6.56
C GLU A 212 52.58 9.35 -7.09
N ILE A 213 53.88 9.53 -6.98
CA ILE A 213 54.81 8.56 -7.53
C ILE A 213 55.08 7.44 -6.58
N ALA A 214 54.84 6.23 -7.05
CA ALA A 214 55.02 5.05 -6.20
C ALA A 214 55.14 3.79 -7.00
N LYS A 215 55.83 2.80 -6.44
CA LYS A 215 55.79 1.50 -7.06
C LYS A 215 54.43 0.93 -6.81
N ARG A 216 53.82 0.38 -7.84
CA ARG A 216 52.51 -0.20 -7.72
C ARG A 216 52.53 -1.58 -8.32
N PRO A 217 51.64 -2.51 -7.94
CA PRO A 217 51.51 -3.80 -8.55
C PRO A 217 51.17 -3.57 -9.99
N LYS A 218 51.60 -4.45 -10.88
CA LYS A 218 51.24 -4.22 -12.27
C LYS A 218 49.81 -4.56 -12.58
N VAL A 219 49.26 -3.74 -13.44
CA VAL A 219 47.95 -3.93 -14.05
C VAL A 219 48.26 -3.88 -15.53
N ARG A 220 47.79 -4.88 -16.27
CA ARG A 220 48.21 -5.01 -17.66
C ARG A 220 49.71 -5.13 -17.52
N ASP A 221 50.52 -4.38 -18.26
CA ASP A 221 51.94 -4.47 -18.07
C ASP A 221 52.53 -3.20 -17.46
N GLN A 222 51.67 -2.34 -16.91
CA GLN A 222 52.12 -1.06 -16.39
C GLN A 222 52.31 -0.99 -14.90
N GLU A 223 53.32 -0.22 -14.49
CA GLU A 223 53.52 0.05 -13.07
C GLU A 223 52.94 1.41 -12.68
N GLY A 224 52.86 2.35 -13.62
CA GLY A 224 52.35 3.67 -13.27
C GLY A 224 50.85 3.73 -13.48
N ARG A 225 50.25 4.90 -13.26
CA ARG A 225 48.82 5.07 -13.45
C ARG A 225 48.45 6.42 -14.05
N ILE A 226 47.30 6.49 -14.70
CA ILE A 226 46.71 7.77 -15.12
C ILE A 226 45.34 7.96 -14.54
N ASN A 227 45.15 9.04 -13.81
CA ASN A 227 43.83 9.23 -13.26
C ASN A 227 43.03 10.07 -14.20
N TYR A 228 41.73 9.86 -14.20
CA TYR A 228 40.89 10.60 -15.11
C TYR A 228 39.94 11.49 -14.34
N TYR A 229 39.81 12.71 -14.81
CA TYR A 229 38.99 13.72 -14.18
C TYR A 229 38.11 14.39 -15.21
N TRP A 230 37.01 14.96 -14.76
CA TRP A 230 36.14 15.64 -15.69
C TRP A 230 35.30 16.71 -15.06
N THR A 231 34.77 17.60 -15.88
CA THR A 231 33.81 18.60 -15.43
C THR A 231 32.84 19.00 -16.53
N LEU A 232 31.66 19.47 -16.13
CA LEU A 232 30.72 19.99 -17.11
C LEU A 232 30.72 21.49 -17.11
N LEU A 233 31.06 22.06 -18.26
CA LEU A 233 31.16 23.48 -18.39
C LEU A 233 29.84 24.07 -18.89
N GLU A 234 29.26 24.98 -18.14
CA GLU A 234 27.97 25.55 -18.51
C GLU A 234 28.17 26.58 -19.64
N PRO A 235 27.16 26.84 -20.49
CA PRO A 235 27.23 27.81 -21.55
C PRO A 235 27.66 29.14 -21.02
N GLY A 236 28.60 29.77 -21.69
CA GLY A 236 29.11 31.07 -21.32
C GLY A 236 30.27 31.02 -20.32
N ASP A 237 30.55 29.86 -19.74
CA ASP A 237 31.62 29.77 -18.78
C ASP A 237 32.94 29.47 -19.50
N THR A 238 34.03 29.40 -18.75
CA THR A 238 35.36 29.14 -19.28
C THR A 238 36.17 28.16 -18.45
N ILE A 239 36.94 27.27 -19.07
CA ILE A 239 37.85 26.44 -18.27
C ILE A 239 39.27 26.82 -18.56
N ILE A 240 39.99 27.12 -17.50
CA ILE A 240 41.38 27.46 -17.61
C ILE A 240 42.22 26.30 -17.09
N PHE A 241 43.08 25.79 -17.94
CA PHE A 241 43.97 24.70 -17.60
C PHE A 241 45.37 25.19 -17.47
N GLU A 242 46.05 24.73 -16.44
CA GLU A 242 47.46 25.03 -16.27
C GLU A 242 48.24 23.79 -15.93
N ALA A 243 49.49 23.72 -16.34
CA ALA A 243 50.30 22.58 -15.93
C ALA A 243 51.78 22.84 -16.05
N ASN A 244 52.56 22.18 -15.21
CA ASN A 244 54.02 22.20 -15.43
C ASN A 244 54.51 20.79 -15.54
N GLY A 245 53.59 19.88 -15.81
CA GLY A 245 53.90 18.47 -15.98
C GLY A 245 52.71 17.58 -15.67
N ASN A 246 52.84 16.34 -16.14
CA ASN A 246 51.89 15.25 -16.00
C ASN A 246 50.51 15.51 -16.51
N LEU A 247 50.38 16.23 -17.61
CA LEU A 247 49.04 16.48 -18.13
C LEU A 247 48.68 15.60 -19.32
N ILE A 248 47.51 15.01 -19.22
CA ILE A 248 46.89 14.31 -20.33
C ILE A 248 45.82 15.31 -20.74
N ALA A 249 46.03 15.98 -21.84
CA ALA A 249 45.21 17.11 -22.19
C ALA A 249 43.92 16.72 -22.84
N PRO A 250 42.85 17.49 -22.67
CA PRO A 250 41.65 17.28 -23.42
C PRO A 250 42.03 17.55 -24.83
N TRP A 251 41.52 16.78 -25.76
CA TRP A 251 41.75 17.01 -27.18
C TRP A 251 40.39 17.20 -27.78
N TYR A 252 39.52 16.26 -27.48
CA TYR A 252 38.14 16.31 -27.89
C TYR A 252 37.29 16.52 -26.67
N ALA A 253 36.12 17.09 -26.87
CA ALA A 253 35.17 17.35 -25.80
C ALA A 253 33.79 17.15 -26.33
N PHE A 254 32.83 17.00 -25.45
CA PHE A 254 31.51 16.74 -26.00
C PHE A 254 30.52 17.83 -25.70
N ALA A 255 29.88 18.34 -26.74
CA ALA A 255 28.88 19.37 -26.50
C ALA A 255 27.56 18.64 -26.30
N LEU A 256 27.04 18.75 -25.10
CA LEU A 256 25.90 17.99 -24.70
C LEU A 256 24.60 18.73 -24.56
N SER A 257 23.57 18.04 -24.95
CA SER A 257 22.21 18.44 -24.69
C SER A 257 21.58 17.22 -24.09
N ARG A 258 21.28 17.31 -22.80
CA ARG A 258 20.79 16.19 -22.01
C ARG A 258 19.30 16.01 -22.10
N GLY A 259 18.88 14.76 -22.19
CA GLY A 259 17.47 14.43 -22.26
C GLY A 259 16.97 13.94 -20.92
N PHE A 260 15.80 13.31 -20.91
CA PHE A 260 15.28 12.80 -19.67
C PHE A 260 16.18 11.63 -19.29
N GLY A 261 16.57 11.49 -18.02
CA GLY A 261 17.52 10.43 -17.63
C GLY A 261 17.03 9.04 -18.03
N SER A 262 17.98 8.18 -18.41
CA SER A 262 17.62 6.85 -18.90
C SER A 262 18.44 5.74 -18.29
N GLY A 263 19.67 5.53 -18.70
CA GLY A 263 20.41 4.51 -17.97
C GLY A 263 21.46 3.76 -18.74
N ILE A 264 22.28 3.06 -17.99
CA ILE A 264 23.31 2.23 -18.55
C ILE A 264 22.80 0.84 -18.26
N ILE A 265 22.68 0.03 -19.27
CA ILE A 265 22.15 -1.32 -19.12
C ILE A 265 23.24 -2.28 -19.56
N THR A 266 23.43 -3.37 -18.84
CA THR A 266 24.45 -4.31 -19.27
C THR A 266 23.79 -5.56 -19.81
N SER A 267 24.12 -5.90 -21.05
CA SER A 267 23.52 -7.03 -21.73
C SER A 267 24.26 -7.47 -22.98
N ASN A 268 24.23 -8.76 -23.25
CA ASN A 268 24.83 -9.28 -24.48
C ASN A 268 23.78 -9.63 -25.52
N ALA A 269 22.58 -9.12 -25.34
CA ALA A 269 21.49 -9.31 -26.27
C ALA A 269 21.83 -8.59 -27.59
N PRO A 270 21.39 -9.09 -28.75
CA PRO A 270 21.54 -8.49 -30.07
C PRO A 270 20.60 -7.32 -30.22
N MET A 271 20.89 -6.39 -31.13
CA MET A 271 19.98 -5.28 -31.43
C MET A 271 19.14 -5.46 -32.68
N ASP A 272 17.86 -5.09 -32.60
CA ASP A 272 16.96 -5.08 -33.76
C ASP A 272 15.91 -3.98 -33.64
N GLU A 273 15.04 -3.85 -34.65
CA GLU A 273 14.02 -2.81 -34.59
C GLU A 273 12.63 -3.34 -34.15
N CYS A 274 11.89 -2.53 -33.37
CA CYS A 274 10.54 -2.77 -32.88
C CYS A 274 10.08 -1.44 -32.28
N ASP A 275 8.86 -1.38 -31.82
CA ASP A 275 8.41 -0.21 -31.06
C ASP A 275 8.49 -0.56 -29.56
N ALA A 276 9.60 -0.23 -28.88
CA ALA A 276 9.73 -0.60 -27.46
C ALA A 276 9.29 0.51 -26.55
N LYS A 277 8.71 0.14 -25.42
CA LYS A 277 8.36 1.14 -24.41
C LYS A 277 9.27 1.07 -23.17
N CYS A 278 9.72 -0.16 -22.82
CA CYS A 278 10.54 -0.55 -21.69
C CYS A 278 11.55 -1.57 -22.17
N GLN A 279 12.74 -1.50 -21.63
CA GLN A 279 13.67 -2.56 -21.93
C GLN A 279 14.43 -3.04 -20.72
N THR A 280 14.60 -4.36 -20.64
CA THR A 280 15.34 -4.97 -19.57
C THR A 280 16.58 -5.56 -20.23
N PRO A 281 17.60 -5.99 -19.50
CA PRO A 281 18.77 -6.64 -20.04
C PRO A 281 18.45 -7.93 -20.80
N GLN A 282 17.26 -8.49 -20.60
CA GLN A 282 16.92 -9.73 -21.26
C GLN A 282 16.28 -9.49 -22.62
N GLY A 283 15.93 -8.24 -22.89
CA GLY A 283 15.25 -7.87 -24.11
C GLY A 283 14.12 -6.88 -23.87
N ALA A 284 13.67 -6.29 -24.96
CA ALA A 284 12.63 -5.28 -25.00
C ALA A 284 11.24 -5.79 -24.63
N ILE A 285 10.49 -4.89 -24.01
CA ILE A 285 9.10 -5.06 -23.60
C ILE A 285 8.17 -4.06 -24.29
N ASN A 286 7.11 -4.62 -24.83
CA ASN A 286 6.04 -3.88 -25.48
C ASN A 286 4.75 -4.40 -24.88
N SER A 287 4.34 -3.78 -23.77
CA SER A 287 3.19 -4.21 -22.99
C SER A 287 2.55 -3.11 -22.17
N SER A 288 1.23 -3.11 -22.17
CA SER A 288 0.34 -2.21 -21.45
C SER A 288 0.05 -2.63 -20.01
N LEU A 289 0.44 -3.84 -19.60
CA LEU A 289 0.05 -4.33 -18.30
C LEU A 289 0.79 -3.57 -17.19
N PRO A 290 0.17 -3.36 -16.01
CA PRO A 290 0.72 -2.63 -14.87
C PRO A 290 1.89 -3.25 -14.15
N PHE A 291 2.08 -4.58 -14.25
CA PHE A 291 3.17 -5.20 -13.54
C PHE A 291 3.95 -6.09 -14.47
N GLN A 292 5.22 -6.32 -14.18
CA GLN A 292 6.03 -7.27 -14.93
C GLN A 292 6.93 -8.06 -13.99
N ASN A 293 7.30 -9.26 -14.39
CA ASN A 293 8.23 -10.05 -13.58
C ASN A 293 9.44 -10.48 -14.39
N VAL A 294 9.79 -9.68 -15.38
CA VAL A 294 10.91 -9.98 -16.24
C VAL A 294 12.21 -9.58 -15.57
N HIS A 295 12.27 -8.35 -15.06
CA HIS A 295 13.53 -7.96 -14.44
C HIS A 295 13.33 -6.74 -13.54
N PRO A 296 13.98 -6.66 -12.37
CA PRO A 296 13.92 -5.51 -11.48
C PRO A 296 14.55 -4.22 -11.95
N VAL A 297 15.47 -4.25 -12.92
CA VAL A 297 16.09 -3.01 -13.33
C VAL A 297 15.78 -2.67 -14.75
N THR A 298 15.05 -1.60 -14.95
CA THR A 298 14.62 -1.25 -16.27
C THR A 298 14.89 0.18 -16.67
N ILE A 299 14.81 0.41 -17.98
CA ILE A 299 14.89 1.72 -18.59
C ILE A 299 13.65 2.04 -19.41
N GLY A 300 13.09 3.23 -19.21
CA GLY A 300 11.93 3.64 -19.99
C GLY A 300 10.64 3.60 -19.23
N GLU A 301 9.53 3.83 -19.92
CA GLU A 301 8.21 3.84 -19.30
C GLU A 301 7.90 2.36 -19.17
N CYS A 302 7.83 1.84 -17.92
CA CYS A 302 7.81 0.40 -17.68
C CYS A 302 6.86 0.03 -16.53
N PRO A 303 6.20 -1.15 -16.58
CA PRO A 303 5.40 -1.76 -15.55
C PRO A 303 6.22 -1.98 -14.29
N LYS A 304 5.56 -2.02 -13.13
CA LYS A 304 6.27 -2.18 -11.86
C LYS A 304 6.79 -3.61 -11.73
N TYR A 305 7.99 -3.78 -11.17
CA TYR A 305 8.50 -5.12 -10.98
C TYR A 305 7.88 -5.73 -9.75
N VAL A 306 7.39 -6.95 -9.91
CA VAL A 306 6.76 -7.75 -8.88
C VAL A 306 7.50 -9.08 -8.75
N ARG A 307 7.72 -9.55 -7.52
CA ARG A 307 8.47 -10.80 -7.30
C ARG A 307 7.68 -12.07 -7.65
N SER A 308 6.38 -11.91 -7.78
CA SER A 308 5.42 -12.97 -8.03
C SER A 308 5.47 -13.59 -9.40
N ALA A 309 5.07 -14.85 -9.47
CA ALA A 309 4.97 -15.58 -10.72
C ALA A 309 3.70 -15.24 -11.52
N LYS A 310 2.61 -14.87 -10.84
CA LYS A 310 1.36 -14.64 -11.57
C LYS A 310 0.39 -13.69 -10.87
N LEU A 311 -0.28 -12.85 -11.63
CA LEU A 311 -1.33 -11.99 -11.12
C LEU A 311 -2.55 -12.09 -12.00
N ARG A 312 -3.22 -13.22 -11.94
CA ARG A 312 -4.34 -13.41 -12.82
C ARG A 312 -5.62 -13.01 -12.13
N MET A 313 -6.28 -12.03 -12.71
CA MET A 313 -7.49 -11.49 -12.17
C MET A 313 -8.66 -12.12 -12.87
N VAL A 314 -9.67 -12.43 -12.11
CA VAL A 314 -10.90 -12.99 -12.62
C VAL A 314 -11.68 -11.96 -13.34
N THR A 315 -12.16 -12.25 -14.54
CA THR A 315 -13.03 -11.28 -15.13
C THR A 315 -14.29 -12.05 -15.27
N GLY A 316 -14.11 -13.36 -15.42
CA GLY A 316 -15.20 -14.29 -15.67
C GLY A 316 -15.74 -14.97 -14.43
N LEU A 317 -16.40 -16.09 -14.63
CA LEU A 317 -17.09 -16.80 -13.57
C LEU A 317 -16.39 -18.08 -13.19
N ARG A 318 -16.74 -18.68 -12.05
CA ARG A 318 -16.09 -19.95 -11.77
C ARG A 318 -16.52 -20.88 -12.90
N ASN A 319 -15.59 -21.60 -13.48
CA ASN A 319 -15.91 -22.47 -14.60
C ASN A 319 -16.37 -23.82 -14.13
N ILE A 320 -17.55 -23.82 -13.57
CA ILE A 320 -18.13 -25.03 -13.05
C ILE A 320 -19.37 -25.34 -13.84
N PRO A 321 -19.33 -26.28 -14.80
CA PRO A 321 -20.44 -26.65 -15.65
C PRO A 321 -21.43 -27.47 -14.83
N SER A 322 -22.72 -27.42 -15.20
CA SER A 322 -23.81 -28.23 -14.66
C SER A 322 -23.58 -29.73 -14.92
N ALA B 11 -31.22 -28.00 -15.57
CA ALA B 11 -30.05 -27.27 -15.11
C ALA B 11 -30.52 -25.93 -14.53
N GLY B 12 -29.58 -25.05 -14.14
CA GLY B 12 -29.84 -23.71 -13.61
C GLY B 12 -28.60 -23.30 -12.85
N PHE B 13 -28.50 -22.03 -12.46
CA PHE B 13 -27.32 -21.50 -11.76
C PHE B 13 -26.98 -22.20 -10.46
N ILE B 14 -27.95 -22.89 -9.87
CA ILE B 14 -27.73 -23.62 -8.65
C ILE B 14 -26.85 -24.84 -8.90
N GLU B 15 -27.05 -25.51 -10.03
CA GLU B 15 -26.35 -26.76 -10.32
C GLU B 15 -24.99 -26.52 -10.99
N GLY B 16 -24.88 -25.43 -11.75
CA GLY B 16 -23.65 -25.10 -12.47
C GLY B 16 -23.95 -24.31 -13.73
N GLY B 17 -22.92 -23.93 -14.46
CA GLY B 17 -23.15 -23.13 -15.64
C GLY B 17 -23.47 -23.96 -16.86
N TRP B 18 -23.74 -23.29 -17.94
CA TRP B 18 -24.11 -23.95 -19.15
C TRP B 18 -23.05 -23.85 -20.21
N THR B 19 -22.82 -24.95 -20.87
CA THR B 19 -21.93 -24.97 -21.98
C THR B 19 -22.81 -24.86 -23.19
N GLY B 20 -22.41 -24.01 -24.11
CA GLY B 20 -23.18 -23.72 -25.31
C GLY B 20 -23.82 -22.35 -25.17
N MET B 21 -23.91 -21.82 -23.96
CA MET B 21 -24.45 -20.48 -23.81
C MET B 21 -23.29 -19.54 -23.97
N VAL B 22 -22.95 -19.28 -25.20
CA VAL B 22 -21.76 -18.52 -25.53
C VAL B 22 -22.07 -17.11 -25.92
N ASP B 23 -23.31 -16.73 -25.75
CA ASP B 23 -23.77 -15.40 -26.10
C ASP B 23 -23.63 -14.38 -25.00
N GLY B 24 -23.16 -14.78 -23.83
CA GLY B 24 -23.02 -13.84 -22.71
C GLY B 24 -22.67 -14.55 -21.41
N TRP B 25 -22.31 -13.76 -20.40
CA TRP B 25 -22.00 -14.33 -19.10
C TRP B 25 -23.24 -14.79 -18.38
N TYR B 26 -24.36 -14.08 -18.57
CA TYR B 26 -25.57 -14.41 -17.86
C TYR B 26 -26.67 -14.60 -18.83
N GLY B 27 -27.59 -15.49 -18.52
CA GLY B 27 -28.66 -15.67 -19.46
C GLY B 27 -29.71 -16.65 -19.08
N TYR B 28 -30.47 -17.00 -20.07
CA TYR B 28 -31.63 -17.84 -19.95
C TYR B 28 -31.60 -19.02 -20.87
N HIS B 29 -32.29 -20.04 -20.46
CA HIS B 29 -32.55 -21.16 -21.30
C HIS B 29 -34.03 -21.35 -21.24
N HIS B 30 -34.64 -21.64 -22.36
CA HIS B 30 -36.07 -21.85 -22.26
C HIS B 30 -36.49 -23.01 -23.08
N GLN B 31 -37.63 -23.56 -22.71
CA GLN B 31 -38.25 -24.64 -23.44
C GLN B 31 -39.74 -24.47 -23.53
N ASN B 32 -40.27 -24.50 -24.74
CA ASN B 32 -41.70 -24.42 -24.93
C ASN B 32 -42.10 -25.23 -26.15
N GLU B 33 -43.37 -25.21 -26.47
CA GLU B 33 -43.95 -25.97 -27.58
C GLU B 33 -43.44 -25.57 -28.96
N GLN B 34 -42.82 -24.40 -29.07
CA GLN B 34 -42.30 -23.87 -30.31
C GLN B 34 -40.79 -24.00 -30.46
N GLY B 35 -40.11 -24.61 -29.48
CA GLY B 35 -38.66 -24.72 -29.57
C GLY B 35 -37.93 -24.39 -28.27
N SER B 36 -36.60 -24.48 -28.30
CA SER B 36 -35.80 -24.23 -27.11
C SER B 36 -34.38 -23.81 -27.41
N GLY B 37 -33.71 -23.27 -26.41
CA GLY B 37 -32.32 -22.88 -26.56
C GLY B 37 -31.84 -21.82 -25.59
N TYR B 38 -30.61 -21.37 -25.78
CA TYR B 38 -29.99 -20.40 -24.90
C TYR B 38 -30.07 -18.99 -25.44
N ALA B 39 -30.10 -18.03 -24.53
CA ALA B 39 -30.02 -16.64 -24.89
C ALA B 39 -29.33 -15.86 -23.79
N ALA B 40 -28.62 -14.81 -24.13
CA ALA B 40 -28.03 -14.01 -23.08
C ALA B 40 -29.01 -12.99 -22.60
N ASP B 41 -28.89 -12.58 -21.35
CA ASP B 41 -29.66 -11.43 -20.91
C ASP B 41 -28.71 -10.35 -21.33
N GLN B 42 -29.03 -9.70 -22.43
CA GLN B 42 -28.07 -8.81 -23.04
C GLN B 42 -27.80 -7.59 -22.18
N LYS B 43 -28.83 -7.06 -21.53
CA LYS B 43 -28.61 -5.87 -20.73
C LYS B 43 -27.83 -6.19 -19.47
N SER B 44 -28.15 -7.32 -18.83
CA SER B 44 -27.47 -7.69 -17.60
C SER B 44 -26.03 -7.99 -17.88
N THR B 45 -25.78 -8.73 -18.95
CA THR B 45 -24.44 -9.08 -19.29
C THR B 45 -23.65 -7.87 -19.66
N GLN B 46 -24.21 -6.95 -20.46
CA GLN B 46 -23.40 -5.82 -20.84
C GLN B 46 -23.09 -4.97 -19.63
N ASN B 47 -24.02 -4.83 -18.69
CA ASN B 47 -23.72 -4.01 -17.53
C ASN B 47 -22.67 -4.67 -16.66
N ALA B 48 -22.73 -5.99 -16.53
CA ALA B 48 -21.74 -6.69 -15.75
C ALA B 48 -20.39 -6.54 -16.40
N ILE B 49 -20.36 -6.58 -17.74
CA ILE B 49 -19.12 -6.42 -18.46
C ILE B 49 -18.60 -5.04 -18.26
N ASN B 50 -19.45 -4.02 -18.34
CA ASN B 50 -18.96 -2.66 -18.17
C ASN B 50 -18.34 -2.50 -16.80
N GLY B 51 -18.94 -3.13 -15.80
CA GLY B 51 -18.44 -3.09 -14.44
C GLY B 51 -17.07 -3.70 -14.35
N ILE B 52 -16.92 -4.90 -14.88
CA ILE B 52 -15.66 -5.59 -14.84
C ILE B 52 -14.62 -4.85 -15.65
N THR B 53 -15.02 -4.33 -16.80
CA THR B 53 -14.10 -3.61 -17.66
C THR B 53 -13.56 -2.41 -16.93
N ASN B 54 -14.43 -1.67 -16.23
CA ASN B 54 -13.99 -0.51 -15.49
C ASN B 54 -13.06 -0.89 -14.37
N LYS B 55 -13.32 -2.04 -13.74
CA LYS B 55 -12.48 -2.52 -12.66
C LYS B 55 -11.10 -2.88 -13.13
N VAL B 56 -11.01 -3.60 -14.24
CA VAL B 56 -9.72 -4.00 -14.74
C VAL B 56 -8.96 -2.78 -15.19
N ASN B 57 -9.63 -1.89 -15.91
CA ASN B 57 -8.95 -0.72 -16.38
C ASN B 57 -8.57 0.19 -15.24
N SER B 58 -9.34 0.24 -14.16
CA SER B 58 -8.98 1.09 -13.04
C SER B 58 -7.67 0.62 -12.44
N VAL B 59 -7.55 -0.69 -12.28
CA VAL B 59 -6.33 -1.24 -11.70
C VAL B 59 -5.11 -0.90 -12.54
N ILE B 60 -5.26 -0.97 -13.86
CA ILE B 60 -4.19 -0.69 -14.80
C ILE B 60 -3.88 0.80 -14.98
N GLU B 61 -4.92 1.61 -15.21
CA GLU B 61 -4.85 3.04 -15.48
C GLU B 61 -4.38 3.87 -14.33
N LYS B 62 -4.64 3.43 -13.10
CA LYS B 62 -4.20 4.21 -11.97
C LYS B 62 -2.75 3.98 -11.69
N MET B 63 -2.10 3.06 -12.40
CA MET B 63 -0.70 2.84 -12.14
C MET B 63 0.06 3.97 -12.82
N ASN B 64 0.93 4.63 -12.08
CA ASN B 64 1.65 5.72 -12.69
C ASN B 64 2.91 5.27 -13.40
N THR B 65 2.88 5.28 -14.71
CA THR B 65 4.04 4.84 -15.43
C THR B 65 4.75 6.06 -15.95
N GLN B 66 6.00 6.19 -15.54
CA GLN B 66 6.87 7.30 -15.89
C GLN B 66 8.11 6.76 -16.50
N PHE B 67 8.76 7.54 -17.33
CA PHE B 67 10.00 7.07 -17.88
C PHE B 67 10.94 6.97 -16.71
N THR B 68 11.65 5.86 -16.56
CA THR B 68 12.56 5.77 -15.43
C THR B 68 13.96 5.30 -15.79
N ALA B 69 14.80 5.33 -14.76
CA ALA B 69 16.19 4.94 -14.76
C ALA B 69 16.49 4.21 -13.47
N VAL B 70 16.15 2.92 -13.41
CA VAL B 70 16.21 2.23 -12.13
C VAL B 70 17.59 1.94 -11.55
N GLY B 71 18.51 1.45 -12.36
CA GLY B 71 19.80 1.03 -11.81
C GLY B 71 20.67 2.19 -11.38
N LYS B 72 21.47 1.95 -10.33
CA LYS B 72 22.44 2.92 -9.82
C LYS B 72 23.76 2.22 -9.58
N GLU B 73 24.85 2.91 -9.85
CA GLU B 73 26.18 2.34 -9.64
C GLU B 73 26.81 2.85 -8.36
N PHE B 74 27.54 2.00 -7.66
CA PHE B 74 28.25 2.39 -6.43
C PHE B 74 29.68 1.85 -6.39
N ASN B 75 30.54 2.56 -5.68
CA ASN B 75 31.95 2.22 -5.52
C ASN B 75 32.23 1.30 -4.32
N LYS B 76 33.49 0.94 -4.12
CA LYS B 76 33.92 0.04 -3.05
C LYS B 76 33.64 0.61 -1.67
N LEU B 77 33.77 1.91 -1.53
CA LEU B 77 33.59 2.59 -0.26
C LEU B 77 32.28 3.31 -0.17
N GLU B 78 31.32 2.91 -0.99
CA GLU B 78 30.01 3.47 -0.96
C GLU B 78 29.02 2.37 -0.64
N ARG B 79 29.48 1.39 0.12
CA ARG B 79 28.67 0.23 0.43
C ARG B 79 27.44 0.60 1.21
N ARG B 80 27.53 1.57 2.12
CA ARG B 80 26.31 1.93 2.85
C ARG B 80 25.27 2.51 1.91
N MET B 81 25.73 3.26 0.90
CA MET B 81 24.83 3.87 -0.06
C MET B 81 24.22 2.82 -0.95
N GLU B 82 25.02 1.82 -1.31
CA GLU B 82 24.53 0.74 -2.12
C GLU B 82 23.49 -0.02 -1.35
N ASN B 83 23.73 -0.25 -0.07
CA ASN B 83 22.78 -0.98 0.73
C ASN B 83 21.53 -0.18 0.95
N LEU B 84 21.62 1.15 1.05
CA LEU B 84 20.41 1.94 1.15
C LEU B 84 19.66 1.86 -0.15
N ASN B 85 20.35 1.96 -1.27
CA ASN B 85 19.68 1.87 -2.54
C ASN B 85 18.95 0.55 -2.64
N LYS B 86 19.58 -0.53 -2.17
CA LYS B 86 18.96 -1.83 -2.18
C LYS B 86 17.77 -1.85 -1.25
N LYS B 87 17.91 -1.25 -0.06
CA LYS B 87 16.82 -1.21 0.90
C LYS B 87 15.62 -0.55 0.29
N VAL B 88 15.85 0.51 -0.46
CA VAL B 88 14.78 1.24 -1.11
C VAL B 88 14.12 0.35 -2.14
N ASP B 89 14.90 -0.35 -2.96
CA ASP B 89 14.31 -1.23 -3.97
C ASP B 89 13.55 -2.38 -3.36
N ASP B 90 14.06 -2.97 -2.28
CA ASP B 90 13.40 -4.08 -1.64
C ASP B 90 12.17 -3.61 -0.94
N GLY B 91 12.23 -2.43 -0.35
CA GLY B 91 11.08 -1.90 0.32
C GLY B 91 9.97 -1.68 -0.66
N PHE B 92 10.26 -0.98 -1.75
CA PHE B 92 9.23 -0.70 -2.74
C PHE B 92 8.74 -1.98 -3.36
N LEU B 93 9.63 -2.91 -3.64
CA LEU B 93 9.24 -4.15 -4.24
C LEU B 93 8.36 -4.99 -3.32
N ASP B 94 8.66 -5.05 -2.03
CA ASP B 94 7.83 -5.82 -1.14
C ASP B 94 6.48 -5.17 -1.00
N ILE B 95 6.45 -3.84 -1.00
CA ILE B 95 5.18 -3.15 -0.88
C ILE B 95 4.33 -3.40 -2.09
N TRP B 96 4.90 -3.29 -3.28
CA TRP B 96 4.15 -3.51 -4.49
C TRP B 96 3.78 -4.95 -4.68
N THR B 97 4.65 -5.87 -4.28
CA THR B 97 4.34 -7.28 -4.42
C THR B 97 3.24 -7.65 -3.46
N TYR B 98 3.33 -7.19 -2.22
CA TYR B 98 2.34 -7.52 -1.22
C TYR B 98 1.03 -6.95 -1.67
N ASN B 99 1.03 -5.69 -2.09
CA ASN B 99 -0.19 -5.06 -2.50
C ASN B 99 -0.75 -5.67 -3.76
N ALA B 100 0.09 -6.02 -4.74
CA ALA B 100 -0.42 -6.60 -5.96
C ALA B 100 -1.00 -7.98 -5.71
N GLU B 101 -0.37 -8.78 -4.85
CA GLU B 101 -0.90 -10.11 -4.63
C GLU B 101 -2.17 -10.01 -3.87
N LEU B 102 -2.19 -9.13 -2.88
CA LEU B 102 -3.34 -9.02 -2.03
C LEU B 102 -4.47 -8.38 -2.76
N LEU B 103 -4.18 -7.38 -3.59
CA LEU B 103 -5.20 -6.71 -4.35
C LEU B 103 -5.84 -7.67 -5.29
N VAL B 104 -5.06 -8.47 -5.99
CA VAL B 104 -5.67 -9.40 -6.90
C VAL B 104 -6.49 -10.42 -6.15
N LEU B 105 -6.02 -10.93 -5.02
CA LEU B 105 -6.83 -11.91 -4.32
C LEU B 105 -8.14 -11.29 -3.83
N LEU B 106 -8.09 -10.07 -3.35
CA LEU B 106 -9.30 -9.41 -2.88
C LEU B 106 -10.24 -9.07 -4.01
N GLU B 107 -9.71 -8.65 -5.16
CA GLU B 107 -10.55 -8.33 -6.27
C GLU B 107 -11.16 -9.61 -6.79
N ASN B 108 -10.43 -10.71 -6.77
CA ASN B 108 -10.97 -11.96 -7.26
C ASN B 108 -12.09 -12.46 -6.38
N GLU B 109 -11.99 -12.25 -5.07
CA GLU B 109 -13.08 -12.71 -4.23
C GLU B 109 -14.31 -11.88 -4.50
N ARG B 110 -14.12 -10.57 -4.65
CA ARG B 110 -15.25 -9.71 -4.92
C ARG B 110 -15.84 -9.94 -6.29
N THR B 111 -15.01 -10.24 -7.28
CA THR B 111 -15.48 -10.48 -8.63
C THR B 111 -16.30 -11.74 -8.67
N LEU B 112 -15.84 -12.79 -8.04
CA LEU B 112 -16.61 -14.01 -8.09
C LEU B 112 -17.91 -13.81 -7.33
N ASP B 113 -17.89 -13.06 -6.21
CA ASP B 113 -19.11 -12.80 -5.45
C ASP B 113 -20.07 -11.92 -6.26
N PHE B 114 -19.50 -10.95 -7.00
CA PHE B 114 -20.23 -10.05 -7.87
C PHE B 114 -21.01 -10.84 -8.87
N HIS B 115 -20.36 -11.79 -9.51
CA HIS B 115 -21.06 -12.56 -10.50
C HIS B 115 -22.12 -13.45 -9.88
N ASP B 116 -21.87 -14.01 -8.70
CA ASP B 116 -22.88 -14.86 -8.09
C ASP B 116 -24.10 -14.02 -7.73
N SER B 117 -23.85 -12.79 -7.30
CA SER B 117 -24.91 -11.87 -6.97
C SER B 117 -25.74 -11.54 -8.20
N ASN B 118 -25.07 -11.28 -9.32
CA ASN B 118 -25.79 -10.93 -10.53
C ASN B 118 -26.65 -12.06 -11.08
N VAL B 119 -26.21 -13.30 -10.98
CA VAL B 119 -27.09 -14.32 -11.52
C VAL B 119 -28.28 -14.46 -10.59
N LYS B 120 -28.07 -14.34 -9.27
CA LYS B 120 -29.21 -14.41 -8.39
C LYS B 120 -30.15 -13.26 -8.65
N ASN B 121 -29.63 -12.08 -8.96
CA ASN B 121 -30.48 -10.93 -9.22
C ASN B 121 -31.40 -11.21 -10.38
N LEU B 122 -30.95 -11.97 -11.38
CA LEU B 122 -31.83 -12.32 -12.48
C LEU B 122 -32.94 -13.21 -11.98
N TYR B 123 -32.62 -14.09 -11.03
CA TYR B 123 -33.64 -14.98 -10.49
C TYR B 123 -34.71 -14.12 -9.83
N GLU B 124 -34.28 -13.13 -9.07
CA GLU B 124 -35.22 -12.22 -8.41
C GLU B 124 -36.00 -11.41 -9.43
N LYS B 125 -35.36 -10.98 -10.53
CA LYS B 125 -36.01 -10.22 -11.57
C LYS B 125 -37.18 -11.01 -12.12
N VAL B 126 -36.94 -12.29 -12.42
CA VAL B 126 -37.98 -13.12 -12.96
C VAL B 126 -39.04 -13.44 -11.93
N LYS B 127 -38.65 -13.79 -10.71
CA LYS B 127 -39.66 -14.10 -9.70
C LYS B 127 -40.57 -12.91 -9.43
N SER B 128 -39.99 -11.72 -9.34
CA SER B 128 -40.77 -10.52 -9.06
C SER B 128 -41.76 -10.28 -10.17
N GLN B 129 -41.31 -10.44 -11.41
CA GLN B 129 -42.15 -10.24 -12.57
C GLN B 129 -43.25 -11.29 -12.71
N LEU B 130 -42.94 -12.56 -12.43
CA LEU B 130 -43.94 -13.61 -12.62
C LEU B 130 -44.83 -13.83 -11.42
N LYS B 131 -44.38 -13.41 -10.25
CA LYS B 131 -45.14 -13.56 -9.03
C LYS B 131 -45.56 -15.00 -8.83
N ASN B 132 -46.85 -15.25 -8.75
CA ASN B 132 -47.35 -16.59 -8.51
C ASN B 132 -47.83 -17.30 -9.76
N ASN B 133 -47.48 -16.79 -10.95
CA ASN B 133 -47.89 -17.44 -12.18
C ASN B 133 -46.91 -18.48 -12.65
N ALA B 134 -45.90 -18.74 -11.83
CA ALA B 134 -44.94 -19.77 -12.12
C ALA B 134 -44.44 -20.40 -10.83
N LYS B 135 -44.15 -21.68 -10.90
CA LYS B 135 -43.63 -22.45 -9.79
C LYS B 135 -42.14 -22.30 -9.68
N GLU B 136 -41.63 -22.06 -8.49
CA GLU B 136 -40.19 -22.06 -8.37
C GLU B 136 -39.76 -23.50 -8.30
N ILE B 137 -38.69 -23.82 -8.99
CA ILE B 137 -38.15 -25.16 -8.96
C ILE B 137 -37.11 -25.25 -7.85
N GLY B 138 -36.37 -24.18 -7.66
CA GLY B 138 -35.33 -24.14 -6.65
C GLY B 138 -33.92 -24.36 -7.17
N ASN B 139 -33.79 -24.81 -8.42
CA ASN B 139 -32.46 -25.02 -8.99
C ASN B 139 -32.05 -23.89 -9.93
N GLY B 140 -32.82 -22.81 -9.90
CA GLY B 140 -32.64 -21.68 -10.81
C GLY B 140 -33.73 -21.54 -11.90
N CYS B 141 -34.65 -22.55 -12.03
CA CYS B 141 -35.76 -22.60 -12.99
C CYS B 141 -37.11 -22.21 -12.39
N PHE B 142 -37.99 -21.77 -13.31
CA PHE B 142 -39.38 -21.47 -13.07
C PHE B 142 -40.25 -22.20 -14.09
N GLU B 143 -41.40 -22.70 -13.64
CA GLU B 143 -42.34 -23.31 -14.58
C GLU B 143 -43.64 -22.57 -14.60
N PHE B 144 -44.07 -22.16 -15.76
CA PHE B 144 -45.29 -21.40 -15.84
C PHE B 144 -46.46 -22.29 -15.58
N TYR B 145 -47.48 -21.76 -14.93
CA TYR B 145 -48.66 -22.56 -14.79
C TYR B 145 -49.45 -22.47 -16.09
N HIS B 146 -49.40 -21.30 -16.72
CA HIS B 146 -50.07 -21.06 -17.99
C HIS B 146 -49.22 -21.59 -19.10
N LYS B 147 -49.80 -21.88 -20.25
CA LYS B 147 -48.93 -22.27 -21.35
C LYS B 147 -48.21 -21.03 -21.83
N CYS B 148 -46.87 -21.12 -22.08
CA CYS B 148 -46.08 -19.97 -22.53
C CYS B 148 -45.36 -20.26 -23.84
N ASN B 149 -45.68 -19.43 -24.82
CA ASN B 149 -45.19 -19.40 -26.18
C ASN B 149 -43.96 -18.51 -26.35
N ASN B 150 -43.47 -18.38 -27.56
CA ASN B 150 -42.28 -17.57 -27.74
C ASN B 150 -42.49 -16.09 -27.41
N GLU B 151 -43.70 -15.55 -27.63
CA GLU B 151 -43.90 -14.13 -27.34
C GLU B 151 -43.74 -13.78 -25.85
N CYS B 152 -44.29 -14.60 -24.92
CA CYS B 152 -44.15 -14.40 -23.47
C CYS B 152 -42.74 -14.72 -23.01
N MET B 153 -42.03 -15.59 -23.72
CA MET B 153 -40.66 -15.80 -23.30
C MET B 153 -39.86 -14.53 -23.55
N GLU B 154 -40.12 -13.86 -24.68
CA GLU B 154 -39.38 -12.64 -24.96
C GLU B 154 -39.79 -11.55 -24.00
N SER B 155 -41.06 -11.50 -23.67
CA SER B 155 -41.58 -10.48 -22.77
C SER B 155 -40.95 -10.62 -21.39
N VAL B 156 -40.81 -11.84 -20.88
CA VAL B 156 -40.21 -12.02 -19.57
C VAL B 156 -38.77 -11.58 -19.58
N LYS B 157 -38.02 -11.95 -20.62
CA LYS B 157 -36.63 -11.56 -20.72
C LYS B 157 -36.50 -10.04 -20.81
N ASN B 158 -37.45 -9.39 -21.50
CA ASN B 158 -37.48 -7.94 -21.66
C ASN B 158 -37.87 -7.21 -20.38
N GLY B 159 -38.64 -7.87 -19.50
CA GLY B 159 -39.08 -7.23 -18.29
C GLY B 159 -40.43 -6.55 -18.50
N THR B 160 -41.18 -7.00 -19.50
CA THR B 160 -42.47 -6.45 -19.87
C THR B 160 -43.61 -7.46 -19.73
N TYR B 161 -43.43 -8.51 -18.95
CA TYR B 161 -44.46 -9.53 -18.84
C TYR B 161 -45.75 -8.95 -18.34
N ASP B 162 -46.81 -9.21 -19.08
CA ASP B 162 -48.09 -8.67 -18.75
C ASP B 162 -48.76 -9.60 -17.78
N TYR B 163 -48.34 -9.55 -16.52
CA TYR B 163 -48.85 -10.48 -15.53
C TYR B 163 -50.37 -10.68 -15.60
N PRO B 164 -51.23 -9.62 -15.59
CA PRO B 164 -52.68 -9.75 -15.61
C PRO B 164 -53.21 -10.59 -16.77
N LYS B 165 -52.51 -10.60 -17.90
CA LYS B 165 -52.91 -11.33 -19.10
C LYS B 165 -53.02 -12.81 -18.87
N TYR B 166 -52.20 -13.34 -18.00
CA TYR B 166 -52.15 -14.75 -17.77
C TYR B 166 -52.74 -15.07 -16.43
N SER B 167 -53.34 -14.10 -15.79
CA SER B 167 -53.82 -14.31 -14.44
C SER B 167 -54.85 -15.40 -14.37
N GLU B 168 -55.81 -15.41 -15.29
CA GLU B 168 -56.85 -16.41 -15.18
C GLU B 168 -56.35 -17.78 -15.55
N GLU B 169 -55.49 -17.88 -16.57
CA GLU B 169 -55.05 -19.20 -16.96
C GLU B 169 -54.22 -19.82 -15.88
N SER B 170 -53.34 -19.03 -15.26
CA SER B 170 -52.50 -19.56 -14.22
C SER B 170 -53.32 -19.94 -13.01
N LYS B 171 -54.34 -19.15 -12.63
CA LYS B 171 -55.16 -19.56 -11.51
C LYS B 171 -55.82 -20.88 -11.78
N LEU B 172 -56.35 -21.05 -12.98
CA LEU B 172 -57.06 -22.25 -13.30
C LEU B 172 -56.15 -23.46 -13.27
N ASN B 173 -54.93 -23.28 -13.72
CA ASN B 173 -54.03 -24.42 -13.70
C ASN B 173 -53.54 -24.71 -12.28
N ARG B 174 -53.32 -23.69 -11.45
CA ARG B 174 -52.90 -23.93 -10.08
C ARG B 174 -54.00 -24.66 -9.32
N GLU B 175 -55.24 -24.33 -9.66
CA GLU B 175 -56.41 -24.89 -9.01
C GLU B 175 -56.66 -26.35 -9.32
N LYS B 176 -55.90 -26.95 -10.21
CA LYS B 176 -56.07 -28.36 -10.48
C LYS B 176 -55.84 -29.19 -9.22
N ILE B 177 -55.12 -28.62 -8.25
CA ILE B 177 -54.82 -29.30 -6.99
C ILE B 177 -55.42 -28.55 -5.77
N ASP B 178 -56.47 -27.73 -6.00
CA ASP B 178 -57.12 -26.91 -4.95
C ASP B 178 -57.95 -27.71 -3.92
N GLY B 179 -58.28 -28.96 -4.21
CA GLY B 179 -59.13 -29.70 -3.29
C GLY B 179 -60.56 -29.18 -3.32
N VAL B 180 -61.05 -28.69 -2.19
CA VAL B 180 -62.42 -28.18 -2.10
C VAL B 180 -62.62 -26.75 -2.63
N LYS B 181 -63.62 -26.59 -3.53
CA LYS B 181 -64.05 -25.36 -4.21
C LYS B 181 -65.39 -25.71 -4.89
N GLN C 1 -14.06 6.53 -30.26
CA GLN C 1 -13.71 5.97 -31.56
C GLN C 1 -12.37 5.25 -31.44
N VAL C 2 -12.22 4.12 -32.16
CA VAL C 2 -11.01 3.33 -32.26
C VAL C 2 -10.73 3.10 -33.72
N GLN C 3 -9.47 3.06 -34.09
CA GLN C 3 -9.12 2.78 -35.45
C GLN C 3 -8.39 1.44 -35.49
N LEU C 4 -8.66 0.65 -36.51
CA LEU C 4 -8.03 -0.66 -36.59
C LEU C 4 -7.10 -0.82 -37.78
N VAL C 5 -5.93 -1.38 -37.51
CA VAL C 5 -4.86 -1.65 -38.46
C VAL C 5 -4.58 -3.13 -38.59
N GLN C 6 -4.57 -3.63 -39.81
CA GLN C 6 -4.36 -5.05 -40.04
C GLN C 6 -3.05 -5.37 -40.72
N SER C 7 -2.64 -6.63 -40.60
CA SER C 7 -1.44 -7.13 -41.24
C SER C 7 -1.60 -7.13 -42.74
N GLY C 8 -0.49 -7.34 -43.46
CA GLY C 8 -0.54 -7.29 -44.92
C GLY C 8 -1.12 -8.56 -45.49
N ALA C 9 -1.15 -8.64 -46.83
CA ALA C 9 -1.74 -9.79 -47.50
C ALA C 9 -0.80 -10.96 -47.43
N GLU C 10 -1.37 -12.16 -47.47
CA GLU C 10 -0.57 -13.39 -47.47
C GLU C 10 -1.09 -14.42 -48.46
N VAL C 11 -0.18 -15.26 -48.94
CA VAL C 11 -0.55 -16.36 -49.82
C VAL C 11 -0.13 -17.66 -49.18
N LYS C 12 -1.08 -18.57 -49.07
CA LYS C 12 -0.91 -19.85 -48.44
C LYS C 12 -1.23 -21.03 -49.33
N LYS C 13 -0.59 -22.15 -49.04
CA LYS C 13 -0.87 -23.37 -49.76
C LYS C 13 -2.00 -24.10 -49.06
N PRO C 14 -2.86 -24.84 -49.74
CA PRO C 14 -3.92 -25.59 -49.13
C PRO C 14 -3.37 -26.52 -48.06
N GLY C 15 -4.07 -26.56 -46.95
CA GLY C 15 -3.79 -27.35 -45.77
C GLY C 15 -3.01 -26.59 -44.69
N SER C 16 -2.43 -25.44 -45.04
CA SER C 16 -1.65 -24.64 -44.09
C SER C 16 -2.54 -23.70 -43.28
N SER C 17 -1.95 -22.95 -42.36
CA SER C 17 -2.74 -22.02 -41.55
C SER C 17 -2.27 -20.58 -41.69
N VAL C 18 -3.20 -19.65 -41.43
CA VAL C 18 -2.90 -18.22 -41.46
C VAL C 18 -3.29 -17.54 -40.18
N LYS C 19 -2.44 -16.67 -39.67
CA LYS C 19 -2.81 -15.91 -38.48
C LYS C 19 -2.86 -14.44 -38.84
N VAL C 20 -4.06 -13.90 -38.84
CA VAL C 20 -4.28 -12.52 -39.24
C VAL C 20 -4.35 -11.62 -38.03
N SER C 21 -3.44 -10.66 -37.94
CA SER C 21 -3.45 -9.80 -36.78
C SER C 21 -4.23 -8.52 -37.07
N CYS C 22 -4.68 -7.87 -35.96
CA CYS C 22 -5.36 -6.57 -35.93
C CYS C 22 -4.91 -5.81 -34.69
N LYS C 23 -4.52 -4.56 -34.87
CA LYS C 23 -4.11 -3.74 -33.75
C LYS C 23 -5.00 -2.54 -33.60
N ALA C 24 -5.31 -2.19 -32.36
CA ALA C 24 -6.13 -1.02 -32.12
C ALA C 24 -5.30 0.16 -31.65
N SER C 25 -5.73 1.33 -32.09
CA SER C 25 -5.13 2.57 -31.64
C SER C 25 -6.17 3.67 -31.63
N GLY C 26 -5.89 4.76 -30.92
CA GLY C 26 -6.79 5.91 -30.92
C GLY C 26 -7.92 5.83 -29.91
N GLY C 27 -7.92 4.79 -29.10
CA GLY C 27 -8.97 4.56 -28.12
C GLY C 27 -8.56 3.41 -27.23
N THR C 28 -9.43 2.95 -26.37
CA THR C 28 -9.05 1.88 -25.45
C THR C 28 -9.45 0.53 -26.00
N PHE C 29 -8.49 -0.34 -26.24
CA PHE C 29 -8.75 -1.65 -26.84
C PHE C 29 -9.70 -2.47 -26.03
N SER C 30 -9.44 -2.51 -24.74
CA SER C 30 -10.22 -3.29 -23.81
C SER C 30 -11.67 -2.88 -23.73
N ARG C 31 -12.04 -1.73 -24.27
CA ARG C 31 -13.42 -1.33 -24.21
C ARG C 31 -14.21 -1.69 -25.46
N TYR C 32 -13.57 -2.33 -26.44
CA TYR C 32 -14.29 -2.68 -27.66
C TYR C 32 -14.29 -4.17 -27.88
N THR C 33 -15.36 -4.65 -28.46
CA THR C 33 -15.45 -6.04 -28.84
C THR C 33 -14.93 -6.14 -30.25
N ILE C 34 -14.11 -7.14 -30.54
CA ILE C 34 -13.58 -7.29 -31.89
C ILE C 34 -14.28 -8.38 -32.63
N SER C 35 -14.80 -8.03 -33.80
CA SER C 35 -15.57 -8.93 -34.64
C SER C 35 -14.92 -9.07 -36.02
N TRP C 36 -14.66 -10.30 -36.41
CA TRP C 36 -14.03 -10.60 -37.68
C TRP C 36 -15.06 -10.99 -38.74
N VAL C 37 -14.95 -10.35 -39.90
CA VAL C 37 -15.85 -10.55 -41.03
C VAL C 37 -15.10 -10.87 -42.33
N ARG C 38 -15.57 -11.88 -43.02
CA ARG C 38 -15.01 -12.36 -44.27
C ARG C 38 -15.69 -11.77 -45.51
N GLN C 39 -14.92 -11.20 -46.42
CA GLN C 39 -15.46 -10.67 -47.67
C GLN C 39 -15.07 -11.56 -48.83
N ALA C 40 -16.01 -12.36 -49.33
CA ALA C 40 -15.62 -13.27 -50.39
C ALA C 40 -15.53 -12.45 -51.68
N PRO C 41 -14.60 -12.73 -52.61
CA PRO C 41 -14.54 -12.02 -53.86
C PRO C 41 -15.82 -12.23 -54.63
N GLY C 42 -16.41 -11.16 -55.13
CA GLY C 42 -17.60 -11.27 -55.96
C GLY C 42 -18.87 -11.57 -55.18
N GLN C 43 -18.80 -11.61 -53.86
CA GLN C 43 -19.92 -11.95 -53.03
C GLN C 43 -20.00 -11.04 -51.82
N GLY C 44 -20.98 -11.27 -50.96
CA GLY C 44 -21.15 -10.44 -49.79
C GLY C 44 -20.29 -10.90 -48.60
N LEU C 45 -20.63 -10.33 -47.47
CA LEU C 45 -19.96 -10.51 -46.20
C LEU C 45 -20.45 -11.74 -45.46
N GLU C 46 -19.53 -12.36 -44.73
CA GLU C 46 -19.83 -13.49 -43.86
C GLU C 46 -19.21 -13.28 -42.48
N TRP C 47 -20.00 -13.44 -41.44
CA TRP C 47 -19.44 -13.26 -40.12
C TRP C 47 -18.63 -14.47 -39.70
N MET C 48 -17.43 -14.29 -39.14
CA MET C 48 -16.68 -15.44 -38.67
C MET C 48 -16.69 -15.60 -37.16
N GLY C 49 -16.64 -14.50 -36.44
CA GLY C 49 -16.62 -14.60 -34.98
C GLY C 49 -16.19 -13.34 -34.24
N ARG C 50 -16.38 -13.35 -32.92
CA ARG C 50 -16.00 -12.21 -32.09
C ARG C 50 -15.41 -12.59 -30.74
N ILE C 51 -14.61 -11.69 -30.19
CA ILE C 51 -14.05 -11.83 -28.84
C ILE C 51 -14.07 -10.55 -28.02
N SER C 52 -14.34 -10.66 -26.72
CA SER C 52 -14.22 -9.52 -25.83
C SER C 52 -12.91 -9.65 -25.05
N PRO C 53 -11.94 -8.75 -25.18
CA PRO C 53 -10.65 -8.84 -24.51
C PRO C 53 -10.76 -9.09 -23.00
N ILE C 54 -11.81 -8.55 -22.38
CA ILE C 54 -12.06 -8.72 -20.96
C ILE C 54 -13.02 -9.85 -20.65
N ALA C 55 -14.11 -9.98 -21.40
CA ALA C 55 -15.08 -11.00 -21.03
C ALA C 55 -14.87 -12.39 -21.64
N GLY C 56 -13.99 -12.51 -22.63
CA GLY C 56 -13.89 -13.78 -23.33
C GLY C 56 -15.14 -13.91 -24.17
N LEU C 57 -15.93 -14.91 -23.89
CA LEU C 57 -17.16 -15.12 -24.64
C LEU C 57 -16.91 -15.20 -26.14
N GLU C 58 -15.89 -15.95 -26.51
CA GLU C 58 -15.59 -16.12 -27.90
C GLU C 58 -16.82 -16.75 -28.51
N ASN C 59 -17.21 -16.24 -29.66
CA ASN C 59 -18.39 -16.71 -30.35
C ASN C 59 -18.10 -16.85 -31.82
N TYR C 60 -18.15 -18.07 -32.34
CA TYR C 60 -17.77 -18.30 -33.72
C TYR C 60 -18.93 -18.74 -34.58
N ALA C 61 -18.86 -18.41 -35.85
CA ALA C 61 -19.85 -18.85 -36.82
C ALA C 61 -19.70 -20.36 -36.98
N GLN C 62 -20.80 -21.06 -37.15
CA GLN C 62 -20.77 -22.53 -37.24
C GLN C 62 -19.85 -23.10 -38.30
N LYS C 63 -19.78 -22.45 -39.45
CA LYS C 63 -18.94 -22.95 -40.52
C LYS C 63 -17.49 -23.16 -40.13
N PHE C 64 -16.97 -22.31 -39.25
CA PHE C 64 -15.57 -22.35 -38.90
C PHE C 64 -15.42 -22.83 -37.46
N GLN C 65 -16.45 -23.47 -36.92
CA GLN C 65 -16.43 -23.83 -35.51
C GLN C 65 -15.24 -24.67 -35.09
N GLY C 66 -14.78 -25.58 -35.94
CA GLY C 66 -13.63 -26.39 -35.60
C GLY C 66 -12.34 -25.91 -36.27
N ARG C 67 -12.38 -24.76 -36.93
CA ARG C 67 -11.25 -24.27 -37.71
C ARG C 67 -10.65 -22.93 -37.29
N VAL C 68 -11.45 -22.03 -36.73
CA VAL C 68 -10.89 -20.71 -36.46
C VAL C 68 -10.80 -20.39 -35.00
N THR C 69 -9.65 -19.87 -34.60
CA THR C 69 -9.47 -19.43 -33.24
C THR C 69 -9.29 -17.93 -33.21
N ILE C 70 -10.10 -17.27 -32.40
CA ILE C 70 -9.99 -15.82 -32.27
C ILE C 70 -9.53 -15.48 -30.88
N THR C 71 -8.47 -14.70 -30.81
CA THR C 71 -7.91 -14.32 -29.52
C THR C 71 -7.74 -12.84 -29.43
N ALA C 72 -7.48 -12.36 -28.21
CA ALA C 72 -7.19 -10.97 -27.98
C ALA C 72 -6.29 -10.87 -26.78
N ASP C 73 -5.45 -9.86 -26.77
CA ASP C 73 -4.56 -9.65 -25.65
C ASP C 73 -4.39 -8.16 -25.37
N ILE C 74 -4.93 -7.74 -24.22
CA ILE C 74 -4.95 -6.34 -23.86
C ILE C 74 -3.57 -5.79 -23.63
N SER C 75 -2.59 -6.68 -23.48
CA SER C 75 -1.19 -6.35 -23.30
C SER C 75 -0.63 -5.61 -24.50
N THR C 76 -1.01 -6.05 -25.70
CA THR C 76 -0.49 -5.46 -26.94
C THR C 76 -1.57 -4.71 -27.69
N SER C 77 -2.79 -4.75 -27.15
CA SER C 77 -3.96 -4.14 -27.74
C SER C 77 -4.22 -4.67 -29.12
N THR C 78 -4.12 -6.00 -29.23
CA THR C 78 -4.35 -6.66 -30.51
C THR C 78 -5.32 -7.81 -30.42
N ALA C 79 -5.76 -8.23 -31.58
CA ALA C 79 -6.62 -9.37 -31.75
C ALA C 79 -6.11 -10.18 -32.92
N TYR C 80 -6.34 -11.47 -32.86
CA TYR C 80 -5.87 -12.32 -33.92
C TYR C 80 -6.91 -13.28 -34.38
N MET C 81 -6.88 -13.60 -35.65
CA MET C 81 -7.72 -14.67 -36.14
C MET C 81 -6.89 -15.72 -36.83
N GLU C 82 -6.82 -16.89 -36.25
CA GLU C 82 -6.03 -17.96 -36.79
C GLU C 82 -6.89 -19.02 -37.42
N LEU C 83 -6.78 -19.18 -38.73
CA LEU C 83 -7.62 -20.12 -39.44
C LEU C 83 -6.79 -21.30 -39.96
N SER C 84 -7.14 -22.51 -39.49
CA SER C 84 -6.45 -23.73 -39.86
C SER C 84 -7.05 -24.43 -41.07
N SER C 85 -6.27 -25.38 -41.63
CA SER C 85 -6.70 -26.23 -42.74
C SER C 85 -7.26 -25.44 -43.91
N LEU C 86 -6.48 -24.47 -44.39
CA LEU C 86 -6.92 -23.60 -45.46
C LEU C 86 -7.24 -24.29 -46.75
N ARG C 87 -8.31 -23.82 -47.38
CA ARG C 87 -8.83 -24.31 -48.63
C ARG C 87 -8.87 -23.19 -49.65
N SER C 88 -8.96 -23.50 -50.94
CA SER C 88 -9.06 -22.43 -51.95
C SER C 88 -10.37 -21.64 -51.77
N ASP C 89 -11.32 -22.27 -51.09
CA ASP C 89 -12.64 -21.75 -50.75
C ASP C 89 -12.51 -20.57 -49.78
N ASP C 90 -11.37 -20.46 -49.12
CA ASP C 90 -11.12 -19.44 -48.12
C ASP C 90 -10.46 -18.20 -48.68
N THR C 91 -10.28 -18.10 -50.00
CA THR C 91 -9.70 -16.85 -50.46
C THR C 91 -10.72 -15.75 -50.18
N ALA C 92 -10.29 -14.73 -49.45
CA ALA C 92 -11.17 -13.63 -49.08
C ALA C 92 -10.42 -12.51 -48.43
N VAL C 93 -11.05 -11.36 -48.33
CA VAL C 93 -10.46 -10.29 -47.54
C VAL C 93 -11.03 -10.37 -46.16
N TYR C 94 -10.17 -10.44 -45.17
CA TYR C 94 -10.64 -10.56 -43.81
C TYR C 94 -10.55 -9.23 -43.09
N TYR C 95 -11.70 -8.76 -42.63
CA TYR C 95 -11.78 -7.49 -41.95
C TYR C 95 -11.93 -7.62 -40.44
N CYS C 96 -11.24 -6.74 -39.73
CA CYS C 96 -11.28 -6.58 -38.27
C CYS C 96 -12.20 -5.39 -38.00
N ALA C 97 -13.22 -5.57 -37.18
CA ALA C 97 -14.08 -4.43 -36.88
C ALA C 97 -14.39 -4.32 -35.41
N GLY C 98 -14.40 -3.10 -34.90
CA GLY C 98 -14.71 -2.89 -33.50
C GLY C 98 -16.14 -2.48 -33.26
N SER C 99 -16.61 -2.80 -32.07
CA SER C 99 -17.93 -2.42 -31.60
C SER C 99 -17.88 -1.86 -30.21
N SER C 100 -18.70 -0.84 -29.99
CA SER C 100 -18.81 -0.13 -28.72
C SER C 100 -19.40 -0.98 -27.61
N GLY C 101 -19.96 -2.14 -27.95
CA GLY C 101 -20.49 -3.04 -26.95
C GLY C 101 -20.59 -4.45 -27.49
N TYR C 102 -20.79 -5.41 -26.62
CA TYR C 102 -20.79 -6.81 -27.04
C TYR C 102 -21.99 -7.14 -27.90
N TYR C 103 -23.09 -6.47 -27.65
CA TYR C 103 -24.32 -6.72 -28.38
C TYR C 103 -24.66 -5.60 -29.34
N GLN C 104 -23.66 -4.85 -29.81
CA GLN C 104 -23.89 -3.74 -30.73
C GLN C 104 -23.20 -4.04 -32.06
N PRO C 105 -23.67 -3.51 -33.21
CA PRO C 105 -23.04 -3.71 -34.48
C PRO C 105 -21.78 -2.90 -34.43
N PRO C 106 -20.72 -3.26 -35.14
CA PRO C 106 -19.50 -2.50 -35.24
C PRO C 106 -19.54 -1.37 -36.25
N PRO C 107 -19.28 -0.12 -35.85
CA PRO C 107 -19.05 1.02 -36.69
C PRO C 107 -17.58 1.31 -36.97
N TYR C 108 -16.64 0.52 -36.45
CA TYR C 108 -15.23 0.92 -36.58
C TYR C 108 -14.45 -0.12 -37.34
N TRP C 109 -14.56 -0.11 -38.64
CA TRP C 109 -13.96 -1.18 -39.41
C TRP C 109 -12.55 -0.86 -39.81
N GLY C 110 -11.73 -1.88 -39.86
CA GLY C 110 -10.34 -1.78 -40.26
C GLY C 110 -10.15 -1.88 -41.76
N GLN C 111 -8.89 -2.02 -42.13
CA GLN C 111 -8.44 -2.03 -43.50
C GLN C 111 -8.83 -3.21 -44.38
N GLY C 112 -8.83 -4.41 -43.82
CA GLY C 112 -9.12 -5.60 -44.60
C GLY C 112 -7.85 -6.20 -45.17
N THR C 113 -7.61 -7.48 -44.95
CA THR C 113 -6.42 -8.05 -45.58
C THR C 113 -6.73 -9.29 -46.37
N LEU C 114 -6.18 -9.36 -47.56
CA LEU C 114 -6.43 -10.50 -48.41
C LEU C 114 -5.56 -11.69 -48.09
N VAL C 115 -6.22 -12.82 -47.97
CA VAL C 115 -5.52 -14.07 -47.81
C VAL C 115 -5.95 -14.92 -48.99
N THR C 116 -4.96 -15.37 -49.74
CA THR C 116 -5.19 -16.20 -50.91
C THR C 116 -4.72 -17.60 -50.67
N VAL C 117 -5.56 -18.56 -51.00
CA VAL C 117 -5.15 -19.94 -50.83
C VAL C 117 -5.15 -20.58 -52.20
N SER C 118 -3.98 -21.03 -52.62
CA SER C 118 -3.80 -21.56 -53.96
C SER C 118 -2.55 -22.45 -54.08
N SER C 119 -2.44 -23.21 -55.20
CA SER C 119 -1.30 -24.06 -55.54
C SER C 119 -0.22 -23.27 -56.30
N ILE D 2 -30.39 -18.17 -37.85
CA ILE D 2 -31.54 -17.53 -38.46
C ILE D 2 -31.13 -17.22 -39.90
N VAL D 3 -32.10 -17.30 -40.84
CA VAL D 3 -31.93 -17.03 -42.27
C VAL D 3 -32.35 -15.62 -42.61
N LEU D 4 -31.44 -14.88 -43.20
CA LEU D 4 -31.67 -13.51 -43.59
C LEU D 4 -31.65 -13.40 -45.10
N THR D 5 -32.74 -12.88 -45.67
CA THR D 5 -32.89 -12.73 -47.12
C THR D 5 -33.09 -11.26 -47.41
N GLN D 6 -31.97 -10.63 -47.65
CA GLN D 6 -31.79 -9.19 -47.81
C GLN D 6 -31.77 -8.68 -49.22
N ALA D 7 -31.40 -9.53 -50.17
CA ALA D 7 -31.29 -9.01 -51.52
C ALA D 7 -32.17 -9.70 -52.56
N PRO D 8 -33.52 -9.58 -52.50
CA PRO D 8 -34.48 -10.12 -53.45
C PRO D 8 -34.44 -9.41 -54.81
N PHE D 9 -33.83 -8.22 -54.87
CA PHE D 9 -33.79 -7.48 -56.12
C PHE D 9 -32.65 -6.49 -56.24
N SER D 10 -32.33 -6.13 -57.49
CA SER D 10 -31.41 -5.05 -57.79
C SER D 10 -32.25 -3.79 -57.90
N LEU D 11 -31.63 -2.63 -57.80
CA LEU D 11 -32.37 -1.39 -57.87
C LEU D 11 -31.67 -0.37 -58.75
N SER D 12 -32.42 0.34 -59.60
CA SER D 12 -31.83 1.36 -60.48
C SER D 12 -32.59 2.67 -60.38
N LEU D 13 -31.88 3.70 -59.91
CA LEU D 13 -32.45 5.01 -59.61
C LEU D 13 -31.71 6.19 -60.23
N SER D 14 -32.40 7.31 -60.34
CA SER D 14 -31.75 8.53 -60.75
C SER D 14 -31.36 9.29 -59.47
N PRO D 15 -30.24 10.01 -59.43
CA PRO D 15 -29.88 10.84 -58.30
C PRO D 15 -31.01 11.82 -58.04
N GLY D 16 -31.26 12.09 -56.76
CA GLY D 16 -32.31 12.98 -56.29
C GLY D 16 -33.59 12.24 -55.91
N GLU D 17 -33.71 10.98 -56.30
CA GLU D 17 -34.88 10.17 -56.02
C GLU D 17 -34.95 9.54 -54.64
N ARG D 18 -36.16 9.17 -54.26
CA ARG D 18 -36.44 8.44 -53.02
C ARG D 18 -36.69 6.98 -53.32
N ALA D 19 -36.11 6.09 -52.52
CA ALA D 19 -36.35 4.66 -52.68
C ALA D 19 -36.12 3.88 -51.41
N THR D 20 -36.70 2.69 -51.37
CA THR D 20 -36.50 1.83 -50.22
C THR D 20 -36.01 0.44 -50.56
N LEU D 21 -35.35 -0.15 -49.57
CA LEU D 21 -34.85 -1.52 -49.56
C LEU D 21 -35.36 -2.22 -48.33
N SER D 22 -35.62 -3.51 -48.40
CA SER D 22 -36.06 -4.16 -47.17
C SER D 22 -35.52 -5.57 -47.03
N CYS D 23 -35.45 -6.04 -45.75
CA CYS D 23 -34.95 -7.34 -45.33
C CYS D 23 -36.02 -8.16 -44.64
N ARG D 24 -36.01 -9.44 -44.95
CA ARG D 24 -36.91 -10.39 -44.33
C ARG D 24 -36.10 -11.45 -43.63
N ALA D 25 -36.69 -12.06 -42.60
CA ALA D 25 -35.97 -13.12 -41.90
C ALA D 25 -36.89 -14.22 -41.43
N SER D 26 -36.31 -15.41 -41.22
CA SER D 26 -37.05 -16.56 -40.73
C SER D 26 -37.54 -16.45 -39.29
N GLN D 27 -36.85 -15.67 -38.45
CA GLN D 27 -37.26 -15.44 -37.08
C GLN D 27 -37.02 -13.99 -36.75
N SER D 28 -37.38 -13.59 -35.54
CA SER D 28 -37.22 -12.21 -35.15
C SER D 28 -35.78 -11.86 -34.91
N VAL D 29 -35.41 -10.67 -35.32
CA VAL D 29 -34.05 -10.26 -35.06
C VAL D 29 -34.02 -9.60 -33.71
N SER D 30 -33.90 -10.44 -32.69
CA SER D 30 -33.97 -10.04 -31.30
C SER D 30 -35.07 -9.04 -31.15
N SER D 31 -34.78 -7.96 -30.45
CA SER D 31 -35.71 -6.86 -30.42
C SER D 31 -35.14 -5.69 -31.17
N SER D 32 -35.73 -5.43 -32.34
CA SER D 32 -35.31 -4.33 -33.19
C SER D 32 -33.80 -4.23 -33.35
N SER D 33 -33.14 -5.35 -33.64
CA SER D 33 -31.68 -5.37 -33.71
C SER D 33 -31.07 -5.79 -35.03
N LEU D 34 -31.68 -5.36 -36.14
CA LEU D 34 -31.13 -5.63 -37.44
C LEU D 34 -30.51 -4.34 -37.95
N ALA D 35 -29.19 -4.33 -38.11
CA ALA D 35 -28.46 -3.12 -38.50
C ALA D 35 -28.31 -3.00 -40.01
N TRP D 36 -28.16 -1.77 -40.51
CA TRP D 36 -27.91 -1.60 -41.95
C TRP D 36 -26.55 -1.06 -42.25
N TYR D 37 -25.94 -1.65 -43.29
CA TYR D 37 -24.62 -1.28 -43.79
C TYR D 37 -24.62 -0.86 -45.25
N HIS D 38 -23.68 0.03 -45.55
CA HIS D 38 -23.44 0.58 -46.88
C HIS D 38 -22.00 0.36 -47.33
N GLN D 39 -21.80 -0.33 -48.43
CA GLN D 39 -20.45 -0.62 -48.86
C GLN D 39 -20.07 -0.10 -50.24
N LYS D 40 -19.09 0.80 -50.22
CA LYS D 40 -18.51 1.38 -51.42
C LYS D 40 -17.49 0.36 -51.91
N PRO D 41 -17.38 0.02 -53.20
CA PRO D 41 -16.43 -0.95 -53.67
C PRO D 41 -15.03 -0.61 -53.21
N GLY D 42 -14.33 -1.62 -52.72
CA GLY D 42 -12.95 -1.48 -52.25
C GLY D 42 -12.86 -1.03 -50.80
N GLN D 43 -13.99 -0.71 -50.18
CA GLN D 43 -14.02 -0.22 -48.82
C GLN D 43 -14.61 -1.20 -47.81
N ALA D 44 -14.25 -0.99 -46.55
CA ALA D 44 -14.88 -1.73 -45.47
C ALA D 44 -16.32 -1.23 -45.40
N PRO D 45 -17.30 -2.03 -45.01
CA PRO D 45 -18.67 -1.62 -44.79
C PRO D 45 -18.80 -0.50 -43.78
N ARG D 46 -19.69 0.45 -44.05
CA ARG D 46 -19.96 1.55 -43.14
C ARG D 46 -21.32 1.35 -42.49
N LEU D 47 -21.42 1.58 -41.20
CA LEU D 47 -22.72 1.43 -40.54
C LEU D 47 -23.59 2.65 -40.76
N LEU D 48 -24.83 2.42 -41.20
CA LEU D 48 -25.78 3.51 -41.42
C LEU D 48 -26.78 3.61 -40.30
N ILE D 49 -27.41 2.49 -40.04
CA ILE D 49 -28.49 2.44 -39.06
C ILE D 49 -28.08 1.52 -37.96
N TYR D 50 -28.19 2.03 -36.75
CA TYR D 50 -27.85 1.34 -35.52
C TYR D 50 -29.11 0.76 -34.91
N GLY D 51 -29.17 -0.55 -34.88
CA GLY D 51 -30.40 -1.18 -34.43
C GLY D 51 -31.36 -1.01 -35.57
N ALA D 52 -32.63 -1.28 -35.35
CA ALA D 52 -33.58 -1.13 -36.45
C ALA D 52 -33.70 0.30 -36.97
N SER D 53 -33.59 1.31 -36.10
CA SER D 53 -33.83 2.68 -36.55
C SER D 53 -32.93 3.83 -36.09
N SER D 54 -31.93 3.64 -35.25
CA SER D 54 -31.21 4.83 -34.82
C SER D 54 -30.24 5.24 -35.89
N ARG D 55 -30.01 6.52 -36.05
CA ARG D 55 -29.02 6.85 -37.05
C ARG D 55 -27.65 6.71 -36.43
N ALA D 56 -26.74 6.03 -37.12
CA ALA D 56 -25.39 5.87 -36.60
C ALA D 56 -24.70 7.22 -36.60
N THR D 57 -23.81 7.44 -35.65
CA THR D 57 -23.12 8.71 -35.56
C THR D 57 -22.34 9.00 -36.83
N GLY D 58 -22.51 10.22 -37.35
CA GLY D 58 -21.82 10.68 -38.55
C GLY D 58 -22.60 10.48 -39.84
N ILE D 59 -23.73 9.82 -39.75
CA ILE D 59 -24.57 9.54 -40.90
C ILE D 59 -25.54 10.69 -41.21
N PRO D 60 -25.64 11.14 -42.48
CA PRO D 60 -26.54 12.16 -42.97
C PRO D 60 -28.00 11.82 -42.78
N ASP D 61 -28.81 12.86 -42.67
CA ASP D 61 -30.24 12.79 -42.43
C ASP D 61 -31.07 12.22 -43.57
N ARG D 62 -30.43 11.97 -44.71
CA ARG D 62 -31.11 11.37 -45.84
C ARG D 62 -31.43 9.92 -45.54
N PHE D 63 -30.74 9.33 -44.55
CA PHE D 63 -30.95 7.95 -44.19
C PHE D 63 -31.85 7.80 -43.00
N SER D 64 -32.81 6.89 -43.10
CA SER D 64 -33.70 6.58 -42.00
C SER D 64 -34.23 5.19 -42.20
N GLY D 65 -34.88 4.64 -41.19
CA GLY D 65 -35.49 3.33 -41.36
C GLY D 65 -36.20 2.89 -40.10
N SER D 66 -36.92 1.80 -40.23
CA SER D 66 -37.69 1.22 -39.14
C SER D 66 -38.10 -0.20 -39.47
N GLY D 67 -38.57 -0.91 -38.46
CA GLY D 67 -39.07 -2.26 -38.68
C GLY D 67 -39.07 -3.03 -37.39
N SER D 68 -39.50 -4.27 -37.48
CA SER D 68 -39.56 -5.12 -36.31
C SER D 68 -39.62 -6.56 -36.71
N GLY D 69 -39.37 -7.45 -35.75
CA GLY D 69 -39.61 -8.85 -36.05
C GLY D 69 -38.78 -9.37 -37.20
N THR D 70 -39.51 -9.84 -38.21
CA THR D 70 -39.04 -10.45 -39.44
C THR D 70 -39.13 -9.58 -40.69
N ASP D 71 -39.43 -8.28 -40.53
CA ASP D 71 -39.57 -7.39 -41.71
C ASP D 71 -39.08 -5.93 -41.45
N PHE D 72 -37.92 -5.56 -42.04
CA PHE D 72 -37.30 -4.24 -41.82
C PHE D 72 -37.05 -3.41 -43.09
N THR D 73 -37.20 -2.08 -43.00
CA THR D 73 -36.97 -1.21 -44.17
C THR D 73 -36.00 -0.04 -43.97
N LEU D 74 -35.14 0.15 -44.98
CA LEU D 74 -34.22 1.27 -45.10
C LEU D 74 -34.74 2.22 -46.16
N THR D 75 -34.82 3.50 -45.84
CA THR D 75 -35.26 4.51 -46.78
C THR D 75 -34.18 5.55 -47.03
N ILE D 76 -33.94 5.86 -48.29
CA ILE D 76 -33.01 6.93 -48.61
C ILE D 76 -33.73 7.96 -49.45
N SER D 77 -33.71 9.22 -49.00
CA SER D 77 -34.34 10.27 -49.79
C SER D 77 -33.23 11.13 -50.35
N ARG D 78 -33.49 11.96 -51.35
CA ARG D 78 -32.44 12.85 -51.83
C ARG D 78 -31.15 12.08 -52.13
N LEU D 79 -31.29 10.99 -52.86
CA LEU D 79 -30.18 10.11 -53.20
C LEU D 79 -29.04 10.81 -53.93
N GLU D 80 -27.80 10.59 -53.49
CA GLU D 80 -26.63 11.20 -54.13
C GLU D 80 -25.73 10.14 -54.75
N PRO D 81 -24.80 10.44 -55.69
CA PRO D 81 -23.88 9.49 -56.31
C PRO D 81 -23.15 8.58 -55.28
N GLU D 82 -22.91 9.09 -54.08
CA GLU D 82 -22.22 8.38 -53.00
C GLU D 82 -22.99 7.16 -52.49
N ASP D 83 -24.30 7.17 -52.72
CA ASP D 83 -25.22 6.15 -52.25
C ASP D 83 -25.37 5.00 -53.24
N PHE D 84 -24.80 5.12 -54.43
CA PHE D 84 -25.03 4.07 -55.42
C PHE D 84 -24.03 2.92 -55.34
N SER D 85 -24.19 2.14 -54.29
CA SER D 85 -23.31 1.01 -54.01
C SER D 85 -24.11 -0.13 -53.36
N LEU D 86 -23.42 -1.02 -52.60
CA LEU D 86 -24.12 -2.16 -52.04
C LEU D 86 -24.73 -1.94 -50.66
N TYR D 87 -25.87 -2.57 -50.42
CA TYR D 87 -26.47 -2.53 -49.10
C TYR D 87 -26.62 -3.90 -48.49
N TYR D 88 -26.42 -3.96 -47.17
CA TYR D 88 -26.52 -5.18 -46.38
C TYR D 88 -27.31 -4.98 -45.07
N CYS D 89 -27.84 -6.09 -44.51
CA CYS D 89 -28.46 -6.18 -43.19
C CYS D 89 -27.61 -7.11 -42.34
N GLN D 90 -27.46 -6.79 -41.04
CA GLN D 90 -26.73 -7.66 -40.11
C GLN D 90 -27.48 -7.92 -38.82
N GLN D 91 -27.68 -9.19 -38.48
CA GLN D 91 -28.41 -9.51 -37.27
C GLN D 91 -27.51 -9.52 -36.05
N TYR D 92 -27.10 -8.33 -35.65
CA TYR D 92 -26.16 -8.20 -34.56
C TYR D 92 -26.77 -8.64 -33.24
N GLY D 93 -28.11 -8.59 -33.10
CA GLY D 93 -28.71 -9.01 -31.84
C GLY D 93 -29.00 -10.53 -31.75
N SER D 94 -28.75 -11.27 -32.83
CA SER D 94 -29.03 -12.72 -32.91
C SER D 94 -27.85 -13.54 -32.43
N SER D 95 -28.02 -14.85 -32.24
CA SER D 95 -26.87 -15.64 -31.81
C SER D 95 -25.71 -15.60 -32.85
N PRO D 96 -25.82 -16.10 -34.11
CA PRO D 96 -24.85 -15.86 -35.16
C PRO D 96 -25.08 -14.45 -35.65
N LEU D 97 -24.05 -13.68 -35.93
CA LEU D 97 -24.31 -12.33 -36.41
C LEU D 97 -24.34 -12.29 -37.92
N THR D 98 -25.32 -12.97 -38.49
CA THR D 98 -25.41 -13.17 -39.93
C THR D 98 -25.62 -11.91 -40.75
N PHE D 99 -24.99 -11.88 -41.93
CA PHE D 99 -25.10 -10.82 -42.93
C PHE D 99 -25.90 -11.22 -44.14
N GLY D 100 -26.53 -10.23 -44.76
CA GLY D 100 -27.28 -10.42 -45.98
C GLY D 100 -26.38 -10.58 -47.20
N GLN D 101 -27.00 -10.76 -48.36
CA GLN D 101 -26.34 -11.04 -49.63
C GLN D 101 -25.69 -9.85 -50.34
N GLY D 102 -26.33 -8.69 -50.22
CA GLY D 102 -25.91 -7.46 -50.86
C GLY D 102 -26.80 -7.08 -52.04
N THR D 103 -27.36 -5.87 -52.02
CA THR D 103 -28.19 -5.38 -53.12
C THR D 103 -27.42 -4.28 -53.77
N ARG D 104 -27.47 -4.20 -55.09
CA ARG D 104 -26.75 -3.12 -55.74
C ARG D 104 -27.64 -2.06 -56.30
N LEU D 105 -27.27 -0.83 -56.00
CA LEU D 105 -27.96 0.31 -56.55
C LEU D 105 -27.19 0.94 -57.73
N GLU D 106 -27.85 0.96 -58.89
CA GLU D 106 -27.29 1.46 -60.14
C GLU D 106 -27.68 2.90 -60.43
N ILE D 107 -26.83 3.62 -61.20
CA ILE D 107 -27.11 5.00 -61.60
C ILE D 107 -27.64 5.08 -63.04
N LYS D 108 -28.84 5.70 -63.22
CA LYS D 108 -29.49 5.96 -64.53
C LYS D 108 -28.88 7.20 -65.22
N ASP E 1 -39.43 -31.82 16.39
CA ASP E 1 -40.48 -30.84 16.21
C ASP E 1 -39.90 -29.44 15.90
N THR E 2 -38.86 -28.98 16.65
CA THR E 2 -38.21 -27.66 16.42
C THR E 2 -36.75 -27.73 16.03
N ILE E 3 -36.41 -26.99 14.98
CA ILE E 3 -35.03 -26.80 14.52
C ILE E 3 -34.70 -25.33 14.58
N CYS E 4 -33.60 -24.95 15.26
CA CYS E 4 -33.14 -23.56 15.35
C CYS E 4 -31.74 -23.46 14.81
N ILE E 5 -31.49 -22.38 14.08
CA ILE E 5 -30.18 -22.14 13.52
C ILE E 5 -29.54 -21.01 14.23
N GLY E 6 -28.34 -21.25 14.69
CA GLY E 6 -27.59 -20.28 15.46
C GLY E 6 -26.13 -20.30 15.15
N TYR E 7 -25.39 -19.72 16.04
CA TYR E 7 -23.97 -19.60 15.93
C TYR E 7 -23.35 -19.57 17.30
N HIS E 8 -22.07 -19.83 17.36
CA HIS E 8 -21.26 -19.88 18.57
C HIS E 8 -21.17 -18.59 19.39
N ALA E 9 -21.26 -18.74 20.71
CA ALA E 9 -21.03 -17.64 21.64
C ALA E 9 -20.28 -18.24 22.81
N ASN E 10 -19.47 -17.43 23.50
CA ASN E 10 -18.68 -17.94 24.60
C ASN E 10 -18.38 -16.82 25.62
N ASN E 11 -17.40 -17.03 26.55
CA ASN E 11 -17.05 -16.10 27.64
C ASN E 11 -15.88 -15.13 27.30
N SER E 12 -15.42 -15.03 26.02
CA SER E 12 -14.33 -14.14 25.60
C SER E 12 -14.66 -12.65 25.66
N THR E 13 -13.69 -11.87 26.10
CA THR E 13 -13.83 -10.43 26.20
C THR E 13 -12.86 -9.69 25.29
N ASP E 14 -12.22 -10.42 24.38
CA ASP E 14 -11.29 -9.77 23.45
C ASP E 14 -12.10 -8.93 22.48
N THR E 15 -11.55 -7.79 22.04
CA THR E 15 -12.27 -6.99 21.07
C THR E 15 -11.46 -6.65 19.84
N VAL E 16 -12.17 -6.27 18.78
CA VAL E 16 -11.59 -5.83 17.52
C VAL E 16 -12.22 -4.55 17.05
N ASP E 17 -11.55 -3.86 16.14
CA ASP E 17 -12.13 -2.72 15.49
C ASP E 17 -12.40 -3.06 14.03
N THR E 18 -13.38 -2.39 13.42
CA THR E 18 -13.66 -2.53 12.00
C THR E 18 -13.77 -1.13 11.44
N VAL E 19 -14.03 -0.99 10.15
CA VAL E 19 -14.20 0.36 9.63
C VAL E 19 -15.53 1.01 10.03
N LEU E 20 -16.57 0.24 10.29
CA LEU E 20 -17.86 0.83 10.67
C LEU E 20 -18.09 0.95 12.18
N GLU E 21 -17.46 0.09 12.97
CA GLU E 21 -17.70 0.06 14.41
C GLU E 21 -16.43 -0.20 15.19
N LYS E 22 -16.43 0.21 16.47
CA LYS E 22 -15.25 0.02 17.33
C LYS E 22 -15.60 -0.79 18.57
N ASN E 23 -14.57 -1.44 19.20
CA ASN E 23 -14.65 -2.22 20.44
C ASN E 23 -15.72 -3.34 20.38
N VAL E 24 -15.68 -4.14 19.29
CA VAL E 24 -16.60 -5.26 19.03
C VAL E 24 -16.07 -6.47 19.75
N THR E 25 -16.88 -7.12 20.57
CA THR E 25 -16.38 -8.30 21.28
C THR E 25 -16.46 -9.47 20.33
N VAL E 26 -15.39 -10.23 20.22
CA VAL E 26 -15.24 -11.35 19.28
C VAL E 26 -14.91 -12.68 19.95
N THR E 27 -15.52 -13.77 19.46
CA THR E 27 -15.36 -15.09 20.05
C THR E 27 -13.95 -15.64 20.00
N HIS E 28 -13.18 -15.28 18.98
CA HIS E 28 -11.80 -15.69 18.81
C HIS E 28 -11.12 -14.76 17.82
N SER E 29 -9.88 -14.40 18.10
CA SER E 29 -9.15 -13.54 17.20
C SER E 29 -7.68 -13.87 17.22
N VAL E 30 -7.01 -13.45 16.17
CA VAL E 30 -5.58 -13.66 16.02
C VAL E 30 -4.79 -12.40 16.01
N ASN E 31 -3.84 -12.32 16.91
CA ASN E 31 -3.02 -11.14 16.97
C ASN E 31 -1.90 -11.32 15.97
N LEU E 32 -1.91 -10.50 14.92
CA LEU E 32 -0.92 -10.62 13.87
C LEU E 32 0.29 -9.78 14.14
N LEU E 33 0.25 -9.05 15.25
CA LEU E 33 1.34 -8.18 15.64
C LEU E 33 2.04 -8.75 16.86
N GLU E 34 3.29 -9.14 16.71
CA GLU E 34 4.05 -9.71 17.79
C GLU E 34 4.64 -8.65 18.70
N ASP E 35 4.36 -8.75 20.00
CA ASP E 35 4.91 -7.79 20.93
C ASP E 35 5.78 -8.37 22.05
N SER E 36 6.12 -9.66 21.99
CA SER E 36 6.97 -10.21 23.03
C SER E 36 8.37 -10.46 22.51
N HIS E 37 9.28 -10.71 23.42
CA HIS E 37 10.64 -11.09 23.10
C HIS E 37 11.21 -11.78 24.31
N ASN E 38 12.39 -12.35 24.15
CA ASN E 38 13.02 -13.09 25.24
C ASN E 38 13.76 -12.27 26.30
N GLY E 39 14.01 -10.98 26.07
CA GLY E 39 14.74 -10.18 27.06
C GLY E 39 16.25 -10.42 27.05
N LYS E 40 16.70 -11.24 26.11
CA LYS E 40 18.10 -11.64 26.01
C LYS E 40 18.52 -11.83 24.57
N LEU E 41 19.83 -11.74 24.33
CA LEU E 41 20.45 -11.91 23.02
C LEU E 41 20.46 -13.41 22.77
N CYS E 42 20.44 -13.87 21.49
CA CYS E 42 20.38 -15.29 21.17
C CYS E 42 21.13 -15.62 19.86
N LEU E 43 21.06 -16.91 19.50
CA LEU E 43 21.70 -17.53 18.37
C LEU E 43 20.83 -17.39 17.14
N LEU E 44 21.35 -16.64 16.18
CA LEU E 44 20.58 -16.32 14.99
C LEU E 44 20.82 -17.41 13.99
N LYS E 45 19.74 -18.14 13.70
CA LYS E 45 19.81 -19.32 12.86
C LYS E 45 20.82 -20.30 13.47
N GLY E 46 20.87 -20.36 14.82
CA GLY E 46 21.76 -21.27 15.53
C GLY E 46 23.19 -20.74 15.73
N ILE E 47 23.52 -19.58 15.20
CA ILE E 47 24.87 -19.04 15.32
C ILE E 47 24.97 -17.85 16.29
N ALA E 48 25.91 -17.97 17.21
CA ALA E 48 26.15 -16.93 18.20
C ALA E 48 26.71 -15.66 17.57
N PRO E 49 26.42 -14.49 18.13
CA PRO E 49 26.98 -13.22 17.79
C PRO E 49 28.34 -13.06 18.34
N LEU E 50 29.01 -12.05 17.87
CA LEU E 50 30.24 -11.66 18.48
C LEU E 50 29.87 -10.63 19.52
N GLN E 51 30.16 -10.91 20.78
CA GLN E 51 29.78 -9.99 21.83
C GLN E 51 30.96 -9.19 22.25
N LEU E 52 30.94 -7.89 21.99
CA LEU E 52 32.08 -7.07 22.31
C LEU E 52 31.97 -6.50 23.72
N GLY E 53 30.76 -6.45 24.28
CA GLY E 53 30.63 -5.92 25.63
C GLY E 53 31.07 -4.44 25.68
N ASN E 54 32.07 -4.14 26.54
CA ASN E 54 32.62 -2.80 26.77
C ASN E 54 33.33 -2.20 25.53
N CYS E 55 33.74 -3.07 24.57
CA CYS E 55 34.46 -2.68 23.37
C CYS E 55 33.53 -2.25 22.24
N SER E 56 34.05 -1.36 21.42
CA SER E 56 33.42 -0.90 20.20
C SER E 56 33.96 -1.72 19.05
N VAL E 57 33.40 -1.60 17.86
CA VAL E 57 33.98 -2.33 16.75
C VAL E 57 35.42 -1.89 16.53
N ALA E 58 35.71 -0.58 16.59
CA ALA E 58 37.10 -0.15 16.41
C ALA E 58 37.98 -0.77 17.47
N GLY E 59 37.49 -0.92 18.69
CA GLY E 59 38.28 -1.51 19.75
C GLY E 59 38.69 -2.91 19.36
N TRP E 60 37.73 -3.72 18.99
CA TRP E 60 37.99 -5.08 18.59
C TRP E 60 38.89 -5.25 17.37
N ILE E 61 38.62 -4.49 16.32
CA ILE E 61 39.41 -4.53 15.10
C ILE E 61 40.83 -4.02 15.29
N LEU E 62 40.99 -2.95 16.02
CA LEU E 62 42.31 -2.41 16.25
C LEU E 62 43.04 -3.30 17.28
N GLY E 63 42.28 -3.94 18.17
CA GLY E 63 42.89 -4.78 19.17
C GLY E 63 43.21 -4.04 20.45
N ASN E 64 42.28 -3.22 20.92
CA ASN E 64 42.44 -2.46 22.14
C ASN E 64 42.91 -3.40 23.21
N PRO E 65 43.85 -3.02 24.07
CA PRO E 65 44.35 -3.85 25.13
C PRO E 65 43.25 -4.50 25.98
N GLU E 66 42.11 -3.85 26.13
CA GLU E 66 41.02 -4.39 26.94
C GLU E 66 40.00 -5.31 26.20
N CYS E 67 40.22 -5.59 24.90
CA CYS E 67 39.39 -6.38 23.99
C CYS E 67 40.07 -7.73 23.77
N GLU E 68 40.90 -8.14 24.72
CA GLU E 68 41.68 -9.37 24.64
C GLU E 68 40.82 -10.60 24.47
N LEU E 69 39.69 -10.63 25.13
CA LEU E 69 38.87 -11.82 25.13
C LEU E 69 37.98 -11.87 23.91
N LEU E 70 38.06 -10.85 23.08
CA LEU E 70 37.24 -10.77 21.91
C LEU E 70 37.97 -11.20 20.66
N ILE E 71 39.24 -11.60 20.78
CA ILE E 71 39.98 -11.93 19.57
C ILE E 71 40.21 -13.41 19.38
N SER E 72 39.41 -14.23 20.06
CA SER E 72 39.43 -15.68 19.92
C SER E 72 38.33 -16.24 19.01
N LYS E 73 37.25 -15.49 18.78
CA LYS E 73 36.13 -15.99 17.99
C LYS E 73 36.33 -15.75 16.48
N GLU E 74 36.21 -16.82 15.67
CA GLU E 74 36.44 -16.74 14.22
C GLU E 74 35.23 -16.61 13.31
N SER E 75 34.00 -16.66 13.82
CA SER E 75 32.84 -16.50 12.93
C SER E 75 31.69 -15.96 13.73
N TRP E 76 30.76 -15.25 13.08
CA TRP E 76 29.59 -14.76 13.79
C TRP E 76 28.40 -14.48 12.94
N SER E 77 27.25 -14.45 13.59
CA SER E 77 26.02 -14.09 12.92
C SER E 77 25.69 -12.59 12.88
N TYR E 78 26.18 -11.84 13.85
CA TYR E 78 25.98 -10.40 14.00
C TYR E 78 26.98 -9.89 15.03
N ILE E 79 27.15 -8.56 15.16
CA ILE E 79 28.04 -8.00 16.18
C ILE E 79 27.29 -7.19 17.21
N VAL E 80 27.54 -7.45 18.50
CA VAL E 80 26.85 -6.74 19.57
C VAL E 80 27.78 -5.86 20.38
N GLU E 81 27.46 -4.58 20.47
CA GLU E 81 28.19 -3.62 21.27
C GLU E 81 27.31 -3.23 22.46
N THR E 82 27.87 -2.87 23.61
CA THR E 82 27.06 -2.34 24.70
C THR E 82 26.47 -1.01 24.18
N PRO E 83 25.39 -0.44 24.74
CA PRO E 83 24.75 0.79 24.29
C PRO E 83 25.68 1.99 24.11
N ASN E 84 26.72 2.07 24.92
CA ASN E 84 27.65 3.17 24.81
C ASN E 84 29.05 2.66 25.10
N PRO E 85 29.74 2.08 24.11
CA PRO E 85 31.04 1.45 24.23
C PRO E 85 32.06 2.38 24.79
N GLU E 86 32.91 1.83 25.63
CA GLU E 86 33.98 2.59 26.27
C GLU E 86 35.41 2.34 25.73
N ASN E 87 35.70 1.09 25.25
CA ASN E 87 37.02 0.67 24.80
C ASN E 87 37.05 0.56 23.26
N GLY E 88 37.55 1.63 22.62
CA GLY E 88 37.60 1.82 21.17
C GLY E 88 38.95 2.35 20.78
N THR E 89 38.93 3.55 20.28
CA THR E 89 40.17 4.16 20.00
C THR E 89 40.74 4.55 21.38
N CYS E 90 41.97 4.08 21.73
CA CYS E 90 42.64 4.36 23.00
C CYS E 90 43.72 5.41 22.79
N TYR E 91 44.01 5.66 21.54
CA TYR E 91 44.95 6.68 21.14
C TYR E 91 44.13 7.46 20.13
N PRO E 92 43.55 8.60 20.51
CA PRO E 92 42.50 9.28 19.80
C PRO E 92 42.91 9.69 18.42
N GLY E 93 41.95 9.72 17.51
CA GLY E 93 42.18 10.12 16.13
C GLY E 93 40.96 9.81 15.30
N TYR E 94 41.05 10.12 14.03
CA TYR E 94 39.95 9.89 13.11
C TYR E 94 40.05 8.52 12.48
N PHE E 95 38.96 7.78 12.51
CA PHE E 95 38.97 6.47 11.89
C PHE E 95 38.28 6.65 10.56
N ALA E 96 39.02 6.55 9.48
CA ALA E 96 38.47 6.81 8.18
C ALA E 96 37.48 5.77 7.77
N ASP E 97 36.38 6.21 7.18
CA ASP E 97 35.39 5.32 6.65
C ASP E 97 34.99 4.28 7.68
N TYR E 98 34.83 4.70 8.93
CA TYR E 98 34.50 3.80 10.00
C TYR E 98 33.15 3.20 9.78
N GLU E 99 32.21 4.04 9.37
CA GLU E 99 30.86 3.62 9.13
C GLU E 99 30.83 2.61 7.99
N GLU E 100 31.73 2.72 7.01
CA GLU E 100 31.74 1.75 5.93
C GLU E 100 32.34 0.43 6.41
N LEU E 101 33.37 0.50 7.25
CA LEU E 101 34.01 -0.72 7.71
C LEU E 101 33.04 -1.57 8.51
N ARG E 102 32.22 -0.91 9.30
CA ARG E 102 31.26 -1.61 10.13
C ARG E 102 30.15 -2.25 9.31
N GLU E 103 29.98 -1.82 8.07
CA GLU E 103 28.96 -2.39 7.22
C GLU E 103 29.57 -3.69 6.70
N GLN E 104 30.84 -3.61 6.30
CA GLN E 104 31.54 -4.74 5.70
C GLN E 104 31.75 -5.91 6.67
N LEU E 105 31.94 -5.60 7.94
CA LEU E 105 32.13 -6.60 8.99
C LEU E 105 30.84 -7.05 9.62
N SER E 106 29.72 -6.55 9.13
CA SER E 106 28.47 -6.83 9.76
C SER E 106 28.10 -8.31 9.74
N SER E 107 28.68 -9.10 8.82
CA SER E 107 28.46 -10.54 8.74
C SER E 107 29.68 -11.25 8.18
N VAL E 108 30.33 -12.05 8.98
CA VAL E 108 31.51 -12.75 8.51
C VAL E 108 31.40 -14.24 8.81
N SER E 109 31.53 -15.05 7.76
CA SER E 109 31.44 -16.50 7.87
C SER E 109 32.75 -17.06 8.42
N SER E 110 33.84 -16.39 8.09
CA SER E 110 35.18 -16.76 8.55
C SER E 110 36.02 -15.51 8.74
N PHE E 111 36.60 -15.38 9.91
CA PHE E 111 37.44 -14.26 10.26
C PHE E 111 38.76 -14.73 10.83
N GLU E 112 39.71 -15.01 9.98
CA GLU E 112 40.95 -15.55 10.50
C GLU E 112 41.88 -14.42 10.85
N ARG E 113 42.30 -14.35 12.11
CA ARG E 113 43.21 -13.28 12.47
C ARG E 113 44.58 -13.86 12.29
N PHE E 114 45.31 -13.40 11.31
CA PHE E 114 46.59 -14.00 11.06
C PHE E 114 47.64 -12.95 11.16
N GLU E 115 48.86 -13.34 11.42
CA GLU E 115 49.87 -12.34 11.52
C GLU E 115 50.33 -12.09 10.10
N ILE E 116 50.10 -10.89 9.61
CA ILE E 116 50.40 -10.52 8.23
C ILE E 116 51.86 -10.18 8.04
N PHE E 117 52.42 -9.50 9.02
CA PHE E 117 53.82 -9.13 8.98
C PHE E 117 54.48 -9.51 10.28
N PRO E 118 54.98 -10.75 10.43
CA PRO E 118 55.48 -11.25 11.68
C PRO E 118 56.42 -10.26 12.27
N LYS E 119 56.22 -9.94 13.53
CA LYS E 119 56.97 -8.86 14.15
C LYS E 119 58.48 -8.99 14.12
N GLU E 120 58.99 -10.14 14.51
CA GLU E 120 60.42 -10.31 14.62
C GLU E 120 61.17 -10.34 13.30
N SER E 121 60.61 -11.01 12.32
CA SER E 121 61.29 -11.11 11.04
C SER E 121 60.98 -9.97 10.09
N SER E 122 59.83 -9.29 10.26
CA SER E 122 59.48 -8.24 9.32
C SER E 122 60.19 -6.93 9.58
N TRP E 123 60.47 -6.59 10.82
CA TRP E 123 61.08 -5.29 10.98
C TRP E 123 62.35 -5.22 11.84
N PRO E 124 63.41 -5.95 11.49
CA PRO E 124 64.67 -6.00 12.22
C PRO E 124 65.54 -4.72 12.22
N ASN E 125 65.28 -3.76 11.30
CA ASN E 125 66.07 -2.55 11.10
C ASN E 125 65.52 -1.29 11.83
N HIS E 126 64.45 -1.42 12.65
CA HIS E 126 63.86 -0.29 13.41
C HIS E 126 63.12 -0.78 14.66
N THR E 127 62.58 0.16 15.41
CA THR E 127 61.96 -0.15 16.68
C THR E 127 60.52 -0.57 16.52
N VAL E 128 60.19 -1.68 17.16
CA VAL E 128 58.86 -2.27 17.13
C VAL E 128 58.26 -2.29 18.52
N THR E 129 58.76 -1.39 19.34
CA THR E 129 58.33 -1.20 20.69
C THR E 129 57.82 0.22 20.78
N GLY E 130 57.30 0.59 21.93
CA GLY E 130 56.74 1.90 22.13
C GLY E 130 55.27 1.74 22.44
N VAL E 131 54.89 2.35 23.55
CA VAL E 131 53.56 2.30 24.10
C VAL E 131 53.03 3.66 24.51
N SER E 132 51.73 3.74 24.76
CA SER E 132 51.11 4.96 25.26
C SER E 132 50.37 4.75 26.56
N ALA E 133 50.47 5.73 27.44
CA ALA E 133 49.75 5.70 28.71
C ALA E 133 48.26 5.65 28.48
N SER E 134 47.82 6.25 27.38
CA SER E 134 46.39 6.31 27.07
C SER E 134 45.74 4.95 26.74
N CYS E 135 46.57 3.92 26.42
CA CYS E 135 46.18 2.56 26.09
C CYS E 135 46.64 1.66 27.25
N SER E 136 46.91 2.25 28.40
CA SER E 136 47.40 1.46 29.52
C SER E 136 46.48 0.33 29.91
N HIS E 137 47.09 -0.82 30.16
CA HIS E 137 46.43 -2.07 30.50
C HIS E 137 47.01 -2.61 31.80
N ASN E 138 46.17 -2.71 32.82
CA ASN E 138 46.58 -3.18 34.14
C ASN E 138 47.69 -2.31 34.72
N GLY E 139 47.62 -1.02 34.46
CA GLY E 139 48.59 -0.07 35.01
C GLY E 139 49.83 0.12 34.13
N LYS E 140 49.99 -0.66 33.08
CA LYS E 140 51.18 -0.51 32.27
C LYS E 140 50.86 0.11 30.93
N SER E 141 51.69 1.05 30.48
CA SER E 141 51.45 1.67 29.19
C SER E 141 51.45 0.57 28.15
N SER E 142 50.57 0.68 27.16
CA SER E 142 50.47 -0.37 26.16
C SER E 142 50.02 0.16 24.80
N PHE E 143 49.61 -0.74 23.91
CA PHE E 143 49.17 -0.35 22.59
C PHE E 143 48.30 -1.44 22.03
N TYR E 144 47.81 -1.23 20.85
CA TYR E 144 46.96 -2.15 20.15
C TYR E 144 47.65 -3.45 19.80
N ARG E 145 46.90 -4.54 19.83
CA ARG E 145 47.42 -5.84 19.46
C ARG E 145 47.47 -6.12 17.97
N ASN E 146 46.62 -5.48 17.14
CA ASN E 146 46.67 -5.82 15.72
C ASN E 146 47.52 -4.87 14.91
N LEU E 147 47.99 -3.82 15.56
CA LEU E 147 48.81 -2.78 14.95
C LEU E 147 50.11 -2.61 15.67
N LEU E 148 51.15 -2.29 14.94
CA LEU E 148 52.42 -2.13 15.58
C LEU E 148 52.93 -0.70 15.39
N TRP E 149 53.26 -0.03 16.48
CA TRP E 149 53.72 1.34 16.34
C TRP E 149 55.17 1.29 15.96
N LEU E 150 55.57 1.92 14.85
CA LEU E 150 56.97 1.86 14.48
C LEU E 150 57.65 3.18 14.71
N THR E 151 58.84 3.12 15.31
CA THR E 151 59.67 4.30 15.59
C THR E 151 61.08 3.99 15.16
N GLY E 152 61.96 4.98 15.17
CA GLY E 152 63.33 4.70 14.77
C GLY E 152 64.14 3.94 15.82
N LYS E 153 65.29 3.41 15.38
CA LYS E 153 66.23 2.68 16.22
C LYS E 153 67.59 3.31 16.10
N ASN E 154 68.15 3.72 17.21
CA ASN E 154 69.49 4.32 17.25
C ASN E 154 69.63 5.51 16.30
N GLY E 155 68.59 6.33 16.20
CA GLY E 155 68.65 7.51 15.36
C GLY E 155 68.17 7.29 13.93
N LEU E 156 67.88 6.06 13.54
CA LEU E 156 67.43 5.85 12.17
C LEU E 156 66.02 5.35 12.01
N TYR E 157 65.36 5.88 11.00
CA TYR E 157 64.06 5.41 10.59
C TYR E 157 64.24 5.20 9.10
N PRO E 158 64.52 3.99 8.63
CA PRO E 158 64.85 3.70 7.26
C PRO E 158 63.60 3.82 6.46
N ASN E 159 63.74 4.03 5.15
CA ASN E 159 62.55 4.00 4.34
C ASN E 159 62.03 2.59 4.41
N LEU E 160 60.75 2.45 4.63
CA LEU E 160 60.19 1.13 4.73
C LEU E 160 59.55 0.77 3.45
N SER E 161 59.60 -0.51 3.12
CA SER E 161 58.90 -1.05 1.97
C SER E 161 58.47 -2.48 2.22
N LYS E 162 57.17 -2.71 2.18
CA LYS E 162 56.61 -4.04 2.40
C LYS E 162 55.59 -4.41 1.39
N SER E 163 55.52 -5.68 1.07
CA SER E 163 54.54 -6.14 0.12
C SER E 163 53.87 -7.43 0.53
N TYR E 164 52.56 -7.40 0.65
CA TYR E 164 51.83 -8.60 1.01
C TYR E 164 50.99 -9.09 -0.13
N VAL E 165 51.16 -10.36 -0.44
CA VAL E 165 50.40 -10.96 -1.52
C VAL E 165 49.27 -11.77 -0.99
N ASN E 166 48.08 -11.53 -1.49
CA ASN E 166 46.98 -12.25 -0.94
C ASN E 166 46.89 -13.62 -1.56
N ASN E 167 47.49 -14.57 -0.87
CA ASN E 167 47.57 -15.94 -1.33
C ASN E 167 46.47 -16.81 -0.76
N LYS E 168 45.48 -16.19 -0.13
CA LYS E 168 44.37 -16.94 0.41
C LYS E 168 43.18 -16.73 -0.50
N GLU E 169 42.24 -17.65 -0.55
CA GLU E 169 41.04 -17.36 -1.36
C GLU E 169 40.01 -16.65 -0.49
N LYS E 170 40.42 -15.51 0.01
CA LYS E 170 39.70 -14.67 0.94
C LYS E 170 40.09 -13.23 0.74
N GLU E 171 39.24 -12.32 1.16
CA GLU E 171 39.62 -10.91 1.09
C GLU E 171 40.43 -10.63 2.32
N VAL E 172 41.43 -9.81 2.24
CA VAL E 172 42.16 -9.54 3.47
C VAL E 172 42.03 -8.10 3.91
N LEU E 173 41.55 -7.94 5.13
CA LEU E 173 41.38 -6.61 5.68
C LEU E 173 42.64 -6.18 6.32
N VAL E 174 43.18 -5.12 5.78
CA VAL E 174 44.43 -4.61 6.25
C VAL E 174 44.23 -3.27 6.87
N LEU E 175 44.69 -3.15 8.09
CA LEU E 175 44.54 -1.94 8.87
C LEU E 175 45.88 -1.28 9.03
N TRP E 176 45.90 0.03 9.08
CA TRP E 176 47.14 0.71 9.39
C TRP E 176 46.79 2.07 9.91
N GLY E 177 47.76 2.80 10.42
CA GLY E 177 47.44 4.15 10.80
C GLY E 177 48.58 5.11 10.51
N VAL E 178 48.31 6.38 10.75
CA VAL E 178 49.29 7.42 10.57
C VAL E 178 49.39 8.26 11.83
N HIS E 179 50.60 8.46 12.29
CA HIS E 179 50.80 9.27 13.47
C HIS E 179 50.79 10.75 13.10
N HIS E 180 50.09 11.53 13.90
CA HIS E 180 49.94 12.97 13.79
C HIS E 180 50.37 13.66 15.09
N PRO E 181 51.65 13.93 15.27
CA PRO E 181 52.25 14.49 16.46
C PRO E 181 51.61 15.82 16.80
N PRO E 182 51.56 16.21 18.08
CA PRO E 182 51.07 17.48 18.55
C PRO E 182 52.05 18.61 18.24
N ASN E 183 53.28 18.24 17.98
CA ASN E 183 54.31 19.21 17.75
C ASN E 183 55.50 18.61 16.99
N ILE E 184 56.48 19.47 16.72
CA ILE E 184 57.67 19.07 16.02
C ILE E 184 58.58 18.23 16.88
N GLY E 185 58.73 18.59 18.15
CA GLY E 185 59.63 17.82 18.99
C GLY E 185 59.20 16.36 19.06
N ASN E 186 57.90 16.10 19.12
CA ASN E 186 57.43 14.74 19.17
C ASN E 186 57.72 14.02 17.87
N GLN E 187 57.51 14.68 16.74
CA GLN E 187 57.77 13.97 15.52
C GLN E 187 59.24 13.65 15.40
N ARG E 188 60.12 14.58 15.79
CA ARG E 188 61.56 14.35 15.69
C ARG E 188 62.07 13.28 16.63
N ALA E 189 61.44 13.19 17.80
CA ALA E 189 61.80 12.20 18.77
C ALA E 189 61.54 10.78 18.28
N LEU E 190 60.46 10.61 17.53
CA LEU E 190 60.08 9.29 17.06
C LEU E 190 60.59 8.95 15.67
N TYR E 191 60.59 9.95 14.78
CA TYR E 191 60.95 9.79 13.38
C TYR E 191 62.04 10.79 13.13
N HIS E 192 62.93 10.56 12.21
CA HIS E 192 64.00 11.51 12.12
C HIS E 192 63.96 12.44 10.92
N THR E 193 62.78 12.56 10.34
CA THR E 193 62.56 13.46 9.22
C THR E 193 61.27 14.22 9.46
N GLU E 194 61.24 15.48 9.08
CA GLU E 194 60.01 16.25 9.24
C GLU E 194 59.05 16.06 8.08
N ASN E 195 59.60 15.82 6.90
CA ASN E 195 58.80 15.66 5.69
C ASN E 195 58.43 14.20 5.54
N ALA E 196 57.68 13.73 6.52
CA ALA E 196 57.27 12.35 6.58
C ALA E 196 56.01 12.15 5.76
N TYR E 197 55.86 10.96 5.23
CA TYR E 197 54.67 10.55 4.51
C TYR E 197 54.58 9.05 4.58
N VAL E 198 53.40 8.52 4.31
CA VAL E 198 53.32 7.09 4.13
C VAL E 198 52.56 6.93 2.82
N SER E 199 52.67 5.79 2.19
CA SER E 199 51.97 5.53 0.95
C SER E 199 51.50 4.12 0.84
N VAL E 200 50.24 3.95 0.49
CA VAL E 200 49.73 2.61 0.37
C VAL E 200 49.08 2.40 -0.98
N VAL E 201 49.53 1.39 -1.71
CA VAL E 201 48.93 1.12 -3.00
C VAL E 201 48.61 -0.35 -3.20
N SER E 202 47.67 -0.62 -4.08
CA SER E 202 47.34 -2.00 -4.47
C SER E 202 46.92 -1.89 -5.91
N SER E 203 46.56 -2.98 -6.57
CA SER E 203 46.25 -2.82 -7.99
C SER E 203 45.18 -1.77 -8.23
N HIS E 204 44.19 -1.68 -7.32
CA HIS E 204 43.10 -0.74 -7.47
C HIS E 204 42.93 0.17 -6.25
N TYR E 205 44.03 0.54 -5.61
CA TYR E 205 43.98 1.44 -4.45
C TYR E 205 45.18 2.33 -4.42
N SER E 206 44.99 3.61 -4.13
CA SER E 206 46.14 4.45 -3.97
C SER E 206 45.88 5.63 -3.09
N ARG E 207 46.63 5.73 -2.01
CA ARG E 207 46.53 6.86 -1.12
C ARG E 207 47.90 7.30 -0.66
N ARG E 208 48.06 8.59 -0.50
CA ARG E 208 49.30 9.09 0.06
C ARG E 208 48.88 9.93 1.23
N PHE E 209 49.56 9.78 2.34
CA PHE E 209 49.15 10.50 3.53
C PHE E 209 50.33 11.24 4.11
N THR E 210 50.07 12.36 4.73
CA THR E 210 51.14 13.10 5.40
C THR E 210 50.63 13.40 6.80
N PRO E 211 51.48 13.65 7.80
CA PRO E 211 51.09 14.06 9.12
C PRO E 211 50.61 15.49 9.12
N GLU E 212 49.69 15.80 10.00
CA GLU E 212 49.26 17.15 10.24
C GLU E 212 49.59 17.51 11.67
N ILE E 213 50.71 18.20 11.85
CA ILE E 213 51.16 18.52 13.19
C ILE E 213 50.54 19.78 13.70
N ALA E 214 49.89 19.66 14.86
CA ALA E 214 49.20 20.80 15.44
C ALA E 214 48.91 20.62 16.90
N LYS E 215 48.83 21.71 17.63
CA LYS E 215 48.35 21.61 18.99
C LYS E 215 46.88 21.31 18.93
N ARG E 216 46.44 20.35 19.70
CA ARG E 216 45.04 19.96 19.71
C ARG E 216 44.56 19.93 21.16
N PRO E 217 43.27 20.08 21.44
CA PRO E 217 42.72 19.93 22.76
C PRO E 217 43.01 18.52 23.20
N LYS E 218 43.21 18.30 24.48
CA LYS E 218 43.44 16.93 24.88
C LYS E 218 42.22 16.07 24.89
N VAL E 219 42.44 14.84 24.49
CA VAL E 219 41.48 13.76 24.56
C VAL E 219 42.21 12.69 25.35
N ARG E 220 41.58 12.18 26.39
CA ARG E 220 42.27 11.31 27.32
C ARG E 220 43.40 12.20 27.79
N ASP E 221 44.65 11.77 27.78
CA ASP E 221 45.70 12.67 28.19
C ASP E 221 46.62 13.05 27.04
N GLN E 222 46.18 12.80 25.80
CA GLN E 222 47.01 13.04 24.63
C GLN E 222 46.73 14.32 23.90
N GLU E 223 47.79 14.91 23.35
CA GLU E 223 47.65 16.07 22.48
C GLU E 223 47.72 15.68 21.02
N GLY E 224 48.42 14.58 20.69
CA GLY E 224 48.53 14.19 19.29
C GLY E 224 47.41 13.26 18.91
N ARG E 225 47.44 12.77 17.67
CA ARG E 225 46.42 11.85 17.21
C ARG E 225 46.96 10.76 16.28
N ILE E 226 46.25 9.63 16.22
CA ILE E 226 46.54 8.60 15.21
C ILE E 226 45.35 8.33 14.35
N ASN E 227 45.48 8.48 13.06
CA ASN E 227 44.33 8.21 12.23
C ASN E 227 44.38 6.79 11.79
N TYR E 228 43.22 6.21 11.56
CA TYR E 228 43.19 4.82 11.15
C TYR E 228 42.61 4.69 9.76
N TYR E 229 43.24 3.86 8.97
CA TYR E 229 42.88 3.65 7.60
C TYR E 229 42.81 2.18 7.30
N TRP E 230 42.05 1.81 6.29
CA TRP E 230 41.98 0.40 5.94
C TRP E 230 41.61 0.16 4.49
N THR E 231 41.88 -1.05 4.04
CA THR E 231 41.44 -1.48 2.70
C THR E 231 41.19 -2.97 2.64
N LEU E 232 40.35 -3.39 1.71
CA LEU E 232 40.12 -4.82 1.49
C LEU E 232 40.87 -5.28 0.27
N LEU E 233 41.78 -6.21 0.49
CA LEU E 233 42.60 -6.73 -0.58
C LEU E 233 41.97 -7.96 -1.19
N GLU E 234 41.71 -7.94 -2.49
CA GLU E 234 41.06 -9.06 -3.15
C GLU E 234 42.07 -10.20 -3.36
N PRO E 235 41.64 -11.46 -3.45
CA PRO E 235 42.52 -12.60 -3.68
C PRO E 235 43.34 -12.37 -4.91
N GLY E 236 44.64 -12.63 -4.80
CA GLY E 236 45.57 -12.49 -5.90
C GLY E 236 46.17 -11.09 -6.01
N ASP E 237 45.65 -10.13 -5.26
CA ASP E 237 46.19 -8.78 -5.36
C ASP E 237 47.33 -8.62 -4.36
N THR E 238 47.95 -7.44 -4.36
CA THR E 238 49.07 -7.13 -3.48
C THR E 238 49.00 -5.74 -2.85
N ILE E 239 49.38 -5.59 -1.59
CA ILE E 239 49.47 -4.22 -1.04
C ILE E 239 50.89 -3.86 -0.79
N ILE E 240 51.30 -2.74 -1.35
CA ILE E 240 52.63 -2.25 -1.14
C ILE E 240 52.58 -1.05 -0.22
N PHE E 241 53.30 -1.14 0.88
CA PHE E 241 53.38 -0.08 1.87
C PHE E 241 54.72 0.56 1.83
N GLU E 242 54.74 1.88 1.88
CA GLU E 242 55.98 2.61 1.97
C GLU E 242 55.89 3.68 3.05
N ALA E 243 56.99 3.98 3.68
CA ALA E 243 56.97 5.08 4.64
C ALA E 243 58.34 5.64 4.94
N ASN E 244 58.40 6.92 5.29
CA ASN E 244 59.66 7.46 5.80
C ASN E 244 59.41 8.06 7.17
N GLY E 245 58.29 7.66 7.77
CA GLY E 245 57.90 8.12 9.09
C GLY E 245 56.40 8.06 9.31
N ASN E 246 56.04 8.14 10.59
CA ASN E 246 54.69 8.12 11.12
C ASN E 246 53.86 6.93 10.74
N LEU E 247 54.45 5.75 10.67
CA LEU E 247 53.64 4.59 10.34
C LEU E 247 53.29 3.73 11.53
N ILE E 248 52.01 3.41 11.61
CA ILE E 248 51.52 2.42 12.54
C ILE E 248 51.25 1.25 11.62
N ALA E 249 52.10 0.25 11.69
CA ALA E 249 52.09 -0.80 10.70
C ALA E 249 51.05 -1.84 10.96
N PRO E 250 50.51 -2.48 9.93
CA PRO E 250 49.66 -3.61 10.11
C PRO E 250 50.55 -4.65 10.71
N TRP E 251 50.04 -5.41 11.65
CA TRP E 251 50.78 -6.52 12.25
C TRP E 251 49.95 -7.75 11.98
N TYR E 252 48.68 -7.65 12.34
CA TYR E 252 47.71 -8.68 12.10
C TYR E 252 46.75 -8.18 11.06
N ALA E 253 46.14 -9.10 10.34
CA ALA E 253 45.15 -8.78 9.31
C ALA E 253 44.12 -9.84 9.32
N PHE E 254 42.98 -9.57 8.73
CA PHE E 254 41.96 -10.57 8.81
C PHE E 254 41.59 -11.18 7.48
N ALA E 255 41.64 -12.49 7.39
CA ALA E 255 41.25 -13.12 6.14
C ALA E 255 39.76 -13.38 6.24
N LEU E 256 39.01 -12.71 5.39
CA LEU E 256 37.59 -12.72 5.48
C LEU E 256 36.85 -13.49 4.41
N SER E 257 35.79 -14.09 4.86
CA SER E 257 34.80 -14.69 3.99
C SER E 257 33.50 -14.14 4.50
N ARG E 258 32.90 -13.28 3.68
CA ARG E 258 31.72 -12.53 4.07
C ARG E 258 30.44 -13.28 3.81
N GLY E 259 29.52 -13.18 4.75
CA GLY E 259 28.22 -13.83 4.64
C GLY E 259 27.16 -12.84 4.21
N PHE E 260 25.90 -13.22 4.37
CA PHE E 260 24.83 -12.31 3.99
C PHE E 260 24.88 -11.19 5.03
N GLY E 261 24.73 -9.93 4.62
CA GLY E 261 24.86 -8.80 5.58
C GLY E 261 23.91 -8.93 6.76
N SER E 262 24.38 -8.49 7.93
CA SER E 262 23.59 -8.65 9.15
C SER E 262 23.51 -7.39 9.99
N GLY E 263 24.54 -7.05 10.74
CA GLY E 263 24.42 -5.77 11.42
C GLY E 263 25.14 -5.65 12.73
N ILE E 264 25.23 -4.40 13.17
CA ILE E 264 25.84 -4.09 14.43
C ILE E 264 24.65 -3.67 15.27
N ILE E 265 24.47 -4.30 16.39
CA ILE E 265 23.34 -4.01 17.25
C ILE E 265 23.87 -3.52 18.58
N THR E 266 23.28 -2.49 19.16
CA THR E 266 23.78 -2.05 20.45
C THR E 266 22.80 -2.41 21.53
N SER E 267 23.28 -3.15 22.52
CA SER E 267 22.45 -3.65 23.61
C SER E 267 23.22 -4.15 24.81
N ASN E 268 22.66 -3.97 26.00
CA ASN E 268 23.27 -4.50 27.21
C ASN E 268 22.56 -5.77 27.70
N ALA E 269 21.79 -6.38 26.82
CA ALA E 269 21.09 -7.61 27.13
C ALA E 269 22.13 -8.74 27.30
N PRO E 270 21.89 -9.73 28.17
CA PRO E 270 22.72 -10.91 28.38
C PRO E 270 22.58 -11.88 27.22
N MET E 271 23.55 -12.75 27.01
CA MET E 271 23.45 -13.79 25.98
C MET E 271 23.07 -15.17 26.51
N ASP E 272 22.18 -15.86 25.77
CA ASP E 272 21.81 -17.25 26.09
C ASP E 272 21.46 -18.02 24.81
N GLU E 273 21.12 -19.29 24.95
CA GLU E 273 20.78 -20.09 23.76
C GLU E 273 19.26 -20.28 23.57
N CYS E 274 18.81 -20.25 22.30
CA CYS E 274 17.44 -20.46 21.84
C CYS E 274 17.54 -20.62 20.32
N ASP E 275 16.42 -20.88 19.68
CA ASP E 275 16.39 -20.86 18.22
C ASP E 275 15.83 -19.49 17.78
N ALA E 276 16.69 -18.49 17.49
CA ALA E 276 16.16 -17.16 17.14
C ALA E 276 16.07 -17.00 15.64
N LYS E 277 15.06 -16.25 15.20
CA LYS E 277 14.95 -15.94 13.78
C LYS E 277 15.27 -14.44 13.48
N CYS E 278 14.93 -13.56 14.44
CA CYS E 278 15.06 -12.11 14.44
C CYS E 278 15.52 -11.68 15.81
N GLN E 279 16.35 -10.67 15.85
CA GLN E 279 16.69 -10.11 17.13
C GLN E 279 16.70 -8.60 17.14
N THR E 280 16.17 -8.04 18.23
CA THR E 280 16.13 -6.62 18.40
C THR E 280 17.06 -6.35 19.58
N PRO E 281 17.46 -5.11 19.88
CA PRO E 281 18.26 -4.76 21.03
C PRO E 281 17.59 -5.14 22.36
N GLN E 282 16.29 -5.38 22.36
CA GLN E 282 15.61 -5.71 23.60
C GLN E 282 15.63 -7.19 23.89
N GLY E 283 16.05 -7.98 22.91
CA GLY E 283 16.05 -9.43 23.01
C GLY E 283 15.55 -10.11 21.74
N ALA E 284 15.80 -11.41 21.68
CA ALA E 284 15.46 -12.27 20.57
C ALA E 284 13.98 -12.50 20.38
N ILE E 285 13.61 -12.64 19.11
CA ILE E 285 12.27 -12.96 18.64
C ILE E 285 12.22 -14.29 17.89
N ASN E 286 11.24 -15.08 18.30
CA ASN E 286 10.93 -16.36 17.69
C ASN E 286 9.45 -16.36 17.43
N SER E 287 9.07 -15.87 16.26
CA SER E 287 7.68 -15.68 15.87
C SER E 287 7.44 -15.67 14.37
N SER E 288 6.36 -16.33 13.98
CA SER E 288 5.86 -16.46 12.62
C SER E 288 4.97 -15.32 12.15
N LEU E 289 4.57 -14.43 13.05
CA LEU E 289 3.60 -13.41 12.68
C LEU E 289 4.23 -12.38 11.74
N PRO E 290 3.48 -11.81 10.78
CA PRO E 290 3.93 -10.84 9.79
C PRO E 290 4.35 -9.47 10.29
N PHE E 291 3.88 -9.05 11.46
CA PHE E 291 4.24 -7.73 11.95
C PHE E 291 4.73 -7.81 13.37
N GLN E 292 5.56 -6.87 13.78
CA GLN E 292 5.99 -6.77 15.17
C GLN E 292 6.04 -5.33 15.62
N ASN E 293 5.87 -5.09 16.91
CA ASN E 293 5.99 -3.73 17.43
C ASN E 293 7.02 -3.65 18.54
N VAL E 294 8.01 -4.52 18.48
CA VAL E 294 9.03 -4.56 19.49
C VAL E 294 10.08 -3.50 19.22
N HIS E 295 10.58 -3.43 17.99
CA HIS E 295 11.60 -2.44 17.73
C HIS E 295 11.75 -2.19 16.23
N PRO E 296 11.95 -0.94 15.77
CA PRO E 296 12.19 -0.62 14.38
C PRO E 296 13.49 -1.10 13.76
N VAL E 297 14.53 -1.40 14.54
CA VAL E 297 15.77 -1.82 13.92
C VAL E 297 16.13 -3.22 14.27
N THR E 298 16.12 -4.09 13.28
CA THR E 298 16.34 -5.48 13.52
C THR E 298 17.39 -6.11 12.64
N ILE E 299 17.84 -7.29 13.09
CA ILE E 299 18.74 -8.14 12.34
C ILE E 299 18.14 -9.53 12.13
N GLY E 300 18.21 -10.02 10.89
CA GLY E 300 17.72 -11.37 10.61
C GLY E 300 16.41 -11.38 9.86
N GLU E 301 15.83 -12.56 9.69
CA GLU E 301 14.57 -12.71 8.98
C GLU E 301 13.56 -12.30 10.03
N CYS E 302 12.84 -11.17 9.80
CA CYS E 302 12.05 -10.54 10.85
C CYS E 302 10.74 -9.95 10.29
N PRO E 303 9.64 -9.96 11.08
CA PRO E 303 8.36 -9.33 10.82
C PRO E 303 8.53 -7.83 10.61
N LYS E 304 7.62 -7.21 9.87
CA LYS E 304 7.72 -5.78 9.58
C LYS E 304 7.40 -4.97 10.82
N TYR E 305 8.12 -3.87 11.04
CA TYR E 305 7.81 -3.03 12.19
C TYR E 305 6.63 -2.16 11.89
N VAL E 306 5.69 -2.15 12.81
CA VAL E 306 4.47 -1.37 12.77
C VAL E 306 4.37 -0.48 14.00
N ARG E 307 3.93 0.76 13.83
CA ARG E 307 3.86 1.71 14.96
C ARG E 307 2.71 1.42 15.93
N SER E 308 1.77 0.63 15.48
CA SER E 308 0.54 0.28 16.18
C SER E 308 0.70 -0.61 17.38
N ALA E 309 -0.22 -0.46 18.32
CA ALA E 309 -0.26 -1.30 19.50
C ALA E 309 -0.89 -2.68 19.26
N LYS E 310 -1.80 -2.80 18.28
CA LYS E 310 -2.48 -4.08 18.09
C LYS E 310 -3.03 -4.29 16.68
N LEU E 311 -2.92 -5.50 16.18
CA LEU E 311 -3.50 -5.88 14.90
C LEU E 311 -4.27 -7.16 15.06
N ARG E 312 -5.39 -7.10 15.75
CA ARG E 312 -6.14 -8.31 16.01
C ARG E 312 -7.18 -8.52 14.95
N MET E 313 -7.06 -9.62 14.25
CA MET E 313 -7.96 -9.96 13.19
C MET E 313 -9.00 -10.91 13.69
N VAL E 314 -10.21 -10.71 13.27
CA VAL E 314 -11.32 -11.55 13.61
C VAL E 314 -11.22 -12.84 12.91
N THR E 315 -11.39 -13.96 13.59
CA THR E 315 -11.45 -15.18 12.84
C THR E 315 -12.81 -15.68 13.15
N GLY E 316 -13.25 -15.30 14.35
CA GLY E 316 -14.51 -15.74 14.91
C GLY E 316 -15.68 -14.80 14.68
N LEU E 317 -16.70 -14.94 15.49
CA LEU E 317 -17.94 -14.20 15.34
C LEU E 317 -18.11 -13.14 16.39
N ARG E 318 -19.04 -12.20 16.20
CA ARG E 318 -19.23 -11.26 17.29
C ARG E 318 -19.69 -12.10 18.48
N ASN E 319 -19.10 -11.87 19.64
CA ASN E 319 -19.44 -12.66 20.81
C ASN E 319 -20.63 -12.09 21.53
N ILE E 320 -21.76 -12.23 20.90
CA ILE E 320 -22.98 -11.72 21.44
C ILE E 320 -23.89 -12.88 21.73
N PRO E 321 -24.02 -13.34 22.98
CA PRO E 321 -24.85 -14.47 23.37
C PRO E 321 -26.31 -14.03 23.34
N SER E 322 -27.22 -14.99 23.10
CA SER E 322 -28.68 -14.84 23.15
C SER E 322 -29.14 -14.48 24.57
N ALA F 11 -34.32 -19.34 21.21
CA ALA F 11 -33.14 -18.62 20.74
C ALA F 11 -33.05 -18.80 19.22
N GLY F 12 -31.98 -18.31 18.59
CA GLY F 12 -31.68 -18.42 17.15
C GLY F 12 -30.71 -17.31 16.81
N PHE F 13 -30.14 -17.35 15.61
CA PHE F 13 -29.13 -16.37 15.19
C PHE F 13 -29.61 -14.92 15.21
N ILE F 14 -30.91 -14.71 15.18
CA ILE F 14 -31.47 -13.38 15.24
C ILE F 14 -31.28 -12.76 16.62
N GLU F 15 -31.42 -13.56 17.67
CA GLU F 15 -31.36 -13.05 19.03
C GLU F 15 -29.95 -13.00 19.58
N GLY F 16 -29.08 -13.90 19.10
CA GLY F 16 -27.69 -13.97 19.57
C GLY F 16 -27.16 -15.39 19.46
N GLY F 17 -25.91 -15.59 19.83
CA GLY F 17 -25.33 -16.91 19.70
C GLY F 17 -25.63 -17.79 20.88
N TRP F 18 -25.17 -19.01 20.80
CA TRP F 18 -25.41 -19.97 21.83
C TRP F 18 -24.18 -20.33 22.59
N THR F 19 -24.33 -20.39 23.89
CA THR F 19 -23.27 -20.85 24.73
C THR F 19 -23.55 -22.29 24.98
N GLY F 20 -22.53 -23.10 24.87
CA GLY F 20 -22.64 -24.55 25.00
C GLY F 20 -22.53 -25.19 23.63
N MET F 21 -22.72 -24.41 22.56
CA MET F 21 -22.55 -24.99 21.24
C MET F 21 -21.10 -24.84 20.91
N VAL F 22 -20.31 -25.75 21.41
CA VAL F 22 -18.86 -25.65 21.32
C VAL F 22 -18.30 -26.57 20.27
N ASP F 23 -19.18 -27.16 19.50
CA ASP F 23 -18.79 -28.09 18.46
C ASP F 23 -18.52 -27.45 17.12
N GLY F 24 -18.70 -26.15 17.00
CA GLY F 24 -18.46 -25.48 15.73
C GLY F 24 -18.94 -24.03 15.74
N TRP F 25 -18.57 -23.27 14.72
CA TRP F 25 -19.01 -21.89 14.62
C TRP F 25 -20.46 -21.78 14.26
N TYR F 26 -20.96 -22.72 13.45
CA TYR F 26 -22.34 -22.65 13.00
C TYR F 26 -23.02 -23.91 13.30
N GLY F 27 -24.29 -23.85 13.60
CA GLY F 27 -24.96 -25.09 13.90
C GLY F 27 -26.42 -24.98 14.19
N TYR F 28 -26.90 -26.07 14.75
CA TYR F 28 -28.28 -26.28 15.02
C TYR F 28 -28.56 -26.62 16.45
N HIS F 29 -29.75 -26.31 16.86
CA HIS F 29 -30.26 -26.79 18.12
C HIS F 29 -31.57 -27.41 17.81
N HIS F 30 -31.87 -28.53 18.41
CA HIS F 30 -33.16 -29.08 18.10
C HIS F 30 -33.82 -29.61 19.33
N GLN F 31 -35.13 -29.70 19.26
CA GLN F 31 -35.93 -30.25 20.32
C GLN F 31 -37.04 -31.12 19.77
N ASN F 32 -37.10 -32.36 20.24
CA ASN F 32 -38.18 -33.25 19.85
C ASN F 32 -38.52 -34.18 21.00
N GLU F 33 -39.44 -35.08 20.77
CA GLU F 33 -39.95 -36.02 21.77
C GLU F 33 -38.90 -37.01 22.28
N GLN F 34 -37.79 -37.16 21.56
CA GLN F 34 -36.72 -38.07 21.91
C GLN F 34 -35.51 -37.40 22.55
N GLY F 35 -35.56 -36.08 22.75
CA GLY F 35 -34.40 -35.38 23.33
C GLY F 35 -34.05 -34.08 22.62
N SER F 36 -33.00 -33.41 23.10
CA SER F 36 -32.60 -32.13 22.55
C SER F 36 -31.14 -31.80 22.78
N GLY F 37 -30.65 -30.82 22.04
CA GLY F 37 -29.28 -30.37 22.22
C GLY F 37 -28.68 -29.68 21.01
N TYR F 38 -27.39 -29.36 21.11
CA TYR F 38 -26.68 -28.65 20.07
C TYR F 38 -25.89 -29.58 19.16
N ALA F 39 -25.73 -29.16 17.93
CA ALA F 39 -24.86 -29.84 16.99
C ALA F 39 -24.27 -28.85 16.01
N ALA F 40 -23.07 -29.10 15.55
CA ALA F 40 -22.51 -28.22 14.54
C ALA F 40 -22.97 -28.64 13.18
N ASP F 41 -23.05 -27.69 12.26
CA ASP F 41 -23.25 -28.08 10.88
C ASP F 41 -21.83 -28.29 10.49
N GLN F 42 -21.42 -29.55 10.42
CA GLN F 42 -20.01 -29.82 10.29
C GLN F 42 -19.46 -29.39 8.95
N LYS F 43 -20.24 -29.54 7.89
CA LYS F 43 -19.73 -29.15 6.59
C LYS F 43 -19.63 -27.65 6.45
N SER F 44 -20.64 -26.94 6.95
CA SER F 44 -20.66 -25.49 6.84
C SER F 44 -19.55 -24.91 7.65
N THR F 45 -19.38 -25.42 8.86
CA THR F 45 -18.36 -24.91 9.72
C THR F 45 -17.00 -25.21 9.16
N GLN F 46 -16.76 -26.41 8.65
CA GLN F 46 -15.42 -26.67 8.16
C GLN F 46 -15.13 -25.81 6.96
N ASN F 47 -16.10 -25.55 6.10
CA ASN F 47 -15.82 -24.73 4.93
C ASN F 47 -15.57 -23.29 5.35
N ALA F 48 -16.31 -22.80 6.34
CA ALA F 48 -16.09 -21.45 6.82
C ALA F 48 -14.71 -21.37 7.42
N ILE F 49 -14.29 -22.42 8.13
CA ILE F 49 -12.99 -22.43 8.73
C ILE F 49 -11.94 -22.45 7.66
N ASN F 50 -12.11 -23.25 6.61
CA ASN F 50 -11.09 -23.30 5.59
C ASN F 50 -10.93 -21.92 4.95
N GLY F 51 -12.04 -21.21 4.78
CA GLY F 51 -12.04 -19.88 4.22
C GLY F 51 -11.25 -18.93 5.08
N ILE F 52 -11.55 -18.92 6.36
CA ILE F 52 -10.88 -18.03 7.28
C ILE F 52 -9.42 -18.41 7.40
N THR F 53 -9.12 -19.69 7.43
CA THR F 53 -7.76 -20.16 7.55
C THR F 53 -6.95 -19.68 6.37
N ASN F 54 -7.52 -19.78 5.16
CA ASN F 54 -6.82 -19.33 3.98
C ASN F 54 -6.60 -17.84 4.01
N LYS F 55 -7.57 -17.10 4.54
CA LYS F 55 -7.46 -15.66 4.64
C LYS F 55 -6.36 -15.23 5.59
N VAL F 56 -6.30 -15.86 6.75
CA VAL F 56 -5.29 -15.49 7.72
C VAL F 56 -3.93 -15.87 7.18
N ASN F 57 -3.82 -17.06 6.62
CA ASN F 57 -2.55 -17.47 6.10
C ASN F 57 -2.15 -16.65 4.91
N SER F 58 -3.08 -16.18 4.10
CA SER F 58 -2.72 -15.35 2.95
C SER F 58 -2.07 -14.07 3.43
N VAL F 59 -2.66 -13.46 4.45
CA VAL F 59 -2.12 -12.22 4.96
C VAL F 59 -0.70 -12.40 5.48
N ILE F 60 -0.45 -13.53 6.14
CA ILE F 60 0.85 -13.83 6.72
C ILE F 60 1.89 -14.29 5.68
N GLU F 61 1.51 -15.25 4.83
CA GLU F 61 2.36 -15.88 3.83
C GLU F 61 2.79 -14.97 2.71
N LYS F 62 1.98 -13.98 2.38
CA LYS F 62 2.36 -13.09 1.31
C LYS F 62 3.36 -12.06 1.79
N MET F 63 3.65 -12.02 3.09
CA MET F 63 4.60 -11.05 3.55
C MET F 63 5.97 -11.58 3.20
N ASN F 64 6.78 -10.76 2.55
CA ASN F 64 8.10 -11.23 2.18
C ASN F 64 9.11 -11.03 3.28
N THR F 65 9.50 -12.11 3.92
CA THR F 65 10.45 -11.98 4.99
C THR F 65 11.80 -12.43 4.47
N GLN F 66 12.75 -11.51 4.53
CA GLN F 66 14.12 -11.71 4.07
C GLN F 66 15.04 -11.42 5.18
N PHE F 67 16.21 -12.01 5.16
CA PHE F 67 17.17 -11.70 6.19
C PHE F 67 17.52 -10.24 5.96
N THR F 68 17.50 -9.43 7.00
CA THR F 68 17.86 -8.03 6.79
C THR F 68 18.88 -7.47 7.76
N ALA F 69 19.24 -6.24 7.47
CA ALA F 69 20.19 -5.42 8.21
C ALA F 69 19.68 -4.00 8.25
N VAL F 70 18.75 -3.71 9.16
CA VAL F 70 18.06 -2.43 9.10
C VAL F 70 18.86 -1.19 9.45
N GLY F 71 19.62 -1.22 10.53
CA GLY F 71 20.30 -0.01 10.99
C GLY F 71 21.44 0.41 10.09
N LYS F 72 21.65 1.73 10.00
CA LYS F 72 22.75 2.32 9.24
C LYS F 72 23.40 3.39 10.09
N GLU F 73 24.72 3.50 9.99
CA GLU F 73 25.45 4.51 10.74
C GLU F 73 25.83 5.69 9.87
N PHE F 74 25.78 6.90 10.43
CA PHE F 74 26.16 8.12 9.72
C PHE F 74 27.04 9.03 10.56
N ASN F 75 27.89 9.81 9.89
CA ASN F 75 28.81 10.75 10.51
C ASN F 75 28.21 12.15 10.74
N LYS F 76 29.00 13.05 11.31
CA LYS F 76 28.58 14.41 11.63
C LYS F 76 28.19 15.22 10.39
N LEU F 77 28.91 14.99 9.31
CA LEU F 77 28.69 15.71 8.06
C LEU F 77 27.95 14.89 7.04
N GLU F 78 27.23 13.88 7.50
CA GLU F 78 26.43 13.07 6.63
C GLU F 78 25.00 13.19 7.06
N ARG F 79 24.64 14.34 7.63
CA ARG F 79 23.32 14.55 8.17
C ARG F 79 22.24 14.46 7.10
N ARG F 80 22.52 14.94 5.89
CA ARG F 80 21.48 14.80 4.87
C ARG F 80 21.22 13.34 4.56
N MET F 81 22.27 12.51 4.59
CA MET F 81 22.13 11.09 4.31
C MET F 81 21.39 10.42 5.42
N GLU F 82 21.66 10.83 6.65
CA GLU F 82 20.99 10.28 7.80
C GLU F 82 19.53 10.60 7.71
N ASN F 83 19.21 11.85 7.33
CA ASN F 83 17.84 12.24 7.25
C ASN F 83 17.14 11.56 6.11
N LEU F 84 17.84 11.25 5.01
CA LEU F 84 17.21 10.49 3.95
C LEU F 84 16.96 9.09 4.43
N ASN F 85 17.91 8.49 5.13
CA ASN F 85 17.74 7.15 5.64
C ASN F 85 16.51 7.12 6.54
N LYS F 86 16.36 8.16 7.37
CA LYS F 86 15.21 8.25 8.25
C LYS F 86 13.95 8.42 7.43
N LYS F 87 13.98 9.26 6.40
CA LYS F 87 12.82 9.49 5.56
C LYS F 87 12.35 8.19 4.97
N VAL F 88 13.29 7.36 4.56
CA VAL F 88 12.99 6.08 3.97
C VAL F 88 12.33 5.18 5.01
N ASP F 89 12.88 5.14 6.23
CA ASP F 89 12.28 4.30 7.26
C ASP F 89 10.91 4.78 7.67
N ASP F 90 10.71 6.09 7.76
CA ASP F 90 9.42 6.63 8.14
C ASP F 90 8.42 6.44 7.04
N GLY F 91 8.87 6.57 5.81
CA GLY F 91 7.99 6.38 4.69
C GLY F 91 7.50 4.96 4.67
N PHE F 92 8.41 4.00 4.74
CA PHE F 92 8.02 2.61 4.70
C PHE F 92 7.19 2.25 5.91
N LEU F 93 7.53 2.77 7.06
CA LEU F 93 6.80 2.49 8.25
C LEU F 93 5.40 3.05 8.21
N ASP F 94 5.21 4.26 7.71
CA ASP F 94 3.87 4.81 7.64
C ASP F 94 3.06 4.05 6.63
N ILE F 95 3.68 3.60 5.55
CA ILE F 95 2.94 2.86 4.55
C ILE F 95 2.50 1.54 5.11
N TRP F 96 3.41 0.82 5.79
CA TRP F 96 3.05 -0.46 6.33
C TRP F 96 2.10 -0.34 7.49
N THR F 97 2.23 0.70 8.31
CA THR F 97 1.33 0.87 9.43
C THR F 97 -0.03 1.22 8.92
N TYR F 98 -0.13 2.12 7.96
CA TYR F 98 -1.40 2.54 7.43
C TYR F 98 -2.06 1.35 6.79
N ASN F 99 -1.30 0.61 5.98
CA ASN F 99 -1.87 -0.53 5.31
C ASN F 99 -2.21 -1.63 6.27
N ALA F 100 -1.42 -1.89 7.28
CA ALA F 100 -1.73 -2.95 8.22
C ALA F 100 -2.95 -2.61 9.03
N GLU F 101 -3.10 -1.35 9.46
CA GLU F 101 -4.25 -1.00 10.26
C GLU F 101 -5.48 -1.06 9.42
N LEU F 102 -5.37 -0.55 8.21
CA LEU F 102 -6.51 -0.48 7.35
C LEU F 102 -6.89 -1.83 6.85
N LEU F 103 -5.90 -2.67 6.54
CA LEU F 103 -6.18 -4.00 6.08
C LEU F 103 -6.88 -4.77 7.13
N VAL F 104 -6.41 -4.70 8.37
CA VAL F 104 -7.07 -5.45 9.40
C VAL F 104 -8.48 -4.93 9.60
N LEU F 105 -8.71 -3.62 9.59
CA LEU F 105 -10.06 -3.15 9.79
C LEU F 105 -10.97 -3.61 8.67
N LEU F 106 -10.48 -3.58 7.43
CA LEU F 106 -11.29 -4.00 6.30
C LEU F 106 -11.54 -5.49 6.31
N GLU F 107 -10.54 -6.28 6.71
CA GLU F 107 -10.73 -7.72 6.76
C GLU F 107 -11.70 -8.04 7.86
N ASN F 108 -11.64 -7.30 8.99
CA ASN F 108 -12.54 -7.58 10.07
C ASN F 108 -13.97 -7.26 9.71
N GLU F 109 -14.19 -6.22 8.91
CA GLU F 109 -15.57 -5.94 8.54
C GLU F 109 -16.07 -7.03 7.63
N ARG F 110 -15.23 -7.47 6.69
CA ARG F 110 -15.64 -8.53 5.80
C ARG F 110 -15.82 -9.84 6.49
N THR F 111 -14.98 -10.14 7.48
CA THR F 111 -15.07 -11.39 8.20
C THR F 111 -16.33 -11.45 9.01
N LEU F 112 -16.67 -10.37 9.69
CA LEU F 112 -17.88 -10.41 10.46
C LEU F 112 -19.08 -10.50 9.53
N ASP F 113 -19.04 -9.83 8.37
CA ASP F 113 -20.14 -9.91 7.42
C ASP F 113 -20.23 -11.31 6.82
N PHE F 114 -19.08 -11.93 6.58
CA PHE F 114 -18.96 -13.28 6.06
C PHE F 114 -19.66 -14.24 6.97
N HIS F 115 -19.41 -14.13 8.25
CA HIS F 115 -20.04 -15.03 9.16
C HIS F 115 -21.54 -14.78 9.26
N ASP F 116 -21.98 -13.52 9.21
CA ASP F 116 -23.40 -13.27 9.29
C ASP F 116 -24.09 -13.85 8.06
N SER F 117 -23.42 -13.76 6.91
CA SER F 117 -23.93 -14.31 5.68
C SER F 117 -24.07 -15.82 5.78
N ASN F 118 -23.05 -16.48 6.34
CA ASN F 118 -23.08 -17.92 6.44
C ASN F 118 -24.16 -18.44 7.37
N VAL F 119 -24.44 -17.75 8.47
CA VAL F 119 -25.49 -18.29 9.30
C VAL F 119 -26.82 -18.10 8.59
N LYS F 120 -27.00 -16.97 7.90
CA LYS F 120 -28.24 -16.79 7.18
C LYS F 120 -28.37 -17.84 6.09
N ASN F 121 -27.25 -18.21 5.44
CA ASN F 121 -27.31 -19.19 4.38
C ASN F 121 -27.83 -20.51 4.91
N LEU F 122 -27.53 -20.85 6.17
CA LEU F 122 -28.08 -22.07 6.73
C LEU F 122 -29.57 -21.93 6.89
N TYR F 123 -30.04 -20.74 7.21
CA TYR F 123 -31.46 -20.53 7.36
C TYR F 123 -32.12 -20.80 6.02
N GLU F 124 -31.52 -20.27 4.95
CA GLU F 124 -32.05 -20.50 3.62
C GLU F 124 -31.98 -21.97 3.22
N LYS F 125 -30.90 -22.67 3.62
CA LYS F 125 -30.72 -24.08 3.33
C LYS F 125 -31.90 -24.86 3.89
N VAL F 126 -32.24 -24.58 5.15
CA VAL F 126 -33.32 -25.28 5.79
C VAL F 126 -34.67 -24.86 5.22
N LYS F 127 -34.90 -23.58 5.01
CA LYS F 127 -36.18 -23.17 4.45
C LYS F 127 -36.42 -23.77 3.09
N SER F 128 -35.40 -23.79 2.24
CA SER F 128 -35.53 -24.32 0.90
C SER F 128 -35.88 -25.79 0.96
N GLN F 129 -35.20 -26.51 1.84
CA GLN F 129 -35.43 -27.93 2.01
C GLN F 129 -36.80 -28.26 2.60
N LEU F 130 -37.26 -27.49 3.58
CA LEU F 130 -38.52 -27.80 4.24
C LEU F 130 -39.73 -27.21 3.55
N LYS F 131 -39.52 -26.17 2.76
CA LYS F 131 -40.59 -25.51 2.04
C LYS F 131 -41.71 -25.11 2.99
N ASN F 132 -42.91 -25.62 2.76
CA ASN F 132 -44.03 -25.25 3.59
C ASN F 132 -44.40 -26.28 4.64
N ASN F 133 -43.49 -27.22 4.92
CA ASN F 133 -43.75 -28.23 5.95
C ASN F 133 -43.32 -27.77 7.32
N ALA F 134 -42.88 -26.53 7.42
CA ALA F 134 -42.51 -25.96 8.70
C ALA F 134 -42.82 -24.48 8.71
N LYS F 135 -43.19 -23.98 9.87
CA LYS F 135 -43.48 -22.59 10.10
C LYS F 135 -42.24 -21.80 10.38
N GLU F 136 -42.07 -20.67 9.73
CA GLU F 136 -40.93 -19.86 10.10
C GLU F 136 -41.32 -19.13 11.36
N ILE F 137 -40.39 -19.05 12.29
CA ILE F 137 -40.60 -18.33 13.52
C ILE F 137 -40.16 -16.90 13.36
N GLY F 138 -39.09 -16.71 12.62
CA GLY F 138 -38.53 -15.39 12.38
C GLY F 138 -37.33 -15.05 13.25
N ASN F 139 -37.06 -15.85 14.27
CA ASN F 139 -35.90 -15.57 15.12
C ASN F 139 -34.72 -16.48 14.80
N GLY F 140 -34.83 -17.18 13.69
CA GLY F 140 -33.84 -18.17 13.27
C GLY F 140 -34.33 -19.65 13.38
N CYS F 141 -35.53 -19.89 13.98
CA CYS F 141 -36.15 -21.22 14.16
C CYS F 141 -37.25 -21.53 13.16
N PHE F 142 -37.46 -22.84 13.00
CA PHE F 142 -38.53 -23.43 12.22
C PHE F 142 -39.28 -24.46 13.05
N GLU F 143 -40.60 -24.51 12.90
CA GLU F 143 -41.37 -25.55 13.58
C GLU F 143 -42.06 -26.44 12.59
N PHE F 144 -41.85 -27.73 12.73
CA PHE F 144 -42.44 -28.64 11.78
C PHE F 144 -43.91 -28.73 12.02
N TYR F 145 -44.68 -28.88 10.96
CA TYR F 145 -46.09 -29.10 11.18
C TYR F 145 -46.28 -30.57 11.53
N HIS F 146 -45.47 -31.43 10.90
CA HIS F 146 -45.50 -32.86 11.14
C HIS F 146 -44.72 -33.17 12.39
N LYS F 147 -44.98 -34.29 13.03
CA LYS F 147 -44.12 -34.63 14.15
C LYS F 147 -42.78 -35.05 13.60
N CYS F 148 -41.65 -34.56 14.20
CA CYS F 148 -40.30 -34.89 13.72
C CYS F 148 -39.45 -35.49 14.83
N ASN F 149 -39.00 -36.71 14.54
CA ASN F 149 -38.17 -37.58 15.36
C ASN F 149 -36.68 -37.38 15.07
N ASN F 150 -35.83 -38.15 15.73
CA ASN F 150 -34.41 -37.97 15.51
C ASN F 150 -33.96 -38.27 14.09
N GLU F 151 -34.62 -39.21 13.39
CA GLU F 151 -34.17 -39.52 12.03
C GLU F 151 -34.32 -38.35 11.05
N CYS F 152 -35.48 -37.61 11.08
CA CYS F 152 -35.71 -36.43 10.24
C CYS F 152 -34.86 -35.26 10.69
N MET F 153 -34.49 -35.20 11.97
CA MET F 153 -33.61 -34.12 12.33
C MET F 153 -32.25 -34.33 11.66
N GLU F 154 -31.78 -35.58 11.61
CA GLU F 154 -30.50 -35.81 10.98
C GLU F 154 -30.59 -35.58 9.50
N SER F 155 -31.72 -35.97 8.91
CA SER F 155 -31.91 -35.82 7.49
C SER F 155 -31.89 -34.35 7.08
N VAL F 156 -32.54 -33.49 7.87
CA VAL F 156 -32.54 -32.07 7.54
C VAL F 156 -31.15 -31.50 7.62
N LYS F 157 -30.41 -31.85 8.66
CA LYS F 157 -29.05 -31.36 8.81
C LYS F 157 -28.17 -31.83 7.65
N ASN F 158 -28.41 -33.08 7.19
CA ASN F 158 -27.67 -33.68 6.08
C ASN F 158 -28.03 -33.07 4.73
N GLY F 159 -29.25 -32.54 4.60
CA GLY F 159 -29.67 -31.98 3.33
C GLY F 159 -30.37 -33.03 2.48
N THR F 160 -30.90 -34.06 3.13
CA THR F 160 -31.56 -35.18 2.48
C THR F 160 -33.03 -35.33 2.88
N TYR F 161 -33.64 -34.27 3.40
CA TYR F 161 -35.01 -34.37 3.87
C TYR F 161 -35.93 -34.80 2.77
N ASP F 162 -36.68 -35.84 3.04
CA ASP F 162 -37.57 -36.38 2.04
C ASP F 162 -38.87 -35.64 2.11
N TYR F 163 -38.89 -34.43 1.57
CA TYR F 163 -40.08 -33.59 1.68
C TYR F 163 -41.39 -34.34 1.42
N PRO F 164 -41.58 -35.08 0.30
CA PRO F 164 -42.81 -35.79 -0.01
C PRO F 164 -43.30 -36.72 1.09
N LYS F 165 -42.39 -37.29 1.87
CA LYS F 165 -42.69 -38.22 2.94
C LYS F 165 -43.58 -37.64 4.00
N TYR F 166 -43.44 -36.35 4.23
CA TYR F 166 -44.16 -35.71 5.29
C TYR F 166 -45.23 -34.81 4.70
N SER F 167 -45.43 -34.90 3.40
CA SER F 167 -46.34 -33.99 2.76
C SER F 167 -47.74 -34.09 3.30
N GLU F 168 -48.23 -35.31 3.48
CA GLU F 168 -49.61 -35.43 3.93
C GLU F 168 -49.76 -35.05 5.38
N GLU F 169 -48.79 -35.41 6.22
CA GLU F 169 -48.96 -35.09 7.62
C GLU F 169 -48.92 -33.60 7.84
N SER F 170 -48.01 -32.92 7.15
CA SER F 170 -47.91 -31.49 7.32
C SER F 170 -49.13 -30.80 6.77
N LYS F 171 -49.70 -31.25 5.63
CA LYS F 171 -50.92 -30.62 5.16
C LYS F 171 -52.02 -30.77 6.17
N LEU F 172 -52.17 -31.94 6.74
CA LEU F 172 -53.24 -32.17 7.68
C LEU F 172 -53.10 -31.32 8.91
N ASN F 173 -51.87 -31.12 9.37
CA ASN F 173 -51.70 -30.32 10.54
C ASN F 173 -51.89 -28.83 10.23
N ARG F 174 -51.46 -28.37 9.04
CA ARG F 174 -51.67 -26.96 8.68
C ARG F 174 -53.16 -26.67 8.57
N GLU F 175 -53.90 -27.68 8.09
CA GLU F 175 -55.33 -27.55 7.87
C GLU F 175 -56.16 -27.47 9.14
N LYS F 176 -55.54 -27.63 10.30
CA LYS F 176 -56.30 -27.49 11.54
C LYS F 176 -56.91 -26.09 11.64
N ILE F 177 -56.34 -25.12 10.92
CA ILE F 177 -56.82 -23.76 10.92
C ILE F 177 -57.33 -23.31 9.53
N ASP F 178 -57.71 -24.26 8.66
CA ASP F 178 -58.16 -23.99 7.28
C ASP F 178 -59.54 -23.33 7.16
N GLY F 179 -60.33 -23.33 8.22
CA GLY F 179 -61.68 -22.78 8.11
C GLY F 179 -62.58 -23.68 7.27
N VAL F 180 -63.08 -23.16 6.15
CA VAL F 180 -63.99 -23.92 5.29
C VAL F 180 -63.28 -24.91 4.34
N LYS F 181 -63.74 -26.19 4.36
CA LYS F 181 -63.28 -27.33 3.56
C LYS F 181 -64.32 -28.44 3.79
N GLN G 1 1.16 -33.52 5.62
CA GLN G 1 1.58 -34.22 6.83
C GLN G 1 2.28 -33.22 7.75
N VAL G 2 2.07 -33.38 9.07
CA VAL G 2 2.70 -32.60 10.12
C VAL G 2 3.27 -33.58 11.12
N GLN G 3 4.39 -33.23 11.72
CA GLN G 3 4.96 -34.07 12.74
C GLN G 3 4.91 -33.31 14.05
N LEU G 4 4.62 -34.04 15.14
CA LEU G 4 4.52 -33.37 16.42
C LEU G 4 5.56 -33.82 17.44
N VAL G 5 6.15 -32.83 18.11
CA VAL G 5 7.19 -32.99 19.11
C VAL G 5 6.73 -32.49 20.48
N GLN G 6 6.87 -33.32 21.49
CA GLN G 6 6.42 -32.96 22.83
C GLN G 6 7.55 -32.75 23.81
N SER G 7 7.22 -32.06 24.89
CA SER G 7 8.14 -31.81 25.98
C SER G 7 8.49 -33.11 26.68
N GLY G 8 9.51 -33.08 27.55
CA GLY G 8 9.95 -34.28 28.22
C GLY G 8 9.03 -34.65 29.37
N ALA G 9 9.38 -35.71 30.09
CA ALA G 9 8.55 -36.18 31.19
C ALA G 9 8.72 -35.30 32.40
N GLU G 10 7.67 -35.23 33.21
CA GLU G 10 7.72 -34.45 34.44
C GLU G 10 7.11 -35.19 35.62
N VAL G 11 7.58 -34.86 36.82
CA VAL G 11 7.01 -35.41 38.04
C VAL G 11 6.51 -34.27 38.91
N LYS G 12 5.26 -34.37 39.31
CA LYS G 12 4.58 -33.38 40.09
C LYS G 12 4.02 -33.88 41.39
N LYS G 13 3.90 -32.98 42.35
CA LYS G 13 3.30 -33.31 43.61
C LYS G 13 1.80 -33.07 43.52
N PRO G 14 0.95 -33.84 44.21
CA PRO G 14 -0.46 -33.63 44.20
C PRO G 14 -0.80 -32.20 44.58
N GLY G 15 -1.75 -31.64 43.84
CA GLY G 15 -2.27 -30.29 43.99
C GLY G 15 -1.60 -29.28 43.06
N SER G 16 -0.45 -29.63 42.47
CA SER G 16 0.27 -28.72 41.58
C SER G 16 -0.25 -28.81 40.14
N SER G 17 0.32 -28.01 39.25
CA SER G 17 -0.12 -28.04 37.85
C SER G 17 1.01 -28.37 36.89
N VAL G 18 0.64 -28.91 35.74
CA VAL G 18 1.60 -29.23 34.67
C VAL G 18 1.21 -28.61 33.36
N LYS G 19 2.16 -28.05 32.65
CA LYS G 19 1.88 -27.51 31.33
C LYS G 19 2.67 -28.28 30.30
N VAL G 20 1.95 -29.05 29.49
CA VAL G 20 2.57 -29.92 28.51
C VAL G 20 2.59 -29.26 27.16
N SER G 21 3.77 -29.03 26.61
CA SER G 21 3.82 -28.36 25.32
C SER G 21 3.90 -29.39 24.19
N CYS G 22 3.52 -28.94 22.97
CA CYS G 22 3.58 -29.64 21.70
C CYS G 22 3.94 -28.66 20.59
N LYS G 23 4.93 -29.00 19.79
CA LYS G 23 5.30 -28.15 18.67
C LYS G 23 5.13 -28.85 17.36
N ALA G 24 4.67 -28.11 16.37
CA ALA G 24 4.50 -28.70 15.06
C ALA G 24 5.59 -28.28 14.12
N SER G 25 5.96 -29.21 13.25
CA SER G 25 6.92 -28.94 12.20
C SER G 25 6.61 -29.79 10.99
N GLY G 26 7.16 -29.42 9.83
CA GLY G 26 6.99 -30.23 8.62
C GLY G 26 5.71 -29.96 7.85
N GLY G 27 4.95 -28.97 8.28
CA GLY G 27 3.67 -28.63 7.67
C GLY G 27 3.18 -27.34 8.29
N THR G 28 1.96 -26.93 7.96
CA THR G 28 1.47 -25.67 8.49
C THR G 28 0.65 -25.88 9.74
N PHE G 29 1.09 -25.33 10.86
CA PHE G 29 0.42 -25.54 12.14
C PHE G 29 -1.01 -25.10 12.12
N SER G 30 -1.23 -23.91 11.58
CA SER G 30 -2.53 -23.30 11.53
C SER G 30 -3.54 -24.08 10.71
N ARG G 31 -3.10 -25.08 9.95
CA ARG G 31 -4.05 -25.84 9.17
C ARG G 31 -4.48 -27.12 9.86
N TYR G 32 -3.98 -27.40 11.06
CA TYR G 32 -4.35 -28.64 11.73
C TYR G 32 -5.01 -28.34 13.06
N THR G 33 -5.93 -29.19 13.42
CA THR G 33 -6.58 -29.11 14.72
C THR G 33 -5.76 -29.96 15.66
N ILE G 34 -5.51 -29.47 16.86
CA ILE G 34 -4.71 -30.25 17.81
C ILE G 34 -5.60 -30.86 18.86
N SER G 35 -5.48 -32.17 19.01
CA SER G 35 -6.28 -32.95 19.92
C SER G 35 -5.40 -33.69 20.93
N TRP G 36 -5.67 -33.50 22.19
CA TRP G 36 -4.91 -34.12 23.26
C TRP G 36 -5.60 -35.36 23.81
N VAL G 37 -4.84 -36.45 23.89
CA VAL G 37 -5.32 -37.74 24.36
C VAL G 37 -4.46 -38.32 25.49
N ARG G 38 -5.13 -38.79 26.52
CA ARG G 38 -4.52 -39.38 27.70
C ARG G 38 -4.40 -40.90 27.64
N GLN G 39 -3.21 -41.43 27.86
CA GLN G 39 -3.00 -42.87 27.88
C GLN G 39 -2.76 -43.34 29.31
N ALA G 40 -3.76 -43.96 29.92
CA ALA G 40 -3.56 -44.35 31.31
C ALA G 40 -2.68 -45.59 31.32
N PRO G 41 -1.78 -45.80 32.28
CA PRO G 41 -0.99 -47.00 32.36
C PRO G 41 -1.90 -48.19 32.52
N GLY G 42 -1.69 -49.23 31.72
CA GLY G 42 -2.46 -50.45 31.88
C GLY G 42 -3.88 -50.38 31.34
N GLN G 43 -4.25 -49.25 30.75
CA GLN G 43 -5.59 -49.03 30.27
C GLN G 43 -5.58 -48.37 28.91
N GLY G 44 -6.77 -48.10 28.37
CA GLY G 44 -6.85 -47.50 27.06
C GLY G 44 -6.75 -45.97 27.10
N LEU G 45 -7.11 -45.40 25.96
CA LEU G 45 -7.05 -43.99 25.66
C LEU G 45 -8.28 -43.24 26.16
N GLU G 46 -8.07 -42.00 26.58
CA GLU G 46 -9.12 -41.09 26.96
C GLU G 46 -8.95 -39.73 26.29
N TRP G 47 -9.99 -39.24 25.66
CA TRP G 47 -9.86 -37.94 25.02
C TRP G 47 -9.92 -36.83 26.04
N MET G 48 -9.03 -35.82 25.96
CA MET G 48 -9.13 -34.71 26.90
C MET G 48 -9.69 -33.45 26.27
N GLY G 49 -9.33 -33.19 25.03
CA GLY G 49 -9.82 -31.97 24.39
C GLY G 49 -9.09 -31.55 23.12
N ARG G 50 -9.65 -30.58 22.41
CA ARG G 50 -9.04 -30.06 21.18
C ARG G 50 -9.16 -28.56 20.99
N ILE G 51 -8.24 -28.00 20.22
CA ILE G 51 -8.27 -26.60 19.84
C ILE G 51 -7.92 -26.34 18.39
N SER G 52 -8.59 -25.39 17.74
CA SER G 52 -8.21 -24.97 16.41
C SER G 52 -7.45 -23.65 16.52
N PRO G 53 -6.19 -23.55 16.13
CA PRO G 53 -5.39 -22.34 16.25
C PRO G 53 -6.07 -21.10 15.67
N ILE G 54 -6.86 -21.28 14.60
CA ILE G 54 -7.58 -20.21 13.96
C ILE G 54 -9.02 -20.09 14.43
N ALA G 55 -9.73 -21.19 14.59
CA ALA G 55 -11.14 -21.05 14.94
C ALA G 55 -11.45 -21.00 16.44
N GLY G 56 -10.50 -21.34 17.30
CA GLY G 56 -10.80 -21.45 18.71
C GLY G 56 -11.63 -22.71 18.87
N LEU G 57 -12.87 -22.56 19.31
CA LEU G 57 -13.72 -23.72 19.48
C LEU G 57 -13.10 -24.77 20.37
N GLU G 58 -12.52 -24.33 21.46
CA GLU G 58 -11.93 -25.25 22.39
C GLU G 58 -13.04 -26.15 22.85
N ASN G 59 -12.76 -27.44 22.88
CA ASN G 59 -13.74 -28.44 23.26
C ASN G 59 -13.10 -29.45 24.20
N TYR G 60 -13.59 -29.51 25.43
CA TYR G 60 -12.96 -30.36 26.42
C TYR G 60 -13.85 -31.49 26.86
N ALA G 61 -13.24 -32.60 27.25
CA ALA G 61 -13.96 -33.72 27.79
C ALA G 61 -14.52 -33.30 29.14
N GLN G 62 -15.73 -33.78 29.48
CA GLN G 62 -16.38 -33.36 30.72
C GLN G 62 -15.59 -33.59 31.99
N LYS G 63 -14.84 -34.68 32.05
CA LYS G 63 -14.09 -34.97 33.26
C LYS G 63 -13.11 -33.88 33.65
N PHE G 64 -12.56 -33.16 32.68
CA PHE G 64 -11.55 -32.17 32.96
C PHE G 64 -12.10 -30.79 32.68
N GLN G 65 -13.42 -30.66 32.62
CA GLN G 65 -14.03 -29.40 32.21
C GLN G 65 -13.60 -28.21 33.04
N GLY G 66 -13.41 -28.38 34.34
CA GLY G 66 -12.98 -27.28 35.17
C GLY G 66 -11.48 -27.32 35.51
N ARG G 67 -10.75 -28.25 34.89
CA ARG G 67 -9.34 -28.45 35.22
C ARG G 67 -8.33 -28.23 34.11
N VAL G 68 -8.71 -28.47 32.84
CA VAL G 68 -7.69 -28.40 31.81
C VAL G 68 -7.91 -27.26 30.85
N THR G 69 -6.85 -26.55 30.57
CA THR G 69 -6.90 -25.49 29.59
C THR G 69 -6.03 -25.84 28.39
N ILE G 70 -6.61 -25.80 27.21
CA ILE G 70 -5.86 -26.09 26.00
C ILE G 70 -5.75 -24.84 25.18
N THR G 71 -4.52 -24.50 24.81
CA THR G 71 -4.29 -23.30 24.04
C THR G 71 -3.44 -23.61 22.84
N ALA G 72 -3.38 -22.65 21.92
CA ALA G 72 -2.53 -22.75 20.75
C ALA G 72 -2.13 -21.36 20.35
N ASP G 73 -0.94 -21.25 19.77
CA ASP G 73 -0.47 -19.97 19.31
C ASP G 73 0.31 -20.12 18.01
N ILE G 74 -0.29 -19.60 16.93
CA ILE G 74 0.27 -19.76 15.60
C ILE G 74 1.61 -19.06 15.46
N SER G 75 1.91 -18.17 16.40
CA SER G 75 3.16 -17.43 16.45
C SER G 75 4.35 -18.35 16.63
N THR G 76 4.20 -19.39 17.47
CA THR G 76 5.30 -20.30 17.76
C THR G 76 5.02 -21.68 17.19
N SER G 77 3.84 -21.84 16.61
CA SER G 77 3.36 -23.09 16.05
C SER G 77 3.33 -24.17 17.10
N THR G 78 2.80 -23.80 18.26
CA THR G 78 2.68 -24.73 19.36
C THR G 78 1.29 -24.78 19.96
N ALA G 79 1.10 -25.81 20.76
CA ALA G 79 -0.11 -26.03 21.51
C ALA G 79 0.26 -26.45 22.90
N TYR G 80 -0.57 -26.12 23.85
CA TYR G 80 -0.28 -26.47 25.22
C TYR G 80 -1.45 -27.05 25.91
N MET G 81 -1.19 -27.97 26.82
CA MET G 81 -2.24 -28.45 27.68
C MET G 81 -1.87 -28.27 29.13
N GLU G 82 -2.57 -27.39 29.81
CA GLU G 82 -2.28 -27.11 31.19
C GLU G 82 -3.31 -27.70 32.11
N LEU G 83 -2.88 -28.66 32.92
CA LEU G 83 -3.81 -29.35 33.81
C LEU G 83 -3.56 -28.99 35.27
N SER G 84 -4.58 -28.41 35.91
CA SER G 84 -4.50 -27.98 37.29
C SER G 84 -4.95 -29.04 38.29
N SER G 85 -4.61 -28.81 39.56
CA SER G 85 -5.04 -29.65 40.68
C SER G 85 -4.73 -31.12 40.46
N LEU G 86 -3.49 -31.43 40.15
CA LEU G 86 -3.08 -32.78 39.84
C LEU G 86 -3.27 -33.77 40.96
N ARG G 87 -3.72 -34.95 40.57
CA ARG G 87 -4.00 -36.08 41.44
C ARG G 87 -3.17 -37.27 41.01
N SER G 88 -2.98 -38.26 41.89
CA SER G 88 -2.23 -39.46 41.50
C SER G 88 -2.96 -40.21 40.38
N ASP G 89 -4.25 -39.94 40.26
CA ASP G 89 -5.18 -40.49 39.27
C ASP G 89 -4.81 -40.01 37.86
N ASP G 90 -4.03 -38.94 37.78
CA ASP G 90 -3.64 -38.33 36.54
C ASP G 90 -2.32 -38.84 36.01
N THR G 91 -1.71 -39.85 36.64
CA THR G 91 -0.48 -40.32 36.02
C THR G 91 -0.85 -40.95 34.70
N ALA G 92 -0.24 -40.47 33.62
CA ALA G 92 -0.53 -40.95 32.27
C ALA G 92 0.45 -40.40 31.27
N VAL G 93 0.46 -41.00 30.09
CA VAL G 93 1.21 -40.41 29.00
C VAL G 93 0.28 -39.55 28.21
N TYR G 94 0.64 -38.30 28.03
CA TYR G 94 -0.22 -37.40 27.31
C TYR G 94 0.28 -37.19 25.90
N TYR G 95 -0.56 -37.52 24.94
CA TYR G 95 -0.22 -37.43 23.53
C TYR G 95 -0.87 -36.24 22.85
N CYS G 96 -0.10 -35.59 21.98
CA CYS G 96 -0.51 -34.49 21.12
C CYS G 96 -0.76 -35.09 19.73
N ALA G 97 -1.94 -34.89 19.16
CA ALA G 97 -2.17 -35.44 17.83
C ALA G 97 -2.83 -34.43 16.92
N GLY G 98 -2.39 -34.41 15.67
CA GLY G 98 -2.97 -33.51 14.71
C GLY G 98 -4.02 -34.15 13.81
N SER G 99 -4.92 -33.31 13.34
CA SER G 99 -5.96 -33.71 12.41
C SER G 99 -6.08 -32.75 11.28
N SER G 100 -6.31 -33.29 10.09
CA SER G 100 -6.44 -32.55 8.85
C SER G 100 -7.69 -31.67 8.80
N GLY G 101 -8.61 -31.86 9.75
CA GLY G 101 -9.80 -31.03 9.82
C GLY G 101 -10.40 -31.08 11.21
N TYR G 102 -11.31 -30.17 11.50
CA TYR G 102 -11.86 -30.07 12.84
C TYR G 102 -12.73 -31.26 13.18
N TYR G 103 -13.37 -31.83 12.18
CA TYR G 103 -14.27 -32.94 12.39
C TYR G 103 -13.70 -34.24 11.85
N GLN G 104 -12.37 -34.36 11.78
CA GLN G 104 -11.74 -35.57 11.27
C GLN G 104 -10.89 -36.20 12.37
N PRO G 105 -10.67 -37.52 12.39
CA PRO G 105 -9.86 -38.18 13.37
C PRO G 105 -8.45 -37.76 13.06
N PRO G 106 -7.54 -37.69 14.03
CA PRO G 106 -6.15 -37.41 13.83
C PRO G 106 -5.31 -38.59 13.40
N PRO G 107 -4.61 -38.54 12.25
CA PRO G 107 -3.59 -39.47 11.83
C PRO G 107 -2.17 -39.05 12.16
N TYR G 108 -1.95 -37.90 12.83
CA TYR G 108 -0.57 -37.45 12.99
C TYR G 108 -0.22 -37.35 14.45
N TRP G 109 0.10 -38.46 15.06
CA TRP G 109 0.31 -38.43 16.49
C TRP G 109 1.74 -38.16 16.84
N GLY G 110 1.93 -37.47 17.95
CA GLY G 110 3.23 -37.13 18.48
C GLY G 110 3.79 -38.22 19.38
N GLN G 111 4.86 -37.85 20.05
CA GLN G 111 5.66 -38.73 20.89
C GLN G 111 5.02 -39.26 22.16
N GLY G 112 4.27 -38.43 22.86
CA GLY G 112 3.69 -38.83 24.13
C GLY G 112 4.60 -38.47 25.28
N THR G 113 4.11 -37.77 26.28
CA THR G 113 5.01 -37.52 27.41
C THR G 113 4.38 -37.91 28.72
N LEU G 114 5.17 -38.58 29.54
CA LEU G 114 4.67 -39.03 30.82
C LEU G 114 4.69 -37.97 31.89
N VAL G 115 3.56 -37.84 32.55
CA VAL G 115 3.46 -36.98 33.68
C VAL G 115 3.07 -37.87 34.84
N THR G 116 3.89 -37.84 35.88
CA THR G 116 3.66 -38.65 37.07
C THR G 116 3.28 -37.78 38.23
N VAL G 117 2.23 -38.16 38.93
CA VAL G 117 1.83 -37.39 40.08
C VAL G 117 1.94 -38.29 41.29
N SER G 118 2.80 -37.90 42.21
CA SER G 118 3.11 -38.74 43.37
C SER G 118 3.73 -37.94 44.52
N SER G 119 3.79 -38.55 45.72
CA SER G 119 4.40 -37.99 46.94
C SER G 119 5.91 -38.31 47.00
N ILE H 2 -21.88 -40.01 24.61
CA ILE H 2 -22.32 -41.29 24.04
C ILE H 2 -21.39 -42.35 24.64
N VAL H 3 -21.92 -43.57 24.89
CA VAL H 3 -21.21 -44.72 25.43
C VAL H 3 -20.75 -45.64 24.33
N LEU H 4 -19.46 -45.90 24.30
CA LEU H 4 -18.85 -46.77 23.30
C LEU H 4 -18.33 -48.02 23.98
N THR H 5 -18.77 -49.17 23.51
CA THR H 5 -18.38 -50.47 24.06
C THR H 5 -17.72 -51.26 22.96
N GLN H 6 -16.42 -51.10 22.90
CA GLN H 6 -15.54 -51.59 21.87
C GLN H 6 -14.82 -52.89 22.17
N ALA H 7 -14.63 -53.19 23.44
CA ALA H 7 -13.88 -54.40 23.73
C ALA H 7 -14.61 -55.46 24.55
N PRO H 8 -15.67 -56.12 24.01
CA PRO H 8 -16.41 -57.19 24.65
C PRO H 8 -15.61 -58.50 24.75
N PHE H 9 -14.52 -58.62 23.99
CA PHE H 9 -13.72 -59.84 24.03
C PHE H 9 -12.27 -59.68 23.63
N SER H 10 -11.46 -60.64 24.06
CA SER H 10 -10.08 -60.77 23.61
C SER H 10 -10.11 -61.68 22.39
N LEU H 11 -9.06 -61.65 21.58
CA LEU H 11 -9.05 -62.46 20.37
C LEU H 11 -7.70 -63.14 20.21
N SER H 12 -7.69 -64.43 19.83
CA SER H 12 -6.44 -65.16 19.61
C SER H 12 -6.45 -65.87 18.27
N LEU H 13 -5.52 -65.47 17.42
CA LEU H 13 -5.42 -65.92 16.03
C LEU H 13 -4.06 -66.41 15.61
N SER H 14 -4.03 -67.21 14.55
CA SER H 14 -2.77 -67.60 13.95
C SER H 14 -2.49 -66.60 12.81
N PRO H 15 -1.23 -66.24 12.53
CA PRO H 15 -0.87 -65.41 11.40
C PRO H 15 -1.40 -66.07 10.13
N GLY H 16 -1.87 -65.26 9.21
CA GLY H 16 -2.43 -65.66 7.94
C GLY H 16 -3.96 -65.76 7.96
N GLU H 17 -4.55 -65.75 9.15
CA GLU H 17 -5.99 -65.85 9.32
C GLU H 17 -6.78 -64.56 9.12
N ARG H 18 -8.08 -64.74 8.86
CA ARG H 18 -9.04 -63.66 8.76
C ARG H 18 -9.86 -63.57 10.02
N ALA H 19 -10.07 -62.35 10.51
CA ALA H 19 -10.92 -62.15 11.69
C ALA H 19 -11.51 -60.76 11.75
N THR H 20 -12.58 -60.63 12.53
CA THR H 20 -13.21 -59.35 12.71
C THR H 20 -13.38 -58.94 14.16
N LEU H 21 -13.44 -57.62 14.34
CA LEU H 21 -13.70 -56.94 15.60
C LEU H 21 -14.85 -55.98 15.39
N SER H 22 -15.67 -55.75 16.41
CA SER H 22 -16.73 -54.78 16.18
C SER H 22 -17.02 -53.95 17.42
N CYS H 23 -17.59 -52.75 17.19
CA CYS H 23 -17.96 -51.73 18.18
C CYS H 23 -19.45 -51.45 18.19
N ARG H 24 -19.97 -51.30 19.39
CA ARG H 24 -21.37 -50.96 19.57
C ARG H 24 -21.44 -49.65 20.34
N ALA H 25 -22.53 -48.92 20.14
CA ALA H 25 -22.68 -47.66 20.86
C ALA H 25 -24.12 -47.39 21.25
N SER H 26 -24.30 -46.56 22.27
CA SER H 26 -25.62 -46.17 22.75
C SER H 26 -26.42 -45.29 21.79
N GLN H 27 -25.73 -44.52 20.95
CA GLN H 27 -26.37 -43.68 19.95
C GLN H 27 -25.58 -43.75 18.68
N SER H 28 -26.05 -43.08 17.64
CA SER H 28 -25.36 -43.11 16.38
C SER H 28 -24.09 -42.31 16.39
N VAL H 29 -23.07 -42.84 15.75
CA VAL H 29 -21.85 -42.07 15.69
C VAL H 29 -21.92 -41.18 14.48
N SER H 30 -22.56 -40.03 14.69
CA SER H 30 -22.85 -39.06 13.66
C SER H 30 -23.30 -39.80 12.43
N SER H 31 -22.75 -39.43 11.30
CA SER H 31 -22.98 -40.21 10.12
C SER H 31 -21.71 -40.91 9.71
N SER H 32 -21.69 -42.23 9.90
CA SER H 32 -20.55 -43.06 9.56
C SER H 32 -19.22 -42.46 10.01
N SER H 33 -19.15 -42.01 11.26
CA SER H 33 -17.94 -41.34 11.74
C SER H 33 -17.25 -41.97 12.94
N LEU H 34 -17.19 -43.30 12.95
CA LEU H 34 -16.47 -44.00 14.00
C LEU H 34 -15.16 -44.50 13.38
N ALA H 35 -14.04 -43.98 13.85
CA ALA H 35 -12.72 -44.31 13.28
C ALA H 35 -12.08 -45.49 13.98
N TRP H 36 -11.20 -46.21 13.28
CA TRP H 36 -10.46 -47.31 13.93
C TRP H 36 -8.99 -47.04 14.05
N TYR H 37 -8.47 -47.38 15.22
CA TYR H 37 -7.06 -47.26 15.58
C TYR H 37 -6.39 -48.56 15.97
N HIS H 38 -5.09 -48.63 15.67
CA HIS H 38 -4.22 -49.75 15.96
C HIS H 38 -3.02 -49.33 16.79
N GLN H 39 -2.85 -49.91 17.97
CA GLN H 39 -1.77 -49.49 18.82
C GLN H 39 -0.76 -50.57 19.20
N LYS H 40 0.46 -50.35 18.76
CA LYS H 40 1.60 -51.21 19.05
C LYS H 40 2.07 -50.78 20.43
N PRO H 41 2.40 -51.66 21.38
CA PRO H 41 2.84 -51.26 22.69
C PRO H 41 4.01 -50.31 22.62
N GLY H 42 3.93 -49.24 23.40
CA GLY H 42 4.97 -48.22 23.45
C GLY H 42 4.81 -47.14 22.39
N GLN H 43 3.86 -47.31 21.49
CA GLN H 43 3.65 -46.37 20.40
C GLN H 43 2.38 -45.54 20.51
N ALA H 44 2.38 -44.41 19.83
CA ALA H 44 1.18 -43.62 19.69
C ALA H 44 0.23 -44.44 18.81
N PRO H 45 -1.09 -44.35 18.98
CA PRO H 45 -2.07 -45.00 18.14
C PRO H 45 -1.93 -44.60 16.67
N ARG H 46 -2.11 -45.56 15.77
CA ARG H 46 -2.08 -45.30 14.34
C ARG H 46 -3.48 -45.39 13.77
N LEU H 47 -3.85 -44.46 12.90
CA LEU H 47 -5.19 -44.52 12.32
C LEU H 47 -5.24 -45.51 11.17
N LEU H 48 -6.21 -46.42 11.21
CA LEU H 48 -6.38 -47.41 10.15
C LEU H 48 -7.50 -47.05 9.21
N ILE H 49 -8.65 -46.80 9.80
CA ILE H 49 -9.85 -46.54 9.03
C ILE H 49 -10.32 -45.14 9.34
N TYR H 50 -10.52 -44.38 8.30
CA TYR H 50 -10.97 -43.01 8.34
C TYR H 50 -12.47 -42.95 8.14
N GLY H 51 -13.17 -42.55 9.17
CA GLY H 51 -14.61 -42.60 9.09
C GLY H 51 -14.97 -44.05 9.24
N ALA H 52 -16.19 -44.43 8.96
CA ALA H 52 -16.56 -45.83 9.11
C ALA H 52 -15.79 -46.75 8.17
N SER H 53 -15.48 -46.31 6.94
CA SER H 53 -14.86 -47.23 5.99
C SER H 53 -13.71 -46.78 5.09
N SER H 54 -13.25 -45.53 5.11
CA SER H 54 -12.21 -45.21 4.15
C SER H 54 -10.89 -45.73 4.64
N ARG H 55 -10.02 -46.13 3.76
CA ARG H 55 -8.74 -46.55 4.28
C ARG H 55 -7.89 -45.32 4.50
N ALA H 56 -7.26 -45.21 5.66
CA ALA H 56 -6.41 -44.07 5.94
C ALA H 56 -5.19 -44.15 5.05
N THR H 57 -4.65 -43.01 4.65
CA THR H 57 -3.49 -42.99 3.79
C THR H 57 -2.32 -43.72 4.42
N GLY H 58 -1.69 -44.61 3.64
CA GLY H 58 -0.54 -45.38 4.07
C GLY H 58 -0.87 -46.76 4.65
N ILE H 59 -2.15 -47.04 4.81
CA ILE H 59 -2.60 -48.29 5.36
C ILE H 59 -2.75 -49.39 4.28
N PRO H 60 -2.19 -50.59 4.52
CA PRO H 60 -2.27 -51.78 3.67
C PRO H 60 -3.69 -52.23 3.40
N ASP H 61 -3.87 -52.88 2.27
CA ASP H 61 -5.15 -53.38 1.77
C ASP H 61 -5.75 -54.53 2.56
N ARG H 62 -5.01 -55.05 3.52
CA ARG H 62 -5.51 -56.12 4.37
C ARG H 62 -6.56 -55.58 5.32
N PHE H 63 -6.59 -54.25 5.50
CA PHE H 63 -7.55 -53.63 6.38
C PHE H 63 -8.74 -53.06 5.63
N SER H 64 -9.92 -53.34 6.15
CA SER H 64 -11.15 -52.80 5.58
C SER H 64 -12.21 -52.79 6.65
N GLY H 65 -13.32 -52.12 6.40
CA GLY H 65 -14.40 -52.15 7.37
C GLY H 65 -15.58 -51.35 6.88
N SER H 66 -16.67 -51.47 7.61
CA SER H 66 -17.91 -50.79 7.31
C SER H 66 -18.84 -50.81 8.50
N GLY H 67 -19.89 -50.01 8.44
CA GLY H 67 -20.89 -50.01 9.49
C GLY H 67 -21.66 -48.72 9.47
N SER H 68 -22.60 -48.63 10.40
CA SER H 68 -23.43 -47.44 10.49
C SER H 68 -24.06 -47.34 11.85
N GLY H 69 -24.60 -46.17 12.16
CA GLY H 69 -25.37 -46.09 13.37
C GLY H 69 -24.60 -46.44 14.62
N THR H 70 -25.11 -47.47 15.29
CA THR H 70 -24.65 -48.04 16.54
C THR H 70 -23.91 -49.36 16.42
N ASP H 71 -23.55 -49.80 15.20
CA ASP H 71 -22.87 -51.09 15.03
C ASP H 71 -21.84 -51.10 13.87
N PHE H 72 -20.53 -51.13 14.20
CA PHE H 72 -19.44 -51.05 13.20
C PHE H 72 -18.43 -52.20 13.25
N THR H 73 -17.93 -52.63 12.07
CA THR H 73 -16.96 -53.73 12.02
C THR H 73 -15.65 -53.46 11.26
N LEU H 74 -14.55 -53.90 11.86
CA LEU H 74 -13.21 -53.90 11.28
C LEU H 74 -12.84 -55.31 10.89
N THR H 75 -12.38 -55.50 9.67
CA THR H 75 -11.95 -56.79 9.18
C THR H 75 -10.49 -56.78 8.78
N ILE H 76 -9.75 -57.78 9.24
CA ILE H 76 -8.36 -57.90 8.80
C ILE H 76 -8.18 -59.27 8.17
N SER H 77 -7.69 -59.30 6.93
CA SER H 77 -7.43 -60.58 6.28
C SER H 77 -5.94 -60.74 6.19
N ARG H 78 -5.43 -61.94 5.95
CA ARG H 78 -3.98 -62.08 5.78
C ARG H 78 -3.22 -61.44 6.94
N LEU H 79 -3.64 -61.75 8.15
CA LEU H 79 -3.07 -61.20 9.35
C LEU H 79 -1.57 -61.45 9.49
N GLU H 80 -0.81 -60.41 9.83
CA GLU H 80 0.66 -60.53 10.00
C GLU H 80 1.05 -60.25 11.45
N PRO H 81 2.24 -60.64 11.94
CA PRO H 81 2.72 -60.38 13.31
C PRO H 81 2.55 -58.91 13.75
N GLU H 82 2.64 -57.98 12.80
CA GLU H 82 2.50 -56.54 13.04
C GLU H 82 1.12 -56.13 13.55
N ASP H 83 0.12 -56.97 13.26
CA ASP H 83 -1.26 -56.72 13.59
C ASP H 83 -1.65 -57.23 14.98
N PHE H 84 -0.76 -57.95 15.64
CA PHE H 84 -1.15 -58.54 16.92
C PHE H 84 -0.92 -57.62 18.10
N SER H 85 -1.77 -56.60 18.19
CA SER H 85 -1.69 -55.57 19.22
C SER H 85 -3.10 -55.09 19.57
N LEU H 86 -3.21 -53.87 20.12
CA LEU H 86 -4.53 -53.39 20.56
C LEU H 86 -5.33 -52.66 19.51
N TYR H 87 -6.65 -52.83 19.57
CA TYR H 87 -7.52 -52.08 18.69
C TYR H 87 -8.50 -51.23 19.45
N TYR H 88 -8.79 -50.05 18.90
CA TYR H 88 -9.71 -49.07 19.48
C TYR H 88 -10.66 -48.46 18.41
N CYS H 89 -11.81 -47.93 18.87
CA CYS H 89 -12.77 -47.13 18.11
C CYS H 89 -12.80 -45.73 18.70
N GLN H 90 -12.92 -44.72 17.83
CA GLN H 90 -13.05 -43.33 18.29
C GLN H 90 -14.19 -42.57 17.63
N GLN H 91 -15.07 -42.00 18.43
CA GLN H 91 -16.21 -41.28 17.88
C GLN H 91 -15.86 -39.86 17.54
N TYR H 92 -15.07 -39.70 16.49
CA TYR H 92 -14.57 -38.39 16.13
C TYR H 92 -15.70 -37.48 15.63
N GLY H 93 -16.80 -38.06 15.13
CA GLY H 93 -17.89 -37.20 14.67
C GLY H 93 -18.90 -36.80 15.76
N SER H 94 -18.73 -37.32 16.98
CA SER H 94 -19.64 -37.07 18.12
C SER H 94 -19.22 -35.83 18.89
N SER H 95 -20.08 -35.34 19.81
CA SER H 95 -19.66 -34.18 20.59
C SER H 95 -18.36 -34.45 21.42
N PRO H 96 -18.32 -35.37 22.43
CA PRO H 96 -17.07 -35.81 23.05
C PRO H 96 -16.42 -36.76 22.07
N LEU H 97 -15.11 -36.72 21.90
CA LEU H 97 -14.51 -37.66 20.95
C LEU H 97 -14.06 -38.91 21.67
N THR H 98 -15.01 -39.64 22.21
CA THR H 98 -14.74 -40.80 23.08
C THR H 98 -14.03 -41.96 22.40
N PHE H 99 -13.14 -42.60 23.16
CA PHE H 99 -12.39 -43.80 22.75
C PHE H 99 -12.86 -45.05 23.45
N GLY H 100 -12.70 -46.18 22.77
CA GLY H 100 -13.02 -47.48 23.31
C GLY H 100 -11.97 -47.97 24.32
N GLN H 101 -12.22 -49.16 24.85
CA GLN H 101 -11.43 -49.76 25.91
C GLN H 101 -10.10 -50.38 25.49
N GLY H 102 -10.08 -50.97 24.30
CA GLY H 102 -8.94 -51.67 23.75
C GLY H 102 -9.11 -53.19 23.76
N THR H 103 -8.98 -53.83 22.60
CA THR H 103 -9.08 -55.30 22.51
C THR H 103 -7.71 -55.77 22.17
N ARG H 104 -7.30 -56.89 22.75
CA ARG H 104 -5.98 -57.40 22.41
C ARG H 104 -6.02 -58.62 21.56
N LEU H 105 -5.20 -58.59 20.52
CA LEU H 105 -5.03 -59.73 19.66
C LEU H 105 -3.72 -60.49 19.97
N GLU H 106 -3.88 -61.77 20.33
CA GLU H 106 -2.79 -62.65 20.72
C GLU H 106 -2.31 -63.55 19.58
N ILE H 107 -1.04 -63.96 19.64
CA ILE H 107 -0.46 -64.86 18.63
C ILE H 107 -0.41 -66.31 19.12
N LYS H 108 -1.03 -67.25 18.35
CA LYS H 108 -1.02 -68.71 18.61
C LYS H 108 0.30 -69.35 18.12
N ASP I 1 -52.81 3.61 5.89
CA ASP I 1 -53.12 2.63 4.85
C ASP I 1 -51.87 2.23 4.05
N THR I 2 -51.03 3.21 3.61
CA THR I 2 -49.78 2.94 2.85
C THR I 2 -48.51 3.37 3.55
N ILE I 3 -47.54 2.45 3.56
CA ILE I 3 -46.18 2.71 4.05
C ILE I 3 -45.20 2.46 2.92
N CYS I 4 -44.33 3.43 2.61
CA CYS I 4 -43.31 3.31 1.58
C CYS I 4 -41.95 3.54 2.17
N ILE I 5 -41.00 2.74 1.74
CA ILE I 5 -39.64 2.85 2.21
C ILE I 5 -38.78 3.39 1.13
N GLY I 6 -38.06 4.44 1.46
CA GLY I 6 -37.21 5.12 0.51
C GLY I 6 -35.94 5.61 1.12
N TYR I 7 -35.33 6.52 0.42
CA TYR I 7 -34.09 7.10 0.81
C TYR I 7 -33.99 8.50 0.28
N HIS I 8 -33.09 9.27 0.84
CA HIS I 8 -32.84 10.67 0.52
C HIS I 8 -32.39 10.97 -0.91
N ALA I 9 -32.93 12.03 -1.48
CA ALA I 9 -32.50 12.56 -2.77
C ALA I 9 -32.55 14.07 -2.64
N ASN I 10 -31.71 14.77 -3.40
CA ASN I 10 -31.65 16.23 -3.30
C ASN I 10 -31.19 16.84 -4.63
N ASN I 11 -30.77 18.14 -4.64
CA ASN I 11 -30.37 18.90 -5.82
C ASN I 11 -28.84 18.91 -6.11
N SER I 12 -28.02 18.07 -5.40
CA SER I 12 -26.55 17.99 -5.59
C SER I 12 -26.12 17.42 -6.93
N THR I 13 -25.08 18.01 -7.50
CA THR I 13 -24.51 17.57 -8.76
C THR I 13 -23.08 17.09 -8.60
N ASP I 14 -22.64 16.90 -7.37
CA ASP I 14 -21.28 16.41 -7.16
C ASP I 14 -21.22 14.96 -7.59
N THR I 15 -20.08 14.52 -8.13
CA THR I 15 -19.96 13.11 -8.51
C THR I 15 -18.76 12.41 -7.94
N VAL I 16 -18.83 11.09 -7.92
CA VAL I 16 -17.74 10.23 -7.48
C VAL I 16 -17.48 9.12 -8.49
N ASP I 17 -16.32 8.52 -8.38
CA ASP I 17 -16.03 7.33 -9.15
C ASP I 17 -15.95 6.12 -8.24
N THR I 18 -16.23 4.94 -8.77
CA THR I 18 -16.09 3.69 -8.02
C THR I 18 -15.33 2.74 -8.93
N VAL I 19 -15.06 1.53 -8.47
CA VAL I 19 -14.37 0.60 -9.34
C VAL I 19 -15.26 0.06 -10.48
N LEU I 20 -16.58 -0.01 -10.29
CA LEU I 20 -17.45 -0.53 -11.35
C LEU I 20 -18.06 0.54 -12.26
N GLU I 21 -18.20 1.75 -11.78
CA GLU I 21 -18.86 2.81 -12.54
C GLU I 21 -18.20 4.16 -12.35
N LYS I 22 -18.39 5.06 -13.31
CA LYS I 22 -17.79 6.40 -13.25
C LYS I 22 -18.86 7.49 -13.31
N ASN I 23 -18.53 8.72 -12.78
CA ASN I 23 -19.36 9.92 -12.80
C ASN I 23 -20.77 9.70 -12.16
N VAL I 24 -20.80 9.09 -10.96
CA VAL I 24 -22.01 8.77 -10.20
C VAL I 24 -22.40 10.00 -9.41
N THR I 25 -23.63 10.46 -9.54
CA THR I 25 -24.02 11.65 -8.79
C THR I 25 -24.36 11.20 -7.39
N VAL I 26 -23.84 11.90 -6.39
CA VAL I 26 -23.97 11.56 -4.97
C VAL I 26 -24.56 12.68 -4.12
N THR I 27 -25.44 12.32 -3.18
CA THR I 27 -26.13 13.31 -2.35
C THR I 27 -25.25 14.13 -1.45
N HIS I 28 -24.13 13.57 -1.01
CA HIS I 28 -23.14 14.26 -0.17
C HIS I 28 -21.83 13.50 -0.24
N SER I 29 -20.74 14.23 -0.31
CA SER I 29 -19.45 13.60 -0.33
C SER I 29 -18.41 14.45 0.36
N VAL I 30 -17.33 13.82 0.75
CA VAL I 30 -16.23 14.46 1.42
C VAL I 30 -14.96 14.45 0.64
N ASN I 31 -14.43 15.63 0.41
CA ASN I 31 -13.20 15.72 -0.32
C ASN I 31 -12.06 15.52 0.64
N LEU I 32 -11.35 14.41 0.51
CA LEU I 32 -10.28 14.09 1.42
C LEU I 32 -8.96 14.66 0.96
N LEU I 33 -8.97 15.30 -0.19
CA LEU I 33 -7.78 15.87 -0.77
C LEU I 33 -7.87 17.39 -0.71
N GLU I 34 -7.00 18.01 0.05
CA GLU I 34 -6.99 19.45 0.22
C GLU I 34 -6.29 20.14 -0.94
N ASP I 35 -6.96 21.09 -1.58
CA ASP I 35 -6.34 21.81 -2.67
C ASP I 35 -6.25 23.32 -2.49
N SER I 36 -6.60 23.86 -1.31
CA SER I 36 -6.49 25.29 -1.14
C SER I 36 -5.32 25.65 -0.25
N HIS I 37 -4.99 26.91 -0.24
CA HIS I 37 -3.96 27.45 0.65
C HIS I 37 -4.21 28.94 0.77
N ASN I 38 -3.48 29.58 1.67
CA ASN I 38 -3.68 30.99 1.91
C ASN I 38 -2.99 31.96 0.94
N GLY I 39 -2.10 31.50 0.08
CA GLY I 39 -1.41 32.40 -0.84
C GLY I 39 -0.29 33.23 -0.19
N LYS I 40 -0.04 32.96 1.07
CA LYS I 40 0.93 33.69 1.87
C LYS I 40 1.64 32.79 2.87
N LEU I 41 2.81 33.22 3.30
CA LEU I 41 3.65 32.53 4.28
C LEU I 41 2.99 32.80 5.63
N CYS I 42 3.15 31.90 6.63
CA CYS I 42 2.51 32.05 7.93
C CYS I 42 3.35 31.48 9.09
N LEU I 43 2.78 31.56 10.29
CA LEU I 43 3.35 31.16 11.56
C LEU I 43 3.10 29.69 11.79
N LEU I 44 4.18 28.94 11.82
CA LEU I 44 4.09 27.50 11.93
C LEU I 44 4.05 27.15 13.38
N LYS I 45 2.91 26.60 13.80
CA LYS I 45 2.64 26.34 15.20
C LYS I 45 2.79 27.64 15.99
N GLY I 46 2.39 28.77 15.38
CA GLY I 46 2.46 30.06 16.03
C GLY I 46 3.81 30.78 15.93
N ILE I 47 4.82 30.15 15.33
CA ILE I 47 6.14 30.75 15.25
C ILE I 47 6.50 31.20 13.83
N ALA I 48 6.92 32.45 13.74
CA ALA I 48 7.32 33.04 12.48
C ALA I 48 8.60 32.42 11.93
N PRO I 49 8.76 32.36 10.61
CA PRO I 49 9.94 31.98 9.91
C PRO I 49 10.96 33.04 9.91
N LEU I 50 12.15 32.68 9.55
CA LEU I 50 13.15 33.66 9.27
C LEU I 50 13.03 34.00 7.82
N GLN I 51 12.72 35.24 7.50
CA GLN I 51 12.56 35.61 6.10
C GLN I 51 13.78 36.29 5.60
N LEU I 52 14.47 35.66 4.67
CA LEU I 52 15.71 36.22 4.18
C LEU I 52 15.46 37.14 2.97
N GLY I 53 14.33 36.98 2.30
CA GLY I 53 14.07 37.83 1.15
C GLY I 53 15.13 37.63 0.06
N ASN I 54 15.82 38.72 -0.31
CA ASN I 54 16.86 38.76 -1.36
C ASN I 54 18.10 37.93 -1.01
N CYS I 55 18.32 37.63 0.30
CA CYS I 55 19.47 36.88 0.80
C CYS I 55 19.28 35.38 0.74
N SER I 56 20.39 34.70 0.57
CA SER I 56 20.48 33.25 0.62
C SER I 56 20.88 32.86 2.02
N VAL I 57 20.85 31.57 2.36
CA VAL I 57 21.31 31.19 3.68
C VAL I 57 22.76 31.59 3.86
N ALA I 58 23.63 31.37 2.85
CA ALA I 58 25.01 31.79 3.00
C ALA I 58 25.10 33.28 3.24
N GLY I 59 24.25 34.06 2.61
CA GLY I 59 24.28 35.51 2.80
C GLY I 59 24.05 35.83 4.25
N TRP I 60 22.98 35.30 4.80
CA TRP I 60 22.65 35.55 6.19
C TRP I 60 23.68 35.05 7.19
N ILE I 61 24.17 33.84 7.04
CA ILE I 61 25.16 33.25 7.91
C ILE I 61 26.50 33.95 7.82
N LEU I 62 26.94 34.29 6.64
CA LEU I 62 28.20 34.96 6.49
C LEU I 62 28.04 36.43 6.91
N GLY I 63 26.84 36.99 6.76
CA GLY I 63 26.60 38.36 7.13
C GLY I 63 26.83 39.32 5.97
N ASN I 64 26.32 38.98 4.80
CA ASN I 64 26.45 39.80 3.61
C ASN I 64 26.04 41.19 3.98
N PRO I 65 26.72 42.24 3.52
CA PRO I 65 26.40 43.60 3.82
C PRO I 65 24.92 43.96 3.61
N GLU I 66 24.26 43.30 2.66
CA GLU I 66 22.86 43.58 2.36
C GLU I 66 21.81 42.77 3.18
N CYS I 67 22.27 41.91 4.12
CA CYS I 67 21.48 41.01 4.96
C CYS I 67 21.44 41.60 6.38
N GLU I 68 21.62 42.91 6.48
CA GLU I 68 21.67 43.62 7.75
C GLU I 68 20.42 43.45 8.58
N LEU I 69 19.28 43.42 7.94
CA LEU I 69 18.03 43.38 8.66
C LEU I 69 17.67 41.97 9.04
N LEU I 70 18.49 41.02 8.66
CA LEU I 70 18.22 39.64 8.93
C LEU I 70 18.98 39.13 10.12
N ILE I 71 19.79 39.99 10.76
CA ILE I 71 20.61 39.48 11.86
C ILE I 71 20.12 39.90 13.24
N SER I 72 18.86 40.31 13.31
CA SER I 72 18.21 40.66 14.57
C SER I 72 17.32 39.55 15.15
N LYS I 73 16.88 38.59 14.34
CA LYS I 73 15.97 37.55 14.80
C LYS I 73 16.72 36.36 15.42
N GLU I 74 16.36 35.99 16.66
CA GLU I 74 17.03 34.90 17.39
C GLU I 74 16.39 33.51 17.37
N SER I 75 15.22 33.34 16.80
CA SER I 75 14.62 31.99 16.76
C SER I 75 13.69 31.89 15.59
N TRP I 76 13.50 30.69 15.05
CA TRP I 76 12.56 30.52 13.94
C TRP I 76 11.99 29.15 13.79
N SER I 77 10.87 29.09 13.10
CA SER I 77 10.25 27.82 12.77
C SER I 77 10.73 27.16 11.48
N TYR I 78 11.19 27.95 10.53
CA TYR I 78 11.70 27.52 9.21
C TYR I 78 12.44 28.69 8.58
N ILE I 79 13.18 28.46 7.50
CA ILE I 79 13.87 29.55 6.79
C ILE I 79 13.33 29.76 5.40
N VAL I 80 13.01 31.01 5.04
CA VAL I 80 12.47 31.30 3.73
C VAL I 80 13.40 32.15 2.88
N GLU I 81 13.73 31.66 1.70
CA GLU I 81 14.56 32.37 0.73
C GLU I 81 13.66 32.77 -0.43
N THR I 82 13.95 33.87 -1.13
CA THR I 82 13.20 34.18 -2.36
C THR I 82 13.54 33.06 -3.36
N PRO I 83 12.76 32.78 -4.43
CA PRO I 83 12.99 31.70 -5.39
C PRO I 83 14.39 31.65 -6.00
N ASN I 84 15.03 32.80 -6.16
CA ASN I 84 16.35 32.84 -6.72
C ASN I 84 17.16 33.93 -6.03
N PRO I 85 17.74 33.64 -4.85
CA PRO I 85 18.44 34.59 -4.01
C PRO I 85 19.56 35.25 -4.74
N GLU I 86 19.73 36.53 -4.46
CA GLU I 86 20.76 37.34 -5.09
C GLU I 86 21.96 37.70 -4.18
N ASN I 87 21.74 37.85 -2.84
CA ASN I 87 22.76 38.27 -1.87
C ASN I 87 23.21 37.08 -1.01
N GLY I 88 24.33 36.47 -1.41
CA GLY I 88 24.92 35.26 -0.83
C GLY I 88 26.40 35.46 -0.66
N THR I 89 27.13 34.66 -1.40
CA THR I 89 28.52 34.87 -1.37
C THR I 89 28.75 36.14 -2.21
N CYS I 90 29.42 37.18 -1.63
CA CYS I 90 29.70 38.46 -2.30
C CYS I 90 31.16 38.49 -2.72
N TYR I 91 31.91 37.55 -2.21
CA TYR I 91 33.29 37.37 -2.56
C TYR I 91 33.31 35.90 -2.93
N PRO I 92 33.29 35.57 -4.22
CA PRO I 92 32.98 34.24 -4.73
C PRO I 92 33.96 33.22 -4.25
N GLY I 93 33.47 31.99 -4.11
CA GLY I 93 34.28 30.86 -3.68
C GLY I 93 33.40 29.68 -3.38
N TYR I 94 34.02 28.60 -2.97
CA TYR I 94 33.30 27.39 -2.65
C TYR I 94 32.89 27.36 -1.20
N PHE I 95 31.64 27.06 -0.93
CA PHE I 95 31.20 26.99 0.44
C PHE I 95 31.14 25.51 0.75
N ALA I 96 32.03 25.04 1.60
CA ALA I 96 32.12 23.63 1.87
C ALA I 96 30.92 23.14 2.63
N ASP I 97 30.43 21.97 2.24
CA ASP I 97 29.34 21.33 2.93
C ASP I 97 28.20 22.29 3.15
N TYR I 98 27.89 23.09 2.13
CA TYR I 98 26.84 24.07 2.22
C TYR I 98 25.51 23.41 2.42
N GLU I 99 25.29 22.35 1.66
CA GLU I 99 24.06 21.62 1.72
C GLU I 99 23.89 20.99 3.09
N GLU I 100 24.98 20.62 3.76
CA GLU I 100 24.85 20.05 5.11
C GLU I 100 24.55 21.15 6.11
N LEU I 101 25.16 22.33 5.94
CA LEU I 101 24.93 23.39 6.90
C LEU I 101 23.48 23.82 6.90
N ARG I 102 22.89 23.85 5.73
CA ARG I 102 21.50 24.26 5.59
C ARG I 102 20.54 23.25 6.18
N GLU I 103 21.00 22.02 6.40
CA GLU I 103 20.16 21.02 6.99
C GLU I 103 20.18 21.29 8.50
N GLN I 104 21.37 21.57 9.01
CA GLN I 104 21.57 21.81 10.43
C GLN I 104 20.87 23.06 10.96
N LEU I 105 20.78 24.07 10.12
CA LEU I 105 20.13 25.33 10.47
C LEU I 105 18.66 25.34 10.14
N SER I 106 18.15 24.23 9.65
CA SER I 106 16.78 24.21 9.18
C SER I 106 15.77 24.49 10.29
N SER I 107 16.14 24.27 11.55
CA SER I 107 15.29 24.55 12.70
C SER I 107 16.09 24.92 13.93
N VAL I 108 15.99 26.16 14.37
CA VAL I 108 16.76 26.57 15.52
C VAL I 108 15.83 27.23 16.55
N SER I 109 15.87 26.70 17.78
CA SER I 109 15.05 27.20 18.87
C SER I 109 15.67 28.46 19.45
N SER I 110 16.99 28.53 19.40
CA SER I 110 17.75 29.69 19.85
C SER I 110 19.00 29.87 19.01
N PHE I 111 19.17 31.07 18.49
CA PHE I 111 20.29 31.42 17.65
C PHE I 111 20.95 32.68 18.14
N GLU I 112 21.85 32.55 19.08
CA GLU I 112 22.45 33.77 19.62
C GLU I 112 23.64 34.16 18.81
N ARG I 113 23.63 35.35 18.26
CA ARG I 113 24.79 35.77 17.48
C ARG I 113 25.67 36.49 18.44
N PHE I 114 26.80 35.92 18.78
CA PHE I 114 27.62 36.55 19.78
C PHE I 114 28.96 36.81 19.19
N GLU I 115 29.67 37.75 19.74
CA GLU I 115 30.97 38.02 19.18
C GLU I 115 31.90 37.02 19.83
N ILE I 116 32.45 36.14 19.02
CA ILE I 116 33.31 35.06 19.51
C ILE I 116 34.72 35.52 19.76
N PHE I 117 35.20 36.37 18.90
CA PHE I 117 36.54 36.92 19.02
C PHE I 117 36.49 38.43 18.88
N PRO I 118 36.25 39.19 19.96
CA PRO I 118 36.01 40.61 19.89
C PRO I 118 37.08 41.24 19.07
N LYS I 119 36.68 42.05 18.11
CA LYS I 119 37.63 42.60 17.16
C LYS I 119 38.81 43.36 17.73
N GLU I 120 38.53 44.28 18.62
CA GLU I 120 39.58 45.15 19.13
C GLU I 120 40.58 44.46 20.04
N SER I 121 40.11 43.60 20.92
CA SER I 121 41.01 42.94 21.83
C SER I 121 41.60 41.65 21.29
N SER I 122 40.96 41.01 20.30
CA SER I 122 41.47 39.74 19.81
C SER I 122 42.62 39.89 18.83
N TRP I 123 42.64 40.94 18.02
CA TRP I 123 43.71 40.96 17.07
C TRP I 123 44.50 42.26 16.96
N PRO I 124 45.13 42.73 18.04
CA PRO I 124 45.90 43.96 18.10
C PRO I 124 47.24 44.00 17.32
N ASN I 125 47.78 42.82 16.93
CA ASN I 125 49.08 42.68 16.27
C ASN I 125 49.02 42.60 14.73
N HIS I 126 47.83 42.78 14.10
CA HIS I 126 47.67 42.73 12.63
C HIS I 126 46.45 43.52 12.17
N THR I 127 46.24 43.58 10.87
CA THR I 127 45.18 44.38 10.30
C THR I 127 43.85 43.67 10.29
N VAL I 128 42.84 44.37 10.78
CA VAL I 128 41.48 43.88 10.88
C VAL I 128 40.55 44.70 10.02
N THR I 129 41.14 45.34 9.03
CA THR I 129 40.45 46.16 8.07
C THR I 129 40.72 45.51 6.72
N GLY I 130 40.12 46.07 5.69
CA GLY I 130 40.24 45.54 4.34
C GLY I 130 38.87 45.12 3.88
N VAL I 131 38.52 45.62 2.72
CA VAL I 131 37.23 45.43 2.09
C VAL I 131 37.34 45.07 0.62
N SER I 132 36.25 44.59 0.05
CA SER I 132 36.19 44.32 -1.38
C SER I 132 35.07 45.06 -2.08
N ALA I 133 35.37 45.51 -3.29
CA ALA I 133 34.38 46.19 -4.11
C ALA I 133 33.20 45.28 -4.40
N SER I 134 33.48 43.97 -4.47
CA SER I 134 32.44 43.00 -4.79
C SER I 134 31.36 42.83 -3.72
N CYS I 135 31.61 43.31 -2.48
CA CYS I 135 30.74 43.28 -1.32
C CYS I 135 30.31 44.72 -1.03
N SER I 136 30.46 45.61 -2.01
CA SER I 136 30.12 47.00 -1.78
C SER I 136 28.70 47.21 -1.32
N HIS I 137 28.56 48.10 -0.33
CA HIS I 137 27.30 48.43 0.31
C HIS I 137 27.10 49.94 0.27
N ASN I 138 26.04 50.37 -0.41
CA ASN I 138 25.74 51.79 -0.57
C ASN I 138 26.89 52.54 -1.22
N GLY I 139 27.55 51.89 -2.17
CA GLY I 139 28.64 52.52 -2.92
C GLY I 139 30.01 52.37 -2.27
N LYS I 140 30.09 51.84 -1.06
CA LYS I 140 31.39 51.73 -0.42
C LYS I 140 31.84 50.28 -0.35
N SER I 141 33.11 50.05 -0.64
CA SER I 141 33.63 48.69 -0.57
C SER I 141 33.41 48.20 0.83
N SER I 142 33.05 46.92 0.98
CA SER I 142 32.77 46.39 2.31
C SER I 142 33.09 44.90 2.43
N PHE I 143 32.59 44.27 3.48
CA PHE I 143 32.84 42.86 3.69
C PHE I 143 31.76 42.31 4.59
N TYR I 144 31.84 41.05 4.87
CA TYR I 144 30.91 40.35 5.71
C TYR I 144 30.94 40.82 7.14
N ARG I 145 29.79 40.81 7.80
CA ARG I 145 29.68 41.17 9.19
C ARG I 145 30.06 40.09 10.18
N ASN I 146 29.94 38.80 9.83
CA ASN I 146 30.24 37.78 10.83
C ASN I 146 31.66 37.25 10.71
N LEU I 147 32.36 37.69 9.67
CA LEU I 147 33.72 37.26 9.38
C LEU I 147 34.64 38.44 9.27
N LEU I 148 35.86 38.27 9.69
CA LEU I 148 36.80 39.37 9.62
C LEU I 148 37.96 39.02 8.69
N TRP I 149 38.22 39.86 7.71
CA TRP I 149 39.31 39.53 6.79
C TRP I 149 40.58 39.96 7.47
N LEU I 150 41.56 39.08 7.63
CA LEU I 150 42.79 39.49 8.28
C LEU I 150 43.92 39.61 7.30
N THR I 151 44.67 40.70 7.40
CA THR I 151 45.83 40.96 6.55
C THR I 151 46.97 41.42 7.43
N GLY I 152 48.16 41.55 6.88
CA GLY I 152 49.28 42.00 7.73
C GLY I 152 49.23 43.49 8.06
N LYS I 153 50.04 43.87 9.05
CA LYS I 153 50.18 45.25 9.51
C LYS I 153 51.64 45.63 9.46
N ASN I 154 51.96 46.68 8.75
CA ASN I 154 53.32 47.18 8.64
C ASN I 154 54.31 46.12 8.18
N GLY I 155 53.90 45.26 7.26
CA GLY I 155 54.79 44.25 6.73
C GLY I 155 54.74 42.92 7.49
N LEU I 156 54.02 42.84 8.60
CA LEU I 156 53.98 41.58 9.31
C LEU I 156 52.63 40.91 9.38
N TYR I 157 52.68 39.60 9.26
CA TYR I 157 51.52 38.77 9.46
C TYR I 157 52.01 37.71 10.42
N PRO I 158 51.80 37.86 11.73
CA PRO I 158 52.34 37.00 12.74
C PRO I 158 51.64 35.69 12.68
N ASN I 159 52.26 34.65 13.20
CA ASN I 159 51.53 33.40 13.28
C ASN I 159 50.39 33.64 14.23
N LEU I 160 49.22 33.23 13.86
CA LEU I 160 48.08 33.45 14.71
C LEU I 160 47.79 32.20 15.46
N SER I 161 47.29 32.37 16.67
CA SER I 161 46.82 31.26 17.48
C SER I 161 45.68 31.69 18.38
N LYS I 162 44.52 31.08 18.20
CA LYS I 162 43.36 31.41 19.01
C LYS I 162 42.65 30.20 19.50
N SER I 163 42.07 30.30 20.68
CA SER I 163 41.35 29.18 21.24
C SER I 163 40.05 29.59 21.88
N TYR I 164 38.95 29.02 21.41
CA TYR I 164 37.66 29.32 21.98
C TYR I 164 37.08 28.14 22.69
N VAL I 165 36.70 28.37 23.94
CA VAL I 165 36.13 27.32 24.73
C VAL I 165 34.63 27.44 24.78
N ASN I 166 33.95 26.36 24.49
CA ASN I 166 32.52 26.49 24.47
C ASN I 166 31.97 26.37 25.87
N ASN I 167 31.78 27.52 26.47
CA ASN I 167 31.32 27.63 27.85
C ASN I 167 29.81 27.81 27.94
N LYS I 168 29.12 27.64 26.83
CA LYS I 168 27.68 27.75 26.83
C LYS I 168 27.10 26.35 26.75
N GLU I 169 25.90 26.13 27.25
CA GLU I 169 25.32 24.79 27.07
C GLU I 169 24.55 24.76 25.75
N LYS I 170 25.30 25.01 24.69
CA LYS I 170 24.83 25.13 23.32
C LYS I 170 25.91 24.72 22.36
N GLU I 171 25.54 24.35 21.15
CA GLU I 171 26.56 24.04 20.17
C GLU I 171 26.98 25.35 19.58
N VAL I 172 28.21 25.52 19.24
CA VAL I 172 28.56 26.79 18.62
C VAL I 172 29.02 26.63 17.19
N LEU I 173 28.34 27.32 16.31
CA LEU I 173 28.67 27.27 14.91
C LEU I 173 29.72 28.28 14.62
N VAL I 174 30.84 27.78 14.18
CA VAL I 174 31.97 28.62 13.92
C VAL I 174 32.26 28.60 12.44
N LEU I 175 32.31 29.79 11.87
CA LEU I 175 32.55 29.96 10.45
C LEU I 175 33.91 30.54 10.23
N TRP I 176 34.56 30.19 9.16
CA TRP I 176 35.80 30.84 8.82
C TRP I 176 36.02 30.66 7.35
N GLY I 177 37.01 31.33 6.80
CA GLY I 177 37.30 31.04 5.41
C GLY I 177 38.77 31.08 5.11
N VAL I 178 39.10 30.75 3.88
CA VAL I 178 40.48 30.76 3.41
C VAL I 178 40.58 31.55 2.14
N HIS I 179 41.52 32.47 2.11
CA HIS I 179 41.71 33.27 0.92
C HIS I 179 42.55 32.51 -0.10
N HIS I 180 42.11 32.56 -1.34
CA HIS I 180 42.73 31.94 -2.51
C HIS I 180 43.01 32.98 -3.59
N PRO I 181 44.13 33.69 -3.51
CA PRO I 181 44.52 34.77 -4.39
C PRO I 181 44.55 34.31 -5.84
N PRO I 182 44.31 35.20 -6.80
CA PRO I 182 44.38 34.94 -8.22
C PRO I 182 45.82 34.83 -8.69
N ASN I 183 46.74 35.34 -7.89
CA ASN I 183 48.11 35.36 -8.25
C ASN I 183 49.03 35.53 -7.04
N ILE I 184 50.32 35.53 -7.31
CA ILE I 184 51.32 35.68 -6.27
C ILE I 184 51.38 37.09 -5.74
N GLY I 185 51.29 38.08 -6.62
CA GLY I 185 51.38 39.45 -6.16
C GLY I 185 50.30 39.76 -5.14
N ASN I 186 49.08 39.23 -5.34
CA ASN I 186 48.02 39.47 -4.39
C ASN I 186 48.31 38.79 -3.08
N GLN I 187 48.81 37.55 -3.12
CA GLN I 187 49.06 36.93 -1.84
C GLN I 187 50.13 37.66 -1.08
N ARG I 188 51.18 38.12 -1.77
CA ARG I 188 52.28 38.83 -1.12
C ARG I 188 51.87 40.19 -0.56
N ALA I 189 50.95 40.84 -1.25
CA ALA I 189 50.45 42.13 -0.82
C ALA I 189 49.69 42.03 0.49
N LEU I 190 48.97 40.94 0.69
CA LEU I 190 48.16 40.79 1.87
C LEU I 190 48.84 40.02 3.00
N TYR I 191 49.61 39.00 2.64
CA TYR I 191 50.26 38.09 3.58
C TYR I 191 51.71 38.12 3.21
N HIS I 192 52.61 37.89 4.13
CA HIS I 192 53.99 38.05 3.72
C HIS I 192 54.77 36.77 3.56
N THR I 193 54.04 35.67 3.39
CA THR I 193 54.66 34.37 3.15
C THR I 193 53.91 33.69 2.03
N GLU I 194 54.62 32.97 1.18
CA GLU I 194 53.96 32.25 0.12
C GLU I 194 53.44 30.89 0.57
N ASN I 195 54.14 30.29 1.51
CA ASN I 195 53.77 28.96 2.00
C ASN I 195 52.81 29.11 3.15
N ALA I 196 51.67 29.68 2.83
CA ALA I 196 50.64 29.96 3.79
C ALA I 196 49.77 28.74 3.99
N TYR I 197 49.22 28.60 5.18
CA TYR I 197 48.28 27.56 5.51
C TYR I 197 47.45 28.04 6.67
N VAL I 198 46.31 27.40 6.88
CA VAL I 198 45.60 27.66 8.11
C VAL I 198 45.32 26.28 8.66
N SER I 199 45.04 26.18 9.94
CA SER I 199 44.72 24.90 10.56
C SER I 199 43.68 25.03 11.63
N VAL I 200 42.69 24.17 11.57
CA VAL I 200 41.65 24.24 12.56
C VAL I 200 41.44 22.90 13.21
N VAL I 201 41.54 22.85 14.53
CA VAL I 201 41.31 21.59 15.22
C VAL I 201 40.39 21.73 16.42
N SER I 202 39.77 20.64 16.81
CA SER I 202 38.95 20.59 18.01
C SER I 202 39.10 19.18 18.52
N SER I 203 38.49 18.81 19.63
CA SER I 203 38.74 17.47 20.12
C SER I 203 38.46 16.41 19.05
N HIS I 204 37.42 16.62 18.24
CA HIS I 204 37.04 15.67 17.22
C HIS I 204 36.97 16.26 15.82
N TYR I 205 37.85 17.22 15.52
CA TYR I 205 37.89 17.86 14.20
C TYR I 205 39.30 18.19 13.82
N SER I 206 39.68 17.93 12.58
CA SER I 206 40.98 18.37 12.16
C SER I 206 41.08 18.58 10.69
N ARG I 207 41.38 19.80 10.29
CA ARG I 207 41.59 20.12 8.89
C ARG I 207 42.78 21.03 8.71
N ARG I 208 43.49 20.84 7.63
CA ARG I 208 44.57 21.74 7.32
C ARG I 208 44.28 22.22 5.93
N PHE I 209 44.41 23.51 5.68
CA PHE I 209 44.06 24.04 4.40
C PHE I 209 45.21 24.85 3.86
N THR I 210 45.36 24.88 2.55
CA THR I 210 46.37 25.72 1.93
C THR I 210 45.67 26.50 0.84
N PRO I 211 46.18 27.65 0.39
CA PRO I 211 45.65 28.40 -0.72
C PRO I 211 45.97 27.71 -2.01
N GLU I 212 45.09 27.86 -2.98
CA GLU I 212 45.34 27.42 -4.34
C GLU I 212 45.34 28.62 -5.25
N ILE I 213 46.53 29.12 -5.56
CA ILE I 213 46.62 30.32 -6.35
C ILE I 213 46.58 30.03 -7.82
N ALA I 214 45.64 30.67 -8.50
CA ALA I 214 45.45 30.45 -9.92
C ALA I 214 44.68 31.55 -10.58
N LYS I 215 44.92 31.74 -11.87
CA LYS I 215 44.06 32.65 -12.61
C LYS I 215 42.73 31.95 -12.77
N ARG I 216 41.66 32.66 -12.50
CA ARG I 216 40.34 32.09 -12.62
C ARG I 216 39.48 33.04 -13.45
N PRO I 217 38.41 32.57 -14.11
CA PRO I 217 37.48 33.42 -14.81
C PRO I 217 36.88 34.35 -13.80
N LYS I 218 36.53 35.56 -14.20
CA LYS I 218 35.94 36.43 -13.21
C LYS I 218 34.52 36.09 -12.89
N VAL I 219 34.21 36.27 -11.62
CA VAL I 219 32.88 36.19 -11.06
C VAL I 219 32.71 37.52 -10.37
N ARG I 220 31.61 38.21 -10.66
CA ARG I 220 31.46 39.58 -10.21
C ARG I 220 32.69 40.24 -10.83
N ASP I 221 33.47 41.00 -10.11
CA ASP I 221 34.65 41.57 -10.73
C ASP I 221 35.95 40.97 -10.19
N GLN I 222 35.85 39.83 -9.50
CA GLN I 222 37.00 39.22 -8.86
C GLN I 222 37.64 38.09 -9.62
N GLU I 223 38.96 38.00 -9.51
CA GLU I 223 39.68 36.86 -10.06
C GLU I 223 40.00 35.84 -8.98
N GLY I 224 40.13 36.26 -7.73
CA GLY I 224 40.48 35.31 -6.67
C GLY I 224 39.22 34.74 -6.05
N ARG I 225 39.38 33.91 -5.04
CA ARG I 225 38.25 33.29 -4.36
C ARG I 225 38.44 33.16 -2.84
N ILE I 226 37.34 33.12 -2.11
CA ILE I 226 37.38 32.78 -0.67
C ILE I 226 36.53 31.57 -0.39
N ASN I 227 37.13 30.54 0.18
CA ASN I 227 36.31 29.38 0.47
C ASN I 227 35.79 29.49 1.86
N TYR I 228 34.63 28.91 2.10
CA TYR I 228 34.05 29.01 3.41
C TYR I 228 33.95 27.63 4.03
N TYR I 229 34.31 27.58 5.30
CA TYR I 229 34.33 26.35 6.05
C TYR I 229 33.64 26.53 7.38
N TRP I 230 33.16 25.46 7.96
CA TRP I 230 32.52 25.58 9.26
C TRP I 230 32.55 24.30 10.06
N THR I 231 32.32 24.44 11.36
CA THR I 231 32.17 23.29 12.23
C THR I 231 31.25 23.57 13.40
N LEU I 232 30.65 22.53 13.97
CA LEU I 232 29.84 22.70 15.17
C LEU I 232 30.59 22.24 16.38
N LEU I 233 30.82 23.15 17.30
CA LEU I 233 31.56 22.86 18.50
C LEU I 233 30.63 22.44 19.62
N GLU I 234 30.84 21.25 20.16
CA GLU I 234 29.96 20.75 21.21
C GLU I 234 30.28 21.44 22.54
N PRO I 235 29.35 21.55 23.50
CA PRO I 235 29.57 22.15 24.79
C PRO I 235 30.74 21.51 25.47
N GLY I 236 31.63 22.31 26.01
CA GLY I 236 32.80 21.85 26.72
C GLY I 236 34.01 21.63 25.82
N ASP I 237 33.83 21.66 24.50
CA ASP I 237 34.95 21.43 23.62
C ASP I 237 35.66 22.75 23.34
N THR I 238 36.73 22.70 22.56
CA THR I 238 37.53 23.87 22.21
C THR I 238 37.96 23.90 20.74
N ILE I 239 37.95 25.06 20.09
CA ILE I 239 38.52 25.12 18.74
C ILE I 239 39.78 25.92 18.75
N ILE I 240 40.83 25.32 18.24
CA ILE I 240 42.09 26.00 18.13
C ILE I 240 42.36 26.35 16.68
N PHE I 241 42.54 27.62 16.42
CA PHE I 241 42.83 28.12 15.09
C PHE I 241 44.25 28.55 14.99
N GLU I 242 44.89 28.19 13.90
CA GLU I 242 46.24 28.65 13.62
C GLU I 242 46.35 29.15 12.19
N ALA I 243 47.21 30.11 11.97
CA ALA I 243 47.43 30.53 10.58
C ALA I 243 48.72 31.28 10.38
N ASN I 244 49.29 31.19 9.19
CA ASN I 244 50.42 32.06 8.87
C ASN I 244 50.08 32.85 7.63
N GLY I 245 48.79 32.90 7.31
CA GLY I 245 48.29 33.63 6.17
C GLY I 245 46.98 33.08 5.66
N ASN I 246 46.32 33.91 4.85
CA ASN I 246 45.05 33.67 4.19
C ASN I 246 43.90 33.33 5.09
N LEU I 247 43.83 33.93 6.27
CA LEU I 247 42.71 33.63 7.13
C LEU I 247 41.62 34.69 7.14
N ILE I 248 40.40 34.21 6.98
CA ILE I 248 39.23 35.03 7.16
C ILE I 248 38.72 34.53 8.50
N ALA I 249 38.91 35.31 9.53
CA ALA I 249 38.69 34.84 10.87
C ALA I 249 37.25 34.86 11.28
N PRO I 250 36.82 33.96 12.15
CA PRO I 250 35.51 34.03 12.72
C PRO I 250 35.53 35.28 13.54
N TRP I 251 34.45 36.04 13.53
CA TRP I 251 34.33 37.23 14.35
C TRP I 251 33.14 36.99 15.23
N TYR I 252 32.05 36.61 14.60
CA TYR I 252 30.83 36.27 15.27
C TYR I 252 30.60 34.78 15.09
N ALA I 253 29.88 34.19 16.02
CA ALA I 253 29.56 32.78 15.99
C ALA I 253 28.19 32.59 16.53
N PHE I 254 27.59 31.45 16.26
CA PHE I 254 26.22 31.34 16.73
C PHE I 254 26.04 30.27 17.78
N ALA I 255 25.47 30.64 18.91
CA ALA I 255 25.23 29.62 19.92
C ALA I 255 23.86 29.04 19.65
N LEU I 256 23.85 27.78 19.30
CA LEU I 256 22.66 27.13 18.83
C LEU I 256 22.02 26.15 19.77
N SER I 257 20.71 26.18 19.73
CA SER I 257 19.88 25.18 20.35
C SER I 257 18.94 24.76 19.26
N ARG I 258 19.13 23.54 18.78
CA ARG I 258 18.41 23.01 17.62
C ARG I 258 17.08 22.41 18.00
N GLY I 259 16.09 22.67 17.15
CA GLY I 259 14.75 22.14 17.36
C GLY I 259 14.50 20.95 16.45
N PHE I 260 13.23 20.58 16.31
CA PHE I 260 12.93 19.46 15.43
C PHE I 260 13.19 19.97 14.02
N GLY I 261 13.82 19.18 13.14
CA GLY I 261 14.19 19.65 11.80
C GLY I 261 12.98 20.17 11.03
N SER I 262 13.21 21.21 10.22
CA SER I 262 12.11 21.85 9.50
C SER I 262 12.40 22.10 8.05
N GLY I 263 13.18 23.12 7.69
CA GLY I 263 13.50 23.21 6.28
C GLY I 263 13.74 24.58 5.74
N ILE I 264 14.28 24.59 4.54
CA ILE I 264 14.54 25.82 3.83
C ILE I 264 13.51 25.76 2.72
N ILE I 265 12.71 26.78 2.61
CA ILE I 265 11.67 26.82 1.61
C ILE I 265 11.93 28.01 0.71
N THR I 266 11.76 27.86 -0.60
CA THR I 266 12.00 29.01 -1.46
C THR I 266 10.68 29.52 -1.99
N SER I 267 10.40 30.79 -1.74
CA SER I 267 9.15 31.41 -2.14
C SER I 267 9.16 32.92 -2.09
N ASN I 268 8.41 33.54 -2.99
CA ASN I 268 8.27 34.99 -2.99
C ASN I 268 6.93 35.44 -2.42
N ALA I 269 6.27 34.53 -1.71
CA ALA I 269 5.00 34.83 -1.07
C ALA I 269 5.25 35.83 0.07
N PRO I 270 4.28 36.73 0.37
CA PRO I 270 4.32 37.68 1.48
C PRO I 270 4.09 36.98 2.80
N MET I 271 4.52 37.56 3.90
CA MET I 271 4.24 37.01 5.23
C MET I 271 3.09 37.67 5.98
N ASP I 272 2.26 36.87 6.63
CA ASP I 272 1.18 37.36 7.49
C ASP I 272 0.91 36.40 8.65
N GLU I 273 -0.02 36.75 9.53
CA GLU I 273 -0.33 35.87 10.67
C GLU I 273 -1.60 35.01 10.45
N CYS I 274 -1.56 33.75 10.94
CA CYS I 274 -2.63 32.76 10.92
C CYS I 274 -2.16 31.64 11.84
N ASP I 275 -2.99 30.64 12.04
CA ASP I 275 -2.56 29.44 12.73
C ASP I 275 -2.21 28.38 11.68
N ALA I 276 -0.93 28.25 11.27
CA ALA I 276 -0.59 27.30 10.22
C ALA I 276 -0.12 25.97 10.80
N LYS I 277 -0.45 24.89 10.12
CA LYS I 277 0.08 23.59 10.53
C LYS I 277 1.15 23.04 9.57
N CYS I 278 1.01 23.37 8.26
CA CYS I 278 1.82 22.98 7.12
C CYS I 278 1.99 24.17 6.23
N GLN I 279 3.16 24.31 5.64
CA GLN I 279 3.30 25.33 4.65
C GLN I 279 4.03 24.88 3.41
N THR I 280 3.54 25.31 2.25
CA THR I 280 4.17 24.99 1.00
C THR I 280 4.68 26.31 0.47
N PRO I 281 5.52 26.37 -0.56
CA PRO I 281 5.99 27.59 -1.18
C PRO I 281 4.85 28.45 -1.74
N GLN I 282 3.66 27.88 -1.94
CA GLN I 282 2.57 28.64 -2.50
C GLN I 282 1.77 29.35 -1.42
N GLY I 283 2.03 29.01 -0.17
CA GLY I 283 1.29 29.55 0.95
C GLY I 283 0.94 28.49 1.99
N ALA I 284 0.53 28.97 3.16
CA ALA I 284 0.18 28.18 4.30
C ALA I 284 -1.09 27.36 4.15
N ILE I 285 -1.07 26.19 4.79
CA ILE I 285 -2.16 25.24 4.88
C ILE I 285 -2.64 25.03 6.32
N ASN I 286 -3.95 25.12 6.48
CA ASN I 286 -4.63 24.88 7.73
C ASN I 286 -5.76 23.93 7.41
N SER I 287 -5.45 22.64 7.49
CA SER I 287 -6.37 21.58 7.11
C SER I 287 -6.09 20.25 7.78
N SER I 288 -7.18 19.60 8.18
CA SER I 288 -7.23 18.30 8.82
C SER I 288 -7.25 17.10 7.86
N LEU I 289 -7.41 17.35 6.56
CA LEU I 289 -7.59 16.25 5.64
C LEU I 289 -6.27 15.48 5.46
N PRO I 290 -6.31 14.15 5.24
CA PRO I 290 -5.16 13.27 5.09
C PRO I 290 -4.31 13.45 3.86
N PHE I 291 -4.84 14.04 2.78
CA PHE I 291 -4.06 14.19 1.58
C PHE I 291 -4.15 15.61 1.09
N GLN I 292 -3.14 16.07 0.36
CA GLN I 292 -3.16 17.37 -0.29
C GLN I 292 -2.56 17.30 -1.68
N ASN I 293 -2.97 18.19 -2.57
CA ASN I 293 -2.37 18.23 -3.89
C ASN I 293 -1.84 19.62 -4.20
N VAL I 294 -1.45 20.34 -3.18
CA VAL I 294 -0.95 21.68 -3.34
C VAL I 294 0.51 21.66 -3.75
N HIS I 295 1.33 20.89 -3.04
CA HIS I 295 2.73 20.88 -3.41
C HIS I 295 3.45 19.66 -2.82
N PRO I 296 4.36 19.00 -3.54
CA PRO I 296 5.15 17.89 -3.05
C PRO I 296 6.17 18.18 -1.96
N VAL I 297 6.62 19.43 -1.79
CA VAL I 297 7.62 19.68 -0.76
C VAL I 297 7.11 20.59 0.31
N THR I 298 6.98 20.03 1.50
CA THR I 298 6.42 20.80 2.58
C THR I 298 7.23 20.79 3.86
N ILE I 299 6.88 21.75 4.71
CA ILE I 299 7.42 21.86 6.05
C ILE I 299 6.32 21.83 7.11
N GLY I 300 6.52 21.02 8.14
CA GLY I 300 5.55 20.97 9.24
C GLY I 300 4.71 19.71 9.22
N GLU I 301 3.71 19.67 10.10
CA GLU I 301 2.83 18.51 10.20
C GLU I 301 1.88 18.72 9.04
N CYS I 302 1.93 17.83 8.01
CA CYS I 302 1.26 18.08 6.74
C CYS I 302 0.66 16.79 6.15
N PRO I 303 -0.48 16.88 5.44
CA PRO I 303 -1.13 15.84 4.67
C PRO I 303 -0.19 15.29 3.60
N LYS I 304 -0.41 14.04 3.21
CA LYS I 304 0.47 13.41 2.21
C LYS I 304 0.23 14.00 0.84
N TYR I 305 1.29 14.18 0.06
CA TYR I 305 1.08 14.70 -1.29
C TYR I 305 0.64 13.59 -2.22
N VAL I 306 -0.40 13.87 -2.95
CA VAL I 306 -1.01 12.98 -3.93
C VAL I 306 -1.03 13.65 -5.30
N ARG I 307 -0.72 12.89 -6.36
CA ARG I 307 -0.67 13.47 -7.72
C ARG I 307 -2.05 13.78 -8.31
N SER I 308 -3.07 13.19 -7.73
CA SER I 308 -4.45 13.26 -8.16
C SER I 308 -5.13 14.59 -7.98
N ALA I 309 -6.10 14.84 -8.85
CA ALA I 309 -6.91 16.04 -8.78
C ALA I 309 -8.02 15.97 -7.72
N LYS I 310 -8.52 14.76 -7.40
CA LYS I 310 -9.65 14.66 -6.46
C LYS I 310 -9.76 13.32 -5.76
N LEU I 311 -10.10 13.36 -4.49
CA LEU I 311 -10.37 12.15 -3.72
C LEU I 311 -11.68 12.30 -2.99
N ARG I 312 -12.77 12.28 -3.72
CA ARG I 312 -14.05 12.50 -3.08
C ARG I 312 -14.68 11.18 -2.70
N MET I 313 -14.90 11.03 -1.41
CA MET I 313 -15.46 9.83 -0.87
C MET I 313 -16.94 10.01 -0.66
N VAL I 314 -17.68 9.00 -0.98
CA VAL I 314 -19.11 9.00 -0.80
C VAL I 314 -19.45 8.88 0.63
N THR I 315 -20.35 9.70 1.15
CA THR I 315 -20.75 9.45 2.49
C THR I 315 -22.21 9.18 2.33
N GLY I 316 -22.75 9.81 1.30
CA GLY I 316 -24.17 9.78 1.01
C GLY I 316 -24.58 8.71 0.01
N LEU I 317 -25.74 8.90 -0.60
CA LEU I 317 -26.34 7.93 -1.48
C LEU I 317 -26.29 8.36 -2.92
N ARG I 318 -26.53 7.44 -3.87
CA ARG I 318 -26.55 7.94 -5.23
C ARG I 318 -27.70 8.93 -5.28
N ASN I 319 -27.48 10.10 -5.87
CA ASN I 319 -28.50 11.12 -5.92
C ASN I 319 -29.41 10.93 -7.09
N ILE I 320 -30.21 9.90 -7.01
CA ILE I 320 -31.13 9.57 -8.07
C ILE I 320 -32.52 9.71 -7.53
N PRO I 321 -33.25 10.80 -7.82
CA PRO I 321 -34.59 11.06 -7.36
C PRO I 321 -35.55 10.17 -8.12
N SER I 322 -36.70 9.82 -7.50
CA SER I 322 -37.82 9.09 -8.08
C SER I 322 -38.46 9.90 -9.24
N ALA J 11 -44.01 6.13 -5.14
CA ALA J 11 -42.56 6.11 -5.14
C ALA J 11 -42.11 4.98 -4.20
N GLY J 12 -40.79 4.85 -3.98
CA GLY J 12 -40.16 3.87 -3.08
C GLY J 12 -38.72 3.73 -3.52
N PHE J 13 -37.89 3.05 -2.72
CA PHE J 13 -36.46 2.91 -3.00
C PHE J 13 -36.15 2.23 -4.33
N ILE J 14 -37.10 1.51 -4.87
CA ILE J 14 -36.92 0.85 -6.15
C ILE J 14 -36.89 1.86 -7.29
N GLU J 15 -37.72 2.89 -7.20
CA GLU J 15 -37.85 3.86 -8.28
C GLU J 15 -36.84 5.00 -8.17
N GLY J 16 -36.43 5.33 -6.95
CA GLY J 16 -35.48 6.42 -6.71
C GLY J 16 -35.70 7.04 -5.34
N GLY J 17 -34.90 8.02 -4.99
CA GLY J 17 -35.03 8.62 -3.68
C GLY J 17 -36.08 9.71 -3.65
N TRP J 18 -36.28 10.25 -2.47
CA TRP J 18 -37.27 11.26 -2.29
C TRP J 18 -36.68 12.61 -2.00
N THR J 19 -37.24 13.60 -2.64
CA THR J 19 -36.86 14.96 -2.37
C THR J 19 -37.88 15.47 -1.41
N GLY J 20 -37.41 16.14 -0.39
CA GLY J 20 -38.25 16.64 0.68
C GLY J 20 -38.05 15.79 1.94
N MET J 21 -37.49 14.59 1.78
CA MET J 21 -37.22 13.79 2.95
C MET J 21 -35.87 14.20 3.42
N VAL J 22 -35.82 15.29 4.15
CA VAL J 22 -34.56 15.89 4.55
C VAL J 22 -34.22 15.61 5.99
N ASP J 23 -35.00 14.74 6.60
CA ASP J 23 -34.82 14.40 7.99
C ASP J 23 -33.87 13.24 8.22
N GLY J 24 -33.33 12.65 7.17
CA GLY J 24 -32.42 11.51 7.33
C GLY J 24 -32.10 10.84 6.00
N TRP J 25 -31.12 9.96 6.01
CA TRP J 25 -30.76 9.23 4.81
C TRP J 25 -31.78 8.17 4.46
N TYR J 26 -32.39 7.57 5.47
CA TYR J 26 -33.34 6.50 5.22
C TYR J 26 -34.61 6.80 5.91
N GLY J 27 -35.71 6.38 5.32
CA GLY J 27 -36.95 6.68 5.97
C GLY J 27 -38.18 6.16 5.31
N TYR J 28 -39.28 6.71 5.77
CA TYR J 28 -40.59 6.31 5.39
C TYR J 28 -41.44 7.43 4.87
N HIS J 29 -42.38 7.08 4.07
CA HIS J 29 -43.41 7.99 3.66
C HIS J 29 -44.68 7.27 3.94
N HIS J 30 -45.66 7.96 4.46
CA HIS J 30 -46.89 7.26 4.68
C HIS J 30 -48.06 8.08 4.29
N GLN J 31 -49.15 7.39 4.00
CA GLN J 31 -50.41 8.03 3.70
C GLN J 31 -51.57 7.31 4.34
N ASN J 32 -52.38 8.05 5.09
CA ASN J 32 -53.56 7.47 5.69
C ASN J 32 -54.66 8.53 5.77
N GLU J 33 -55.78 8.16 6.35
CA GLU J 33 -56.95 9.02 6.46
C GLU J 33 -56.75 10.27 7.32
N GLN J 34 -55.70 10.27 8.13
CA GLN J 34 -55.38 11.38 9.02
C GLN J 34 -54.27 12.29 8.50
N GLY J 35 -53.72 12.01 7.32
CA GLY J 35 -52.62 12.84 6.82
C GLY J 35 -51.46 12.03 6.22
N SER J 36 -50.44 12.74 5.74
CA SER J 36 -49.31 12.08 5.09
C SER J 36 -48.03 12.89 5.15
N GLY J 37 -46.92 12.23 4.87
CA GLY J 37 -45.64 12.92 4.83
C GLY J 37 -44.44 12.02 5.05
N TYR J 38 -43.27 12.65 5.13
CA TYR J 38 -42.02 11.93 5.28
C TYR J 38 -41.55 11.89 6.71
N ALA J 39 -40.83 10.83 7.05
CA ALA J 39 -40.16 10.72 8.33
C ALA J 39 -38.89 9.92 8.19
N ALA J 40 -37.88 10.22 8.99
CA ALA J 40 -36.69 9.41 8.93
C ALA J 40 -36.85 8.21 9.82
N ASP J 41 -36.16 7.13 9.48
CA ASP J 41 -36.09 6.04 10.44
C ASP J 41 -34.90 6.49 11.23
N GLN J 42 -35.17 7.03 12.40
CA GLN J 42 -34.12 7.72 13.12
C GLN J 42 -33.05 6.77 13.60
N LYS J 43 -33.42 5.57 14.01
CA LYS J 43 -32.41 4.66 14.50
C LYS J 43 -31.55 4.13 13.38
N SER J 44 -32.19 3.80 12.25
CA SER J 44 -31.45 3.24 11.12
C SER J 44 -30.52 4.27 10.57
N THR J 45 -31.00 5.49 10.44
CA THR J 45 -30.18 6.53 9.90
C THR J 45 -29.06 6.85 10.83
N GLN J 46 -29.29 6.94 12.14
CA GLN J 46 -28.18 7.29 12.99
C GLN J 46 -27.13 6.20 12.98
N ASN J 47 -27.54 4.93 12.91
CA ASN J 47 -26.55 3.87 12.90
C ASN J 47 -25.76 3.88 11.60
N ALA J 48 -26.43 4.17 10.48
CA ALA J 48 -25.74 4.24 9.22
C ALA J 48 -24.76 5.38 9.26
N ILE J 49 -25.15 6.50 9.89
CA ILE J 49 -24.29 7.64 9.98
C ILE J 49 -23.12 7.30 10.84
N ASN J 50 -23.31 6.62 11.96
CA ASN J 50 -22.19 6.30 12.83
C ASN J 50 -21.20 5.45 12.08
N GLY J 51 -21.70 4.53 11.25
CA GLY J 51 -20.86 3.65 10.46
C GLY J 51 -20.02 4.45 9.48
N ILE J 52 -20.66 5.33 8.74
CA ILE J 52 -19.96 6.13 7.77
C ILE J 52 -19.00 7.08 8.45
N THR J 53 -19.39 7.65 9.57
CA THR J 53 -18.56 8.57 10.29
C THR J 53 -17.30 7.87 10.74
N ASN J 54 -17.43 6.64 11.25
CA ASN J 54 -16.28 5.88 11.69
C ASN J 54 -15.38 5.55 10.52
N LYS J 55 -15.96 5.27 9.36
CA LYS J 55 -15.20 4.96 8.18
C LYS J 55 -14.39 6.13 7.68
N VAL J 56 -15.01 7.31 7.63
CA VAL J 56 -14.30 8.48 7.15
C VAL J 56 -13.22 8.83 8.13
N ASN J 57 -13.54 8.80 9.42
CA ASN J 57 -12.55 9.15 10.39
C ASN J 57 -11.44 8.12 10.44
N SER J 58 -11.72 6.85 10.18
CA SER J 58 -10.66 5.85 10.19
C SER J 58 -9.66 6.15 9.10
N VAL J 59 -10.16 6.49 7.93
CA VAL J 59 -9.27 6.79 6.82
C VAL J 59 -8.36 7.97 7.13
N ILE J 60 -8.92 8.99 7.79
CA ILE J 60 -8.18 10.20 8.14
C ILE J 60 -7.24 10.02 9.35
N GLU J 61 -7.75 9.45 10.43
CA GLU J 61 -7.06 9.25 11.71
C GLU J 61 -5.92 8.28 11.65
N LYS J 62 -5.99 7.30 10.77
CA LYS J 62 -4.91 6.34 10.70
C LYS J 62 -3.75 6.90 9.91
N MET J 63 -3.89 8.09 9.32
CA MET J 63 -2.78 8.64 8.58
C MET J 63 -1.81 9.20 9.60
N ASN J 64 -0.55 8.82 9.50
CA ASN J 64 0.41 9.33 10.45
C ASN J 64 0.99 10.66 10.05
N THR J 65 0.58 11.70 10.73
CA THR J 65 1.08 13.00 10.37
C THR J 65 2.13 13.39 11.40
N GLN J 66 3.33 13.63 10.91
CA GLN J 66 4.48 14.00 11.71
C GLN J 66 5.03 15.27 11.19
N PHE J 67 5.70 16.01 12.03
CA PHE J 67 6.31 17.22 11.55
C PHE J 67 7.38 16.76 10.58
N THR J 68 7.45 17.33 9.39
CA THR J 68 8.49 16.90 8.47
C THR J 68 9.28 18.01 7.84
N ALA J 69 10.28 17.58 7.09
CA ALA J 69 11.22 18.40 6.34
C ALA J 69 11.49 17.71 5.00
N VAL J 70 10.60 17.91 4.05
CA VAL J 70 10.68 17.11 2.83
C VAL J 70 11.83 17.41 1.88
N GLY J 71 12.10 18.67 1.60
CA GLY J 71 13.10 18.99 0.58
C GLY J 71 14.52 18.71 1.02
N LYS J 72 15.37 18.32 0.06
CA LYS J 72 16.78 18.07 0.30
C LYS J 72 17.57 18.75 -0.81
N GLU J 73 18.73 19.28 -0.45
CA GLU J 73 19.60 19.94 -1.43
C GLU J 73 20.74 19.06 -1.84
N PHE J 74 21.13 19.11 -3.12
CA PHE J 74 22.26 18.34 -3.64
C PHE J 74 23.17 19.17 -4.53
N ASN J 75 24.44 18.79 -4.58
CA ASN J 75 25.47 19.46 -5.38
C ASN J 75 25.59 18.92 -6.81
N LYS J 76 26.50 19.49 -7.60
CA LYS J 76 26.72 19.11 -8.99
C LYS J 76 27.18 17.66 -9.14
N LEU J 77 27.99 17.21 -8.19
CA LEU J 77 28.56 15.87 -8.23
C LEU J 77 27.87 14.93 -7.27
N GLU J 78 26.65 15.26 -6.89
CA GLU J 78 25.86 14.41 -6.04
C GLU J 78 24.62 14.02 -6.79
N ARG J 79 24.72 13.94 -8.10
CA ARG J 79 23.59 13.64 -8.95
C ARG J 79 23.00 12.29 -8.66
N ARG J 80 23.82 11.29 -8.36
CA ARG J 80 23.24 9.99 -8.05
C ARG J 80 22.39 10.06 -6.78
N MET J 81 22.83 10.87 -5.81
CA MET J 81 22.12 11.02 -4.56
C MET J 81 20.83 11.77 -4.78
N GLU J 82 20.88 12.77 -5.65
CA GLU J 82 19.71 13.53 -5.98
C GLU J 82 18.71 12.63 -6.64
N ASN J 83 19.18 11.78 -7.54
CA ASN J 83 18.28 10.90 -8.24
C ASN J 83 17.72 9.84 -7.31
N LEU J 84 18.49 9.40 -6.32
CA LEU J 84 17.92 8.46 -5.35
C LEU J 84 16.88 9.17 -4.53
N ASN J 85 17.16 10.40 -4.11
CA ASN J 85 16.19 11.14 -3.33
C ASN J 85 14.91 11.27 -4.12
N LYS J 86 15.03 11.54 -5.44
CA LYS J 86 13.87 11.65 -6.28
C LYS J 86 13.18 10.31 -6.39
N LYS J 87 13.94 9.23 -6.55
CA LYS J 87 13.37 7.90 -6.65
C LYS J 87 12.53 7.61 -5.45
N VAL J 88 13.02 7.99 -4.28
CA VAL J 88 12.32 7.76 -3.05
C VAL J 88 11.02 8.56 -3.04
N ASP J 89 11.07 9.83 -3.43
CA ASP J 89 9.85 10.63 -3.46
C ASP J 89 8.84 10.13 -4.46
N ASP J 90 9.29 9.69 -5.63
CA ASP J 90 8.39 9.20 -6.64
C ASP J 90 7.83 7.86 -6.24
N GLY J 91 8.63 7.05 -5.59
CA GLY J 91 8.18 5.77 -5.15
C GLY J 91 7.08 5.95 -4.13
N PHE J 92 7.34 6.77 -3.11
CA PHE J 92 6.35 6.98 -2.08
C PHE J 92 5.12 7.64 -2.64
N LEU J 93 5.30 8.60 -3.53
CA LEU J 93 4.19 9.28 -4.12
C LEU J 93 3.33 8.37 -4.97
N ASP J 94 3.93 7.48 -5.76
CA ASP J 94 3.13 6.59 -6.58
C ASP J 94 2.41 5.61 -5.70
N ILE J 95 3.04 5.19 -4.61
CA ILE J 95 2.39 4.24 -3.72
C ILE J 95 1.20 4.89 -3.06
N TRP J 96 1.38 6.11 -2.54
CA TRP J 96 0.29 6.79 -1.88
C TRP J 96 -0.79 7.21 -2.83
N THR J 97 -0.42 7.61 -4.05
CA THR J 97 -1.41 8.01 -5.02
C THR J 97 -2.20 6.81 -5.45
N TYR J 98 -1.53 5.70 -5.74
CA TYR J 98 -2.21 4.51 -6.20
C TYR J 98 -3.13 4.04 -5.10
N ASN J 99 -2.62 3.99 -3.87
CA ASN J 99 -3.43 3.53 -2.78
C ASN J 99 -4.56 4.47 -2.46
N ALA J 100 -4.35 5.78 -2.54
CA ALA J 100 -5.41 6.71 -2.23
C ALA J 100 -6.49 6.65 -3.28
N GLU J 101 -6.12 6.52 -4.55
CA GLU J 101 -7.14 6.50 -5.58
C GLU J 101 -7.91 5.22 -5.48
N LEU J 102 -7.20 4.14 -5.26
CA LEU J 102 -7.82 2.85 -5.24
C LEU J 102 -8.64 2.68 -4.00
N LEU J 103 -8.15 3.18 -2.87
CA LEU J 103 -8.87 3.09 -1.63
C LEU J 103 -10.16 3.84 -1.74
N VAL J 104 -10.13 5.04 -2.28
CA VAL J 104 -11.36 5.78 -2.39
C VAL J 104 -12.31 5.09 -3.32
N LEU J 105 -11.85 4.56 -4.46
CA LEU J 105 -12.78 3.90 -5.35
C LEU J 105 -13.40 2.67 -4.68
N LEU J 106 -12.61 1.91 -3.94
CA LEU J 106 -13.12 0.74 -3.27
C LEU J 106 -14.06 1.08 -2.14
N GLU J 107 -13.75 2.15 -1.40
CA GLU J 107 -14.62 2.54 -0.31
C GLU J 107 -15.91 3.05 -0.90
N ASN J 108 -15.85 3.76 -2.04
CA ASN J 108 -17.06 4.27 -2.63
C ASN J 108 -17.95 3.17 -3.13
N GLU J 109 -17.38 2.09 -3.64
CA GLU J 109 -18.24 1.01 -4.10
C GLU J 109 -18.91 0.37 -2.91
N ARG J 110 -18.14 0.18 -1.83
CA ARG J 110 -18.71 -0.42 -0.64
C ARG J 110 -19.72 0.47 0.02
N THR J 111 -19.50 1.78 0.02
CA THR J 111 -20.41 2.70 0.65
C THR J 111 -21.71 2.75 -0.09
N LEU J 112 -21.67 2.78 -1.40
CA LEU J 112 -22.91 2.83 -2.12
C LEU J 112 -23.65 1.50 -1.93
N ASP J 113 -22.92 0.37 -1.89
CA ASP J 113 -23.56 -0.92 -1.68
C ASP J 113 -24.14 -1.01 -0.26
N PHE J 114 -23.43 -0.44 0.70
CA PHE J 114 -23.83 -0.37 2.10
C PHE J 114 -25.16 0.30 2.21
N HIS J 115 -25.29 1.44 1.56
CA HIS J 115 -26.54 2.15 1.65
C HIS J 115 -27.66 1.40 0.95
N ASP J 116 -27.38 0.74 -0.18
CA ASP J 116 -28.45 0.02 -0.85
C ASP J 116 -28.91 -1.13 0.03
N SER J 117 -27.97 -1.75 0.73
CA SER J 117 -28.27 -2.83 1.64
C SER J 117 -29.15 -2.34 2.76
N ASN J 118 -28.82 -1.18 3.34
CA ASN J 118 -29.59 -0.66 4.44
C ASN J 118 -31.01 -0.29 4.08
N VAL J 119 -31.24 0.24 2.89
CA VAL J 119 -32.63 0.57 2.60
C VAL J 119 -33.39 -0.73 2.40
N LYS J 120 -32.76 -1.73 1.78
CA LYS J 120 -33.46 -2.99 1.62
C LYS J 120 -33.74 -3.60 2.98
N ASN J 121 -32.81 -3.46 3.93
CA ASN J 121 -33.00 -4.03 5.24
C ASN J 121 -34.24 -3.45 5.90
N LEU J 122 -34.55 -2.17 5.63
CA LEU J 122 -35.77 -1.61 6.18
C LEU J 122 -36.98 -2.27 5.54
N TYR J 123 -36.87 -2.61 4.27
CA TYR J 123 -37.98 -3.27 3.60
C TYR J 123 -38.23 -4.60 4.29
N GLU J 124 -37.15 -5.33 4.58
CA GLU J 124 -37.27 -6.60 5.28
C GLU J 124 -37.81 -6.42 6.69
N LYS J 125 -37.40 -5.34 7.37
CA LYS J 125 -37.86 -5.04 8.72
C LYS J 125 -39.37 -4.93 8.72
N VAL J 126 -39.90 -4.17 7.77
CA VAL J 126 -41.33 -3.98 7.68
C VAL J 126 -42.03 -5.24 7.24
N LYS J 127 -41.54 -5.93 6.22
CA LYS J 127 -42.20 -7.14 5.79
C LYS J 127 -42.27 -8.18 6.89
N SER J 128 -41.18 -8.35 7.63
CA SER J 128 -41.14 -9.33 8.70
C SER J 128 -42.15 -8.99 9.76
N GLN J 129 -42.23 -7.72 10.11
CA GLN J 129 -43.17 -7.25 11.11
C GLN J 129 -44.64 -7.34 10.67
N LEU J 130 -44.93 -7.03 9.41
CA LEU J 130 -46.32 -7.03 8.96
C LEU J 130 -46.80 -8.37 8.47
N LYS J 131 -45.88 -9.23 8.08
CA LYS J 131 -46.19 -10.55 7.58
C LYS J 131 -47.20 -10.47 6.45
N ASN J 132 -48.35 -11.09 6.61
CA ASN J 132 -49.35 -11.10 5.56
C ASN J 132 -50.47 -10.10 5.77
N ASN J 133 -50.29 -9.12 6.66
CA ASN J 133 -51.31 -8.12 6.88
C ASN J 133 -51.16 -6.92 5.97
N ALA J 134 -50.22 -7.02 5.04
CA ALA J 134 -50.04 -5.99 4.05
C ALA J 134 -49.57 -6.60 2.75
N LYS J 135 -49.99 -5.99 1.65
CA LYS J 135 -49.62 -6.40 0.32
C LYS J 135 -48.31 -5.80 -0.08
N GLU J 136 -47.41 -6.59 -0.65
CA GLU J 136 -46.21 -5.98 -1.15
C GLU J 136 -46.55 -5.38 -2.49
N ILE J 137 -46.04 -4.20 -2.73
CA ILE J 137 -46.25 -3.53 -4.00
C ILE J 137 -45.14 -3.90 -4.95
N GLY J 138 -43.94 -4.01 -4.41
CA GLY J 138 -42.76 -4.35 -5.20
C GLY J 138 -41.89 -3.16 -5.56
N ASN J 139 -42.37 -1.94 -5.33
CA ASN J 139 -41.57 -0.76 -5.64
C ASN J 139 -40.95 -0.15 -4.38
N GLY J 140 -41.04 -0.89 -3.29
CA GLY J 140 -40.59 -0.42 -1.97
C GLY J 140 -41.74 -0.11 -0.98
N CYS J 141 -43.03 -0.14 -1.44
CA CYS J 141 -44.25 0.10 -0.65
C CYS J 141 -44.98 -1.15 -0.22
N PHE J 142 -45.74 -0.98 0.87
CA PHE J 142 -46.66 -1.95 1.42
C PHE J 142 -48.04 -1.33 1.61
N GLU J 143 -49.08 -2.10 1.34
CA GLU J 143 -50.43 -1.59 1.60
C GLU J 143 -51.13 -2.46 2.62
N PHE J 144 -51.62 -1.84 3.67
CA PHE J 144 -52.26 -2.62 4.70
C PHE J 144 -53.57 -3.12 4.22
N TYR J 145 -53.94 -4.32 4.64
CA TYR J 145 -55.27 -4.78 4.29
C TYR J 145 -56.25 -4.13 5.25
N HIS J 146 -55.82 -3.96 6.50
CA HIS J 146 -56.62 -3.33 7.53
C HIS J 146 -56.53 -1.84 7.40
N LYS J 147 -57.49 -1.10 7.92
CA LYS J 147 -57.31 0.34 7.89
C LYS J 147 -56.24 0.70 8.90
N CYS J 148 -55.27 1.59 8.54
CA CYS J 148 -54.19 1.97 9.45
C CYS J 148 -54.14 3.49 9.64
N ASN J 149 -54.28 3.86 10.90
CA ASN J 149 -54.28 5.20 11.46
C ASN J 149 -52.88 5.66 11.88
N ASN J 150 -52.78 6.85 12.44
CA ASN J 150 -51.46 7.32 12.82
C ASN J 150 -50.80 6.49 13.91
N GLU J 151 -51.57 5.90 14.83
CA GLU J 151 -50.94 5.12 15.90
C GLU J 151 -50.19 3.87 15.39
N CYS J 152 -50.78 3.11 14.43
CA CYS J 152 -50.13 1.94 13.82
C CYS J 152 -49.00 2.35 12.89
N MET J 153 -49.07 3.55 12.32
CA MET J 153 -47.93 3.95 11.52
C MET J 153 -46.73 4.15 12.42
N GLU J 154 -46.95 4.73 13.61
CA GLU J 154 -45.82 4.94 14.50
C GLU J 154 -45.31 3.62 15.03
N SER J 155 -46.23 2.70 15.30
CA SER J 155 -45.88 1.41 15.84
C SER J 155 -45.01 0.63 14.84
N VAL J 156 -45.36 0.67 13.56
CA VAL J 156 -44.57 -0.04 12.57
C VAL J 156 -43.18 0.54 12.48
N LYS J 157 -43.07 1.87 12.47
CA LYS J 157 -41.77 2.50 12.41
C LYS J 157 -40.93 2.16 13.64
N ASN J 158 -41.58 2.05 14.81
CA ASN J 158 -40.94 1.71 16.07
C ASN J 158 -40.51 0.25 16.14
N GLY J 159 -41.20 -0.63 15.40
CA GLY J 159 -40.88 -2.04 15.45
C GLY J 159 -41.69 -2.75 16.53
N THR J 160 -42.84 -2.16 16.89
CA THR J 160 -43.72 -2.66 17.92
C THR J 160 -45.11 -3.02 17.39
N TYR J 161 -45.25 -3.24 16.09
CA TYR J 161 -46.56 -3.50 15.53
C TYR J 161 -47.18 -4.73 16.16
N ASP J 162 -48.39 -4.56 16.65
CA ASP J 162 -49.07 -5.64 17.32
C ASP J 162 -49.79 -6.46 16.29
N TYR J 163 -49.04 -7.29 15.57
CA TYR J 163 -49.63 -8.05 14.48
C TYR J 163 -50.99 -8.67 14.83
N PRO J 164 -51.16 -9.44 15.94
CA PRO J 164 -52.40 -10.09 16.30
C PRO J 164 -53.60 -9.15 16.36
N LYS J 165 -53.37 -7.89 16.70
CA LYS J 165 -54.42 -6.88 16.83
C LYS J 165 -55.19 -6.65 15.57
N TYR J 166 -54.51 -6.80 14.44
CA TYR J 166 -55.11 -6.51 13.17
C TYR J 166 -55.35 -7.78 12.42
N SER J 167 -55.17 -8.91 13.08
CA SER J 167 -55.26 -10.17 12.39
C SER J 167 -56.62 -10.40 11.79
N GLU J 168 -57.68 -10.12 12.54
CA GLU J 168 -58.99 -10.40 12.01
C GLU J 168 -59.37 -9.43 10.92
N GLU J 169 -59.03 -8.15 11.09
CA GLU J 169 -59.44 -7.19 10.08
C GLU J 169 -58.74 -7.47 8.77
N SER J 170 -57.46 -7.79 8.82
CA SER J 170 -56.73 -8.06 7.62
C SER J 170 -57.22 -9.32 6.95
N LYS J 171 -57.54 -10.38 7.73
CA LYS J 171 -58.07 -11.56 7.09
C LYS J 171 -59.36 -11.26 6.36
N LEU J 172 -60.23 -10.49 7.00
CA LEU J 172 -61.51 -10.20 6.39
C LEU J 172 -61.36 -9.40 5.14
N ASN J 173 -60.41 -8.48 5.11
CA ASN J 173 -60.23 -7.70 3.92
C ASN J 173 -59.56 -8.52 2.81
N ARG J 174 -58.62 -9.41 3.15
CA ARG J 174 -57.99 -10.25 2.14
C ARG J 174 -59.02 -11.17 1.52
N GLU J 175 -59.97 -11.61 2.34
CA GLU J 175 -61.01 -12.53 1.93
C GLU J 175 -62.03 -11.96 0.98
N LYS J 176 -61.98 -10.66 0.70
CA LYS J 176 -62.91 -10.08 -0.25
C LYS J 176 -62.75 -10.73 -1.63
N ILE J 177 -61.59 -11.34 -1.88
CA ILE J 177 -61.31 -12.01 -3.14
C ILE J 177 -61.06 -13.53 -2.96
N ASP J 178 -61.57 -14.12 -1.86
CA ASP J 178 -61.37 -15.55 -1.52
C ASP J 178 -62.14 -16.54 -2.41
N GLY J 179 -63.12 -16.07 -3.18
CA GLY J 179 -63.90 -17.01 -3.97
C GLY J 179 -64.82 -17.85 -3.10
N VAL J 180 -64.63 -19.17 -3.11
CA VAL J 180 -65.47 -20.07 -2.33
C VAL J 180 -65.09 -20.18 -0.84
N LYS J 181 -66.08 -19.99 0.06
CA LYS J 181 -66.03 -20.04 1.52
C LYS J 181 -67.49 -20.04 1.99
N GLN K 1 -17.24 15.65 24.78
CA GLN K 1 -17.62 17.05 24.87
C GLN K 1 -16.86 17.83 23.81
N VAL K 2 -17.51 18.85 23.22
CA VAL K 2 -16.95 19.77 22.25
C VAL K 2 -17.27 21.17 22.71
N GLN K 3 -16.38 22.10 22.46
CA GLN K 3 -16.64 23.47 22.80
C GLN K 3 -16.72 24.27 21.52
N LEU K 4 -17.64 25.23 21.48
CA LEU K 4 -17.80 26.01 20.26
C LEU K 4 -17.48 27.49 20.44
N VAL K 5 -16.73 28.01 19.47
CA VAL K 5 -16.28 29.40 19.41
C VAL K 5 -16.82 30.11 18.19
N GLN K 6 -17.44 31.26 18.39
CA GLN K 6 -18.04 31.99 17.30
C GLN K 6 -17.33 33.29 16.97
N SER K 7 -17.59 33.79 15.76
CA SER K 7 -17.05 35.05 15.30
C SER K 7 -17.63 36.20 16.11
N GLY K 8 -17.05 37.39 15.95
CA GLY K 8 -17.49 38.54 16.73
C GLY K 8 -18.78 39.12 16.19
N ALA K 9 -19.24 40.21 16.78
CA ALA K 9 -20.49 40.83 16.37
C ALA K 9 -20.29 41.60 15.10
N GLU K 10 -21.36 41.73 14.33
CA GLU K 10 -21.32 42.50 13.09
C GLU K 10 -22.55 43.39 12.92
N VAL K 11 -22.37 44.48 12.18
CA VAL K 11 -23.48 45.36 11.86
C VAL K 11 -23.60 45.45 10.35
N LYS K 12 -24.80 45.19 9.87
CA LYS K 12 -25.11 45.16 8.45
C LYS K 12 -26.22 46.10 8.05
N LYS K 13 -26.17 46.53 6.80
CA LYS K 13 -27.21 47.36 6.26
C LYS K 13 -28.29 46.46 5.66
N PRO K 14 -29.56 46.84 5.68
CA PRO K 14 -30.62 46.06 5.10
C PRO K 14 -30.31 45.75 3.64
N GLY K 15 -30.57 44.51 3.27
CA GLY K 15 -30.38 43.94 1.95
C GLY K 15 -29.05 43.20 1.79
N SER K 16 -28.11 43.41 2.71
CA SER K 16 -26.79 42.76 2.64
C SER K 16 -26.81 41.37 3.27
N SER K 17 -25.69 40.68 3.23
CA SER K 17 -25.62 39.34 3.83
C SER K 17 -24.56 39.24 4.92
N VAL K 18 -24.77 38.28 5.82
CA VAL K 18 -23.82 38.00 6.90
C VAL K 18 -23.43 36.55 6.94
N LYS K 19 -22.15 36.28 7.12
CA LYS K 19 -21.70 34.90 7.25
C LYS K 19 -21.13 34.71 8.63
N VAL K 20 -21.83 33.94 9.45
CA VAL K 20 -21.46 33.72 10.83
C VAL K 20 -20.69 32.43 10.97
N SER K 21 -19.45 32.50 11.41
CA SER K 21 -18.68 31.28 11.54
C SER K 21 -18.77 30.72 12.96
N CYS K 22 -18.49 29.40 13.08
CA CYS K 22 -18.38 28.64 14.31
C CYS K 22 -17.26 27.61 14.17
N LYS K 23 -16.37 27.55 15.15
CA LYS K 23 -15.30 26.59 15.13
C LYS K 23 -15.38 25.65 16.30
N ALA K 24 -15.08 24.39 16.06
CA ALA K 24 -15.10 23.43 17.14
C ALA K 24 -13.71 23.08 17.61
N SER K 25 -13.59 22.86 18.90
CA SER K 25 -12.36 22.39 19.49
C SER K 25 -12.65 21.53 20.70
N GLY K 26 -11.66 20.75 21.14
CA GLY K 26 -11.82 19.94 22.35
C GLY K 26 -12.49 18.60 22.13
N GLY K 27 -12.77 18.25 20.88
CA GLY K 27 -13.44 17.02 20.54
C GLY K 27 -13.40 16.87 19.03
N THR K 28 -14.09 15.87 18.50
CA THR K 28 -14.03 15.66 17.05
C THR K 28 -15.21 16.33 16.36
N PHE K 29 -14.92 17.28 15.48
CA PHE K 29 -15.97 18.04 14.81
C PHE K 29 -16.91 17.17 14.03
N SER K 30 -16.34 16.26 13.27
CA SER K 30 -17.08 15.37 12.42
C SER K 30 -18.02 14.46 13.16
N ARG K 31 -17.93 14.37 14.48
CA ARG K 31 -18.83 13.52 15.20
C ARG K 31 -20.02 14.25 15.78
N TYR K 32 -20.12 15.57 15.56
CA TYR K 32 -21.24 16.32 16.11
C TYR K 32 -22.05 16.96 15.02
N THR K 33 -23.33 17.06 15.25
CA THR K 33 -24.21 17.76 14.34
C THR K 33 -24.26 19.20 14.80
N ILE K 34 -24.18 20.15 13.87
CA ILE K 34 -24.21 21.55 14.27
C ILE K 34 -25.56 22.15 13.98
N SER K 35 -26.16 22.73 15.01
CA SER K 35 -27.48 23.32 14.94
C SER K 35 -27.43 24.80 15.31
N TRP K 36 -27.95 25.63 14.43
CA TRP K 36 -27.96 27.07 14.63
C TRP K 36 -29.31 27.55 15.16
N VAL K 37 -29.25 28.35 16.23
CA VAL K 37 -30.42 28.90 16.91
C VAL K 37 -30.35 30.42 17.07
N ARG K 38 -31.45 31.07 16.74
CA ARG K 38 -31.61 32.50 16.80
C ARG K 38 -32.24 32.99 18.11
N GLN K 39 -31.60 33.93 18.79
CA GLN K 39 -32.15 34.52 20.01
C GLN K 39 -32.63 35.93 19.75
N ALA K 40 -33.94 36.12 19.65
CA ALA K 40 -34.39 37.46 19.33
C ALA K 40 -34.29 38.29 20.60
N PRO K 41 -33.95 39.60 20.56
CA PRO K 41 -33.92 40.43 21.74
C PRO K 41 -35.30 40.48 22.34
N GLY K 42 -35.39 40.26 23.65
CA GLY K 42 -36.67 40.39 24.34
C GLY K 42 -37.62 39.22 24.11
N GLN K 43 -37.18 38.20 23.40
CA GLN K 43 -38.02 37.07 23.05
C GLN K 43 -37.26 35.77 23.20
N GLY K 44 -37.92 34.67 22.90
CA GLY K 44 -37.29 33.38 23.03
C GLY K 44 -36.48 32.98 21.80
N LEU K 45 -36.13 31.70 21.79
CA LEU K 45 -35.29 31.05 20.81
C LEU K 45 -36.08 30.60 19.60
N GLU K 46 -35.43 30.66 18.45
CA GLU K 46 -35.97 30.15 17.19
C GLU K 46 -34.96 29.27 16.49
N TRP K 47 -35.36 28.09 16.07
CA TRP K 47 -34.42 27.24 15.38
C TRP K 47 -34.24 27.67 13.94
N MET K 48 -33.01 27.74 13.44
CA MET K 48 -32.82 28.10 12.04
C MET K 48 -32.46 26.93 11.16
N GLY K 49 -31.65 26.01 11.67
CA GLY K 49 -31.26 24.87 10.85
C GLY K 49 -30.07 24.08 11.37
N ARG K 50 -29.83 22.91 10.76
CA ARG K 50 -28.69 22.06 11.14
C ARG K 50 -28.00 21.38 9.98
N ILE K 51 -26.73 21.04 10.19
CA ILE K 51 -25.95 20.27 9.23
C ILE K 51 -25.08 19.20 9.86
N SER K 52 -24.96 18.05 9.20
CA SER K 52 -24.04 17.01 9.63
C SER K 52 -22.80 17.06 8.73
N PRO K 53 -21.60 17.36 9.23
CA PRO K 53 -20.40 17.47 8.43
C PRO K 53 -20.16 16.26 7.49
N ILE K 54 -20.57 15.08 7.95
CA ILE K 54 -20.43 13.86 7.18
C ILE K 54 -21.68 13.48 6.41
N ALA K 55 -22.85 13.60 7.01
CA ALA K 55 -24.04 13.15 6.31
C ALA K 55 -24.74 14.18 5.43
N GLY K 56 -24.40 15.46 5.55
CA GLY K 56 -25.13 16.48 4.85
C GLY K 56 -26.48 16.59 5.54
N LEU K 57 -27.54 16.29 4.84
CA LEU K 57 -28.87 16.36 5.44
C LEU K 57 -29.15 17.72 6.04
N GLU K 58 -28.80 18.76 5.30
CA GLU K 58 -29.06 20.09 5.77
C GLU K 58 -30.56 20.19 5.94
N ASN K 59 -30.96 20.76 7.05
CA ASN K 59 -32.37 20.89 7.38
C ASN K 59 -32.63 22.29 7.92
N TYR K 60 -33.44 23.06 7.21
CA TYR K 60 -33.66 24.44 7.59
C TYR K 60 -35.08 24.70 8.02
N ALA K 61 -35.24 25.67 8.92
CA ALA K 61 -36.56 26.10 9.33
C ALA K 61 -37.23 26.79 8.15
N GLN K 62 -38.54 26.61 8.02
CA GLN K 62 -39.25 27.15 6.86
C GLN K 62 -39.11 28.65 6.66
N LYS K 63 -39.07 29.41 7.73
CA LYS K 63 -38.97 30.85 7.59
C LYS K 63 -37.76 31.32 6.79
N PHE K 64 -36.65 30.58 6.86
CA PHE K 64 -35.44 31.00 6.23
C PHE K 64 -35.11 30.06 5.07
N GLN K 65 -36.11 29.31 4.60
CA GLN K 65 -35.86 28.29 3.60
C GLN K 65 -35.18 28.79 2.34
N GLY K 66 -35.52 29.99 1.89
CA GLY K 66 -34.89 30.54 0.70
C GLY K 66 -33.80 31.57 1.02
N ARG K 67 -33.45 31.72 2.30
CA ARG K 67 -32.51 32.76 2.72
C ARG K 67 -31.24 32.29 3.41
N VAL K 68 -31.27 31.15 4.12
CA VAL K 68 -30.07 30.80 4.88
C VAL K 68 -29.41 29.55 4.37
N THR K 69 -28.10 29.63 4.24
CA THR K 69 -27.32 28.48 3.87
C THR K 69 -26.42 28.06 5.00
N ILE K 70 -26.51 26.81 5.38
CA ILE K 70 -25.65 26.29 6.45
C ILE K 70 -24.70 25.29 5.89
N THR K 71 -23.41 25.49 6.15
CA THR K 71 -22.39 24.61 5.64
C THR K 71 -21.49 24.16 6.75
N ALA K 72 -20.68 23.15 6.44
CA ALA K 72 -19.68 22.65 7.36
C ALA K 72 -18.54 22.10 6.56
N ASP K 73 -17.35 22.18 7.11
CA ASP K 73 -16.19 21.64 6.44
C ASP K 73 -15.22 21.03 7.44
N ILE K 74 -15.11 19.70 7.38
CA ILE K 74 -14.33 18.95 8.35
C ILE K 74 -12.85 19.28 8.25
N SER K 75 -12.45 19.91 7.14
CA SER K 75 -11.09 20.35 6.89
C SER K 75 -10.63 21.37 7.90
N THR K 76 -11.52 22.30 8.28
CA THR K 76 -11.17 23.37 9.21
C THR K 76 -11.89 23.21 10.53
N SER K 77 -12.75 22.19 10.60
CA SER K 77 -13.58 21.90 11.75
C SER K 77 -14.46 23.07 12.09
N THR K 78 -15.07 23.63 11.05
CA THR K 78 -15.97 24.75 11.22
C THR K 78 -17.31 24.56 10.55
N ALA K 79 -18.22 25.43 10.92
CA ALA K 79 -19.55 25.51 10.37
C ALA K 79 -19.88 26.95 10.13
N TYR K 80 -20.69 27.20 9.14
CA TYR K 80 -21.05 28.56 8.83
C TYR K 80 -22.51 28.72 8.60
N MET K 81 -23.03 29.87 8.96
CA MET K 81 -24.39 30.19 8.62
C MET K 81 -24.45 31.50 7.86
N GLU K 82 -24.80 31.41 6.60
CA GLU K 82 -24.84 32.59 5.75
C GLU K 82 -26.27 33.00 5.47
N LEU K 83 -26.64 34.18 5.97
CA LEU K 83 -28.01 34.65 5.82
C LEU K 83 -28.09 35.84 4.87
N SER K 84 -28.82 35.67 3.77
CA SER K 84 -28.98 36.69 2.74
C SER K 84 -30.17 37.60 2.98
N SER K 85 -30.19 38.73 2.25
CA SER K 85 -31.29 39.69 2.25
C SER K 85 -31.69 40.12 3.64
N LEU K 86 -30.73 40.59 4.43
CA LEU K 86 -30.98 40.97 5.81
C LEU K 86 -31.97 42.09 5.99
N ARG K 87 -32.78 41.92 7.01
CA ARG K 87 -33.84 42.83 7.41
C ARG K 87 -33.61 43.29 8.84
N SER K 88 -34.22 44.39 9.26
CA SER K 88 -34.08 44.82 10.65
C SER K 88 -34.69 43.79 11.62
N ASP K 89 -35.58 42.96 11.07
CA ASP K 89 -36.28 41.88 11.73
C ASP K 89 -35.32 40.78 12.16
N ASP K 90 -34.13 40.77 11.55
CA ASP K 90 -33.12 39.76 11.79
C ASP K 90 -32.14 40.15 12.88
N THR K 91 -32.33 41.28 13.56
CA THR K 91 -31.38 41.54 14.62
C THR K 91 -31.58 40.48 15.69
N ALA K 92 -30.50 39.77 16.01
CA ALA K 92 -30.55 38.68 16.99
C ALA K 92 -29.19 38.19 17.34
N VAL K 93 -29.10 37.43 18.41
CA VAL K 93 -27.85 36.74 18.71
C VAL K 93 -27.95 35.36 18.12
N TYR K 94 -26.99 35.00 17.31
CA TYR K 94 -27.02 33.71 16.67
C TYR K 94 -26.07 32.75 17.36
N TYR K 95 -26.61 31.66 17.86
CA TYR K 95 -25.86 30.66 18.59
C TYR K 95 -25.59 29.42 17.77
N CYS K 96 -24.37 28.90 17.90
CA CYS K 96 -23.91 27.65 17.33
C CYS K 96 -23.97 26.60 18.43
N ALA K 97 -24.65 25.48 18.19
CA ALA K 97 -24.69 24.46 19.24
C ALA K 97 -24.45 23.08 18.69
N GLY K 98 -23.70 22.28 19.42
CA GLY K 98 -23.42 20.93 18.99
C GLY K 98 -24.32 19.90 19.64
N SER K 99 -24.50 18.80 18.93
CA SER K 99 -25.24 17.65 19.42
C SER K 99 -24.52 16.37 19.16
N SER K 100 -24.61 15.47 20.12
CA SER K 100 -23.96 14.16 20.10
C SER K 100 -24.54 13.23 19.03
N GLY K 101 -25.67 13.60 18.44
CA GLY K 101 -26.24 12.80 17.38
C GLY K 101 -27.20 13.64 16.56
N TYR K 102 -27.58 13.14 15.39
CA TYR K 102 -28.39 13.92 14.48
C TYR K 102 -29.80 14.13 15.01
N TYR K 103 -30.29 13.18 15.78
CA TYR K 103 -31.62 13.25 16.32
C TYR K 103 -31.64 13.52 17.81
N GLN K 104 -30.59 14.15 18.34
CA GLN K 104 -30.50 14.43 19.77
C GLN K 104 -30.48 15.94 19.98
N PRO K 105 -30.94 16.48 21.12
CA PRO K 105 -30.91 17.89 21.40
C PRO K 105 -29.46 18.21 21.64
N PRO K 106 -28.99 19.42 21.36
CA PRO K 106 -27.66 19.86 21.65
C PRO K 106 -27.43 20.30 23.09
N PRO K 107 -26.47 19.71 23.83
CA PRO K 107 -25.97 20.16 25.09
C PRO K 107 -24.70 21.02 25.01
N TYR K 108 -24.18 21.30 23.81
CA TYR K 108 -22.88 21.97 23.78
C TYR K 108 -22.99 23.30 23.07
N TRP K 109 -23.47 24.30 23.75
CA TRP K 109 -23.73 25.56 23.09
C TRP K 109 -22.54 26.47 23.12
N GLY K 110 -22.39 27.24 22.06
CA GLY K 110 -21.34 28.21 21.91
C GLY K 110 -21.69 29.56 22.52
N GLN K 111 -20.83 30.52 22.20
CA GLN K 111 -20.89 31.86 22.73
C GLN K 111 -22.07 32.75 22.34
N GLY K 112 -22.48 32.67 21.09
CA GLY K 112 -23.55 33.53 20.60
C GLY K 112 -22.98 34.80 20.01
N THR K 113 -23.36 35.15 18.79
CA THR K 113 -22.86 36.42 18.28
C THR K 113 -23.96 37.31 17.77
N LEU K 114 -23.91 38.57 18.13
CA LEU K 114 -24.93 39.50 17.71
C LEU K 114 -24.73 40.03 16.32
N VAL K 115 -25.80 39.96 15.55
CA VAL K 115 -25.80 40.57 14.26
C VAL K 115 -26.91 41.59 14.28
N THR K 116 -26.56 42.83 13.98
CA THR K 116 -27.51 43.92 13.98
C THR K 116 -27.75 44.40 12.58
N VAL K 117 -29.01 44.56 12.22
CA VAL K 117 -29.31 45.05 10.90
C VAL K 117 -30.04 46.37 11.06
N SER K 118 -29.44 47.42 10.54
CA SER K 118 -29.96 48.77 10.73
C SER K 118 -29.42 49.75 9.69
N SER K 119 -30.04 50.96 9.60
CA SER K 119 -29.65 52.07 8.72
C SER K 119 -28.59 52.97 9.40
N ILE L 2 -45.10 21.56 13.68
CA ILE L 2 -45.90 21.28 14.86
C ILE L 2 -45.85 22.57 15.70
N VAL L 3 -46.96 22.88 16.42
CA VAL L 3 -47.11 24.04 17.29
C VAL L 3 -46.85 23.66 18.74
N LEU L 4 -45.91 24.37 19.35
CA LEU L 4 -45.54 24.13 20.72
C LEU L 4 -45.93 25.34 21.57
N THR L 5 -46.71 25.11 22.60
CA THR L 5 -47.20 26.15 23.49
C THR L 5 -46.71 25.84 24.89
N GLN L 6 -45.56 26.38 25.18
CA GLN L 6 -44.75 26.14 26.36
C GLN L 6 -44.90 27.15 27.47
N ALA L 7 -45.30 28.36 27.14
CA ALA L 7 -45.36 29.36 28.20
C ALA L 7 -46.74 30.00 28.43
N PRO L 8 -47.74 29.24 28.92
CA PRO L 8 -49.08 29.71 29.26
C PRO L 8 -49.10 30.61 30.50
N PHE L 9 -48.04 30.58 31.31
CA PHE L 9 -48.00 31.38 32.52
C PHE L 9 -46.62 31.73 33.02
N SER L 10 -46.55 32.79 33.84
CA SER L 10 -45.36 33.15 34.58
C SER L 10 -45.44 32.43 35.91
N LEU L 11 -44.33 32.29 36.61
CA LEU L 11 -44.34 31.58 37.88
C LEU L 11 -43.53 32.34 38.92
N SER L 12 -44.04 32.43 40.15
CA SER L 12 -43.31 33.11 41.23
C SER L 12 -43.25 32.25 42.47
N LEU L 13 -42.03 31.89 42.85
CA LEU L 13 -41.74 30.96 43.95
C LEU L 13 -40.75 31.45 44.97
N SER L 14 -40.78 30.85 46.14
CA SER L 14 -39.76 31.13 47.13
C SER L 14 -38.68 30.04 46.99
N PRO L 15 -37.40 30.32 47.20
CA PRO L 15 -36.35 29.32 47.20
C PRO L 15 -36.71 28.25 48.22
N GLY L 16 -36.39 27.00 47.88
CA GLY L 16 -36.66 25.83 48.68
C GLY L 16 -37.96 25.12 48.29
N GLU L 17 -38.80 25.79 47.51
CA GLU L 17 -40.08 25.23 47.07
C GLU L 17 -40.03 24.27 45.89
N ARG L 18 -41.09 23.48 45.79
CA ARG L 18 -41.31 22.57 44.66
C ARG L 18 -42.34 23.15 43.71
N ALA L 19 -42.06 23.06 42.41
CA ALA L 19 -43.01 23.53 41.41
C ALA L 19 -42.83 22.85 40.07
N THR L 20 -43.89 22.90 39.27
CA THR L 20 -43.83 22.33 37.93
C THR L 20 -44.21 23.30 36.83
N LEU L 21 -43.68 23.00 35.65
CA LEU L 21 -43.94 23.67 34.38
C LEU L 21 -44.34 22.64 33.36
N SER L 22 -45.21 22.97 32.43
CA SER L 22 -45.53 21.96 31.44
C SER L 22 -45.75 22.55 30.05
N CYS L 23 -45.54 21.70 29.02
CA CYS L 23 -45.65 22.00 27.59
C CYS L 23 -46.73 21.18 26.92
N ARG L 24 -47.46 21.84 26.03
CA ARG L 24 -48.48 21.18 25.24
C ARG L 24 -48.14 21.35 23.78
N ALA L 25 -48.60 20.42 22.96
CA ALA L 25 -48.33 20.53 21.53
C ALA L 25 -49.49 20.05 20.69
N SER L 26 -49.54 20.53 19.44
CA SER L 26 -50.58 20.13 18.49
C SER L 26 -50.50 18.68 18.02
N GLN L 27 -49.29 18.10 18.02
CA GLN L 27 -49.11 16.71 17.65
C GLN L 27 -48.09 16.10 18.57
N SER L 28 -47.82 14.82 18.40
CA SER L 28 -46.88 14.14 19.27
C SER L 28 -45.46 14.54 18.99
N VAL L 29 -44.69 14.70 20.05
CA VAL L 29 -43.31 15.02 19.82
C VAL L 29 -42.55 13.72 19.68
N SER L 30 -42.58 13.22 18.44
CA SER L 30 -42.01 11.93 18.09
C SER L 30 -42.36 10.94 19.17
N SER L 31 -41.38 10.18 19.61
CA SER L 31 -41.58 9.36 20.76
C SER L 31 -40.76 9.88 21.91
N SER L 32 -41.45 10.47 22.88
CA SER L 32 -40.83 11.01 24.07
C SER L 32 -39.60 11.84 23.76
N SER L 33 -39.70 12.76 22.80
CA SER L 33 -38.55 13.54 22.36
C SER L 33 -38.65 15.05 22.49
N LEU L 34 -39.26 15.50 23.59
CA LEU L 34 -39.34 16.93 23.84
C LEU L 34 -38.34 17.25 24.94
N ALA L 35 -37.30 18.02 24.63
CA ALA L 35 -36.22 18.31 25.57
C ALA L 35 -36.50 19.57 26.38
N TRP L 36 -35.92 19.67 27.57
CA TRP L 36 -36.06 20.90 28.36
C TRP L 36 -34.77 21.65 28.52
N TYR L 37 -34.88 22.97 28.37
CA TYR L 37 -33.77 23.92 28.52
C TYR L 37 -33.99 24.97 29.58
N HIS L 38 -32.88 25.40 30.16
CA HIS L 38 -32.81 26.43 31.19
C HIS L 38 -31.88 27.56 30.79
N GLN L 39 -32.39 28.78 30.73
CA GLN L 39 -31.57 29.87 30.28
C GLN L 39 -31.40 31.02 31.27
N LYS L 40 -30.16 31.21 31.69
CA LYS L 40 -29.75 32.28 32.58
C LYS L 40 -29.57 33.50 31.68
N PRO L 41 -30.04 34.69 32.02
CA PRO L 41 -29.90 35.85 31.17
C PRO L 41 -28.44 36.07 30.79
N GLY L 42 -28.23 36.33 29.50
CA GLY L 42 -26.90 36.58 28.95
C GLY L 42 -26.17 35.30 28.56
N GLN L 43 -26.75 34.14 28.86
CA GLN L 43 -26.12 32.87 28.58
C GLN L 43 -26.78 32.06 27.48
N ALA L 44 -26.01 31.16 26.90
CA ALA L 44 -26.56 30.20 25.96
C ALA L 44 -27.47 29.28 26.78
N PRO L 45 -28.55 28.73 26.24
CA PRO L 45 -29.40 27.76 26.90
C PRO L 45 -28.64 26.52 27.33
N ARG L 46 -28.97 26.01 28.51
CA ARG L 46 -28.37 24.79 29.02
C ARG L 46 -29.39 23.66 28.96
N LEU L 47 -28.96 22.48 28.55
CA LEU L 47 -29.90 21.36 28.48
C LEU L 47 -30.08 20.72 29.84
N LEU L 48 -31.32 20.55 30.27
CA LEU L 48 -31.61 19.92 31.56
C LEU L 48 -32.05 18.49 31.39
N ILE L 49 -33.05 18.32 30.55
CA ILE L 49 -33.65 17.01 30.36
C ILE L 49 -33.45 16.59 28.93
N TYR L 50 -32.92 15.41 28.77
CA TYR L 50 -32.62 14.79 27.51
C TYR L 50 -33.76 13.86 27.11
N GLY L 51 -34.44 14.21 26.06
CA GLY L 51 -35.62 13.45 25.71
C GLY L 51 -36.66 13.85 26.71
N ALA L 52 -37.77 13.13 26.80
CA ALA L 52 -38.79 13.51 27.75
C ALA L 52 -38.34 13.43 29.20
N SER L 53 -37.47 12.45 29.54
CA SER L 53 -37.13 12.27 30.95
C SER L 53 -35.68 11.98 31.38
N SER L 54 -34.71 11.84 30.49
CA SER L 54 -33.41 11.46 31.02
C SER L 54 -32.74 12.69 31.59
N ARG L 55 -31.95 12.54 32.62
CA ARG L 55 -31.29 13.73 33.08
C ARG L 55 -30.06 13.94 32.22
N ALA L 56 -29.86 15.17 31.75
CA ALA L 56 -28.69 15.45 30.94
C ALA L 56 -27.45 15.36 31.81
N THR L 57 -26.33 14.95 31.24
CA THR L 57 -25.11 14.84 32.00
C THR L 57 -24.71 16.15 32.63
N GLY L 58 -24.39 16.11 33.94
CA GLY L 58 -23.96 17.27 34.69
C GLY L 58 -25.09 18.01 35.42
N ILE L 59 -26.32 17.58 35.19
CA ILE L 59 -27.47 18.20 35.81
C ILE L 59 -27.80 17.60 37.18
N PRO L 60 -28.02 18.45 38.22
CA PRO L 60 -28.39 18.09 39.57
C PRO L 60 -29.69 17.31 39.64
N ASP L 61 -29.80 16.51 40.68
CA ASP L 61 -30.93 15.62 40.96
C ASP L 61 -32.23 16.34 41.32
N ARG L 62 -32.17 17.65 41.49
CA ARG L 62 -33.37 18.41 41.78
C ARG L 62 -34.26 18.48 40.56
N PHE L 63 -33.69 18.19 39.38
CA PHE L 63 -34.44 18.25 38.13
C PHE L 63 -34.90 16.87 37.70
N SER L 64 -36.16 16.77 37.32
CA SER L 64 -36.71 15.54 36.80
C SER L 64 -37.90 15.87 35.94
N GLY L 65 -38.40 14.92 35.19
CA GLY L 65 -39.59 15.16 34.41
C GLY L 65 -40.01 13.93 33.64
N SER L 66 -41.19 14.02 33.05
CA SER L 66 -41.77 12.94 32.27
C SER L 66 -42.91 13.44 31.42
N GLY L 67 -43.35 12.62 30.48
CA GLY L 67 -44.49 12.97 29.66
C GLY L 67 -44.48 12.18 28.39
N SER L 68 -45.48 12.43 27.57
CA SER L 68 -45.60 11.71 26.31
C SER L 68 -46.49 12.46 25.37
N GLY L 69 -46.46 12.08 24.10
CA GLY L 69 -47.43 12.65 23.19
C GLY L 69 -47.36 14.15 23.08
N THR L 70 -48.48 14.77 23.44
CA THR L 70 -48.78 16.18 23.41
C THR L 70 -48.78 16.87 24.77
N ASP L 71 -48.34 16.20 25.84
CA ASP L 71 -48.36 16.81 27.18
C ASP L 71 -47.16 16.38 28.08
N PHE L 72 -46.21 17.31 28.31
CA PHE L 72 -44.97 17.02 29.08
C PHE L 72 -44.74 17.92 30.30
N THR L 73 -44.17 17.36 31.38
CA THR L 73 -43.90 18.14 32.60
C THR L 73 -42.47 18.09 33.15
N LEU L 74 -41.98 19.27 33.52
CA LEU L 74 -40.70 19.46 34.22
C LEU L 74 -40.97 19.78 35.68
N THR L 75 -40.30 19.07 36.57
CA THR L 75 -40.44 19.30 38.00
C THR L 75 -39.12 19.71 38.62
N ILE L 76 -39.15 20.76 39.44
CA ILE L 76 -37.96 21.14 40.16
C ILE L 76 -38.28 21.14 41.65
N SER L 77 -37.51 20.40 42.43
CA SER L 77 -37.72 20.40 43.88
C SER L 77 -36.55 21.13 44.50
N ARG L 78 -36.66 21.56 45.75
CA ARG L 78 -35.50 22.19 46.38
C ARG L 78 -34.92 23.30 45.51
N LEU L 79 -35.80 24.17 45.03
CA LEU L 79 -35.44 25.26 44.15
C LEU L 79 -34.37 26.19 44.73
N GLU L 80 -33.34 26.52 43.94
CA GLU L 80 -32.27 27.41 44.40
C GLU L 80 -32.26 28.69 43.57
N PRO L 81 -31.63 29.81 43.99
CA PRO L 81 -31.55 31.08 43.24
C PRO L 81 -31.10 30.89 41.77
N GLU L 82 -30.28 29.86 41.51
CA GLU L 82 -29.76 29.55 40.19
C GLU L 82 -30.84 29.13 39.19
N ASP L 83 -31.97 28.68 39.71
CA ASP L 83 -33.08 28.16 38.94
C ASP L 83 -34.07 29.26 38.54
N PHE L 84 -33.91 30.47 39.06
CA PHE L 84 -34.91 31.49 38.78
C PHE L 84 -34.64 32.27 37.51
N SER L 85 -34.86 31.59 36.38
CA SER L 85 -34.62 32.15 35.06
C SER L 85 -35.63 31.58 34.07
N LEU L 86 -35.30 31.59 32.76
CA LEU L 86 -36.27 31.14 31.77
C LEU L 86 -36.24 29.65 31.45
N TYR L 87 -37.41 29.10 31.17
CA TYR L 87 -37.49 27.71 30.73
C TYR L 87 -38.10 27.57 29.37
N TYR L 88 -37.59 26.62 28.60
CA TYR L 88 -38.03 26.31 27.24
C TYR L 88 -38.18 24.80 27.00
N CYS L 89 -38.99 24.43 25.98
CA CYS L 89 -39.15 23.08 25.45
C CYS L 89 -38.66 23.11 24.00
N GLN L 90 -38.01 22.02 23.57
CA GLN L 90 -37.56 21.89 22.17
C GLN L 90 -37.92 20.55 21.55
N GLN L 91 -38.60 20.59 20.41
CA GLN L 91 -39.00 19.34 19.77
C GLN L 91 -37.91 18.79 18.89
N TYR L 92 -36.87 18.30 19.52
CA TYR L 92 -35.71 17.83 18.79
C TYR L 92 -36.03 16.59 17.95
N GLY L 93 -37.05 15.81 18.34
CA GLY L 93 -37.38 14.63 17.56
C GLY L 93 -38.34 14.88 16.38
N SER L 94 -38.83 16.12 16.24
CA SER L 94 -39.80 16.50 15.19
C SER L 94 -39.10 16.95 13.92
N SER L 95 -39.84 17.11 12.83
CA SER L 95 -39.16 17.59 11.62
C SER L 95 -38.51 18.98 11.80
N PRO L 96 -39.23 20.12 12.06
CA PRO L 96 -38.63 21.37 12.48
C PRO L 96 -38.26 21.21 13.94
N LEU L 97 -37.13 21.71 14.39
CA LEU L 97 -36.81 21.53 15.79
C LEU L 97 -37.27 22.75 16.59
N THR L 98 -38.58 22.92 16.63
CA THR L 98 -39.18 24.12 17.22
C THR L 98 -38.98 24.29 18.71
N PHE L 99 -38.80 25.56 19.13
CA PHE L 99 -38.65 25.98 20.53
C PHE L 99 -39.87 26.70 21.06
N GLY L 100 -40.07 26.58 22.36
CA GLY L 100 -41.14 27.26 23.05
C GLY L 100 -40.84 28.75 23.25
N GLN L 101 -41.79 29.44 23.88
CA GLN L 101 -41.77 30.89 24.07
C GLN L 101 -40.86 31.40 25.19
N GLY L 102 -40.77 30.63 26.26
CA GLY L 102 -40.01 30.97 27.45
C GLY L 102 -40.90 31.38 28.63
N THR L 103 -40.75 30.70 29.77
CA THR L 103 -41.51 31.04 30.98
C THR L 103 -40.53 31.60 31.94
N ARG L 104 -40.92 32.62 32.69
CA ARG L 104 -40.00 33.16 33.66
C ARG L 104 -40.36 32.85 35.07
N LEU L 105 -39.35 32.40 35.81
CA LEU L 105 -39.50 32.14 37.21
C LEU L 105 -38.92 33.28 38.08
N GLU L 106 -39.79 33.90 38.88
CA GLU L 106 -39.46 35.04 39.73
C GLU L 106 -39.15 34.64 41.18
N ILE L 107 -38.33 35.45 41.86
CA ILE L 107 -37.99 35.20 43.27
C ILE L 107 -38.81 36.08 44.22
N LYS L 108 -39.54 35.45 45.18
CA LYS L 108 -40.33 36.11 46.24
C LYS L 108 -39.42 36.58 47.40
#